data_1TDP
#
_entry.id   1TDP
#
_entity_poly.entity_id   1
_entity_poly.type   'polypeptide(L)'
_entity_poly.pdbx_seq_one_letter_code
;MDIKSQTLYLNLSEAYKDPEVKANEFLSKLVVQCAGKLTASNSENSYIEVISLLSRGISSYYLSHKRIIPSSMLTIYTQI
QKDIKNGNIDTEKLRKYEIAKGLMSVPYIYF
;
_entity_poly.pdbx_strand_id   A
#
# COMPACT_ATOMS: atom_id res chain seq x y z
N MET A 1 -5.24 -12.61 5.94
CA MET A 1 -4.14 -12.54 4.94
C MET A 1 -3.05 -13.54 5.23
N ASP A 2 -2.23 -13.81 4.23
CA ASP A 2 -1.11 -14.70 4.40
C ASP A 2 0.00 -13.92 5.08
N ILE A 3 1.24 -14.38 4.95
CA ILE A 3 2.36 -13.71 5.57
C ILE A 3 2.77 -12.46 4.81
N LYS A 4 2.85 -12.60 3.49
CA LYS A 4 3.24 -11.48 2.63
C LYS A 4 2.44 -10.25 3.02
N SER A 5 1.15 -10.31 2.75
CA SER A 5 0.24 -9.23 3.06
C SER A 5 0.09 -9.02 4.57
N GLN A 6 0.57 -9.97 5.36
CA GLN A 6 0.45 -9.89 6.81
C GLN A 6 1.23 -8.75 7.42
N THR A 7 2.49 -8.62 7.06
CA THR A 7 3.32 -7.58 7.63
C THR A 7 3.04 -6.26 6.96
N LEU A 8 2.66 -6.30 5.70
CA LEU A 8 2.32 -5.08 5.00
C LEU A 8 1.01 -4.59 5.58
N TYR A 9 0.12 -5.54 5.88
CA TYR A 9 -1.15 -5.21 6.49
C TYR A 9 -0.88 -4.80 7.92
N LEU A 10 -0.26 -5.69 8.66
CA LEU A 10 0.08 -5.42 10.04
C LEU A 10 0.80 -4.08 10.14
N ASN A 11 1.65 -3.81 9.16
CA ASN A 11 2.35 -2.55 9.11
C ASN A 11 1.35 -1.43 8.92
N LEU A 12 0.30 -1.73 8.14
CA LEU A 12 -0.76 -0.76 7.89
C LEU A 12 -1.43 -0.39 9.20
N SER A 13 -1.81 -1.40 9.96
CA SER A 13 -2.45 -1.17 11.25
C SER A 13 -1.49 -0.43 12.17
N GLU A 14 -0.28 -0.94 12.24
CA GLU A 14 0.75 -0.33 13.06
C GLU A 14 0.98 1.11 12.68
N ALA A 15 0.83 1.38 11.39
CA ALA A 15 1.01 2.70 10.85
C ALA A 15 -0.18 3.58 11.10
N TYR A 16 -1.34 3.07 10.76
CA TYR A 16 -2.57 3.80 10.92
C TYR A 16 -2.62 4.43 12.31
N LYS A 17 -1.95 3.77 13.27
CA LYS A 17 -1.88 4.28 14.62
C LYS A 17 -0.78 5.35 14.73
N ASP A 18 -0.17 5.69 13.59
CA ASP A 18 0.86 6.71 13.55
C ASP A 18 0.30 8.04 14.05
N PRO A 19 0.81 8.58 15.16
CA PRO A 19 0.30 9.84 15.73
C PRO A 19 0.09 10.95 14.69
N GLU A 20 0.81 10.88 13.57
CA GLU A 20 0.64 11.87 12.52
C GLU A 20 -0.21 11.33 11.39
N VAL A 21 -0.88 10.25 11.71
CA VAL A 21 -1.81 9.59 10.83
C VAL A 21 -3.16 9.65 11.53
N LYS A 22 -3.10 9.53 12.87
CA LYS A 22 -4.27 9.65 13.71
C LYS A 22 -4.91 10.99 13.44
N ALA A 23 -4.04 11.99 13.28
CA ALA A 23 -4.48 13.34 12.99
C ALA A 23 -5.03 13.39 11.58
N ASN A 24 -4.47 12.54 10.72
CA ASN A 24 -4.89 12.46 9.34
C ASN A 24 -5.86 11.31 9.15
N GLU A 25 -7.10 11.51 9.61
CA GLU A 25 -8.12 10.48 9.50
C GLU A 25 -8.18 9.91 8.09
N PHE A 26 -7.93 10.75 7.12
CA PHE A 26 -7.94 10.33 5.73
C PHE A 26 -6.81 9.33 5.47
N LEU A 27 -5.69 9.54 6.16
CA LEU A 27 -4.54 8.68 6.03
C LEU A 27 -4.73 7.38 6.81
N SER A 28 -5.27 7.49 8.02
CA SER A 28 -5.49 6.33 8.83
C SER A 28 -6.67 5.54 8.30
N LYS A 29 -7.76 6.24 8.02
CA LYS A 29 -8.96 5.61 7.49
C LYS A 29 -8.63 4.80 6.25
N LEU A 30 -7.77 5.34 5.38
CA LEU A 30 -7.40 4.62 4.17
C LEU A 30 -6.57 3.40 4.54
N VAL A 31 -5.70 3.56 5.51
CA VAL A 31 -4.88 2.45 5.98
C VAL A 31 -5.78 1.42 6.63
N VAL A 32 -6.83 1.93 7.28
CA VAL A 32 -7.82 1.09 7.94
C VAL A 32 -8.60 0.30 6.91
N GLN A 33 -9.36 1.00 6.09
CA GLN A 33 -10.16 0.38 5.05
C GLN A 33 -9.27 -0.57 4.24
N CYS A 34 -8.11 -0.06 3.86
CA CYS A 34 -7.12 -0.84 3.12
C CYS A 34 -6.70 -2.04 3.96
N ALA A 35 -6.52 -1.80 5.27
CA ALA A 35 -6.12 -2.86 6.19
C ALA A 35 -7.07 -4.04 6.09
N GLY A 36 -8.35 -3.73 6.00
CA GLY A 36 -9.35 -4.75 5.88
C GLY A 36 -9.28 -5.44 4.53
N LYS A 37 -8.74 -4.72 3.55
CA LYS A 37 -8.61 -5.26 2.21
C LYS A 37 -7.50 -6.31 2.17
N LEU A 38 -6.59 -6.25 3.14
CA LEU A 38 -5.49 -7.20 3.23
C LEU A 38 -5.95 -8.52 3.83
N THR A 39 -6.83 -8.44 4.83
CA THR A 39 -7.34 -9.63 5.48
C THR A 39 -7.73 -10.68 4.46
N ALA A 40 -8.47 -10.22 3.48
CA ALA A 40 -8.91 -11.09 2.43
C ALA A 40 -7.82 -11.31 1.39
N SER A 41 -6.56 -11.35 1.83
CA SER A 41 -5.44 -11.55 0.91
C SER A 41 -5.68 -12.78 0.05
N ASN A 42 -6.54 -13.69 0.52
CA ASN A 42 -6.89 -14.87 -0.26
C ASN A 42 -7.24 -14.41 -1.68
N SER A 43 -7.77 -13.18 -1.75
CA SER A 43 -8.10 -12.54 -2.98
C SER A 43 -6.91 -11.69 -3.36
N GLU A 44 -5.77 -12.34 -3.51
CA GLU A 44 -4.52 -11.66 -3.83
C GLU A 44 -4.68 -10.83 -5.08
N ASN A 45 -5.58 -11.27 -5.94
CA ASN A 45 -5.85 -10.55 -7.17
C ASN A 45 -6.59 -9.27 -6.82
N SER A 46 -7.39 -9.37 -5.77
CA SER A 46 -8.17 -8.26 -5.26
C SER A 46 -7.30 -7.36 -4.41
N TYR A 47 -6.32 -7.99 -3.76
CA TYR A 47 -5.38 -7.30 -2.93
C TYR A 47 -4.31 -6.72 -3.85
N ILE A 48 -4.19 -7.36 -5.01
CA ILE A 48 -3.25 -6.96 -6.06
C ILE A 48 -3.70 -5.63 -6.62
N GLU A 49 -5.01 -5.44 -6.69
CA GLU A 49 -5.57 -4.22 -7.17
C GLU A 49 -5.30 -3.14 -6.15
N VAL A 50 -5.79 -3.35 -4.93
CA VAL A 50 -5.53 -2.41 -3.88
C VAL A 50 -4.01 -2.33 -3.69
N ILE A 51 -3.31 -3.39 -4.15
CA ILE A 51 -1.88 -3.44 -4.08
C ILE A 51 -1.30 -2.51 -5.14
N SER A 52 -1.99 -2.44 -6.28
CA SER A 52 -1.56 -1.56 -7.34
C SER A 52 -1.83 -0.11 -6.96
N LEU A 53 -2.86 0.06 -6.13
CA LEU A 53 -3.26 1.38 -5.68
C LEU A 53 -2.50 1.78 -4.41
N LEU A 54 -1.90 0.81 -3.74
CA LEU A 54 -1.18 1.07 -2.51
C LEU A 54 0.20 1.68 -2.77
N SER A 55 1.01 1.00 -3.57
CA SER A 55 2.36 1.48 -3.87
C SER A 55 2.35 2.95 -4.32
N ARG A 56 1.22 3.40 -4.85
CA ARG A 56 1.11 4.78 -5.30
C ARG A 56 0.06 5.55 -4.50
N GLY A 57 -0.87 4.82 -3.90
CA GLY A 57 -1.93 5.43 -3.12
C GLY A 57 -1.44 6.24 -1.93
N ILE A 58 -0.70 5.59 -1.04
CA ILE A 58 -0.19 6.26 0.16
C ILE A 58 0.67 7.47 -0.20
N SER A 59 1.12 7.52 -1.45
CA SER A 59 1.93 8.65 -1.92
C SER A 59 1.13 9.51 -2.91
N SER A 60 0.01 8.97 -3.38
CA SER A 60 -0.85 9.66 -4.32
C SER A 60 -1.66 10.74 -3.62
N TYR A 61 -1.74 10.65 -2.30
CA TYR A 61 -2.50 11.62 -1.50
C TYR A 61 -1.93 13.03 -1.62
N TYR A 62 -0.67 13.16 -2.06
CA TYR A 62 -0.05 14.48 -2.17
C TYR A 62 -0.86 15.41 -3.09
N LEU A 63 -0.43 15.56 -4.34
CA LEU A 63 -1.13 16.40 -5.31
C LEU A 63 -1.48 17.78 -4.70
N SER A 64 -2.76 18.16 -4.72
CA SER A 64 -3.17 19.45 -4.17
C SER A 64 -3.27 19.40 -2.64
N HIS A 65 -2.97 18.25 -2.06
CA HIS A 65 -3.02 18.09 -0.61
C HIS A 65 -1.65 17.72 -0.06
N LYS A 66 -0.73 18.67 -0.08
CA LYS A 66 0.62 18.45 0.41
C LYS A 66 0.63 18.16 1.91
N ARG A 67 1.59 17.34 2.34
CA ARG A 67 1.71 16.98 3.74
C ARG A 67 3.15 16.57 4.07
N ILE A 68 3.34 15.79 5.14
CA ILE A 68 4.67 15.34 5.53
C ILE A 68 4.92 13.89 5.16
N ILE A 69 4.32 12.98 5.96
CA ILE A 69 4.45 11.52 5.77
C ILE A 69 5.21 10.88 6.94
N PRO A 70 4.48 10.49 8.00
CA PRO A 70 5.09 9.87 9.18
C PRO A 70 5.58 8.45 8.90
N SER A 71 6.91 8.28 8.90
CA SER A 71 7.57 6.98 8.65
C SER A 71 6.61 5.90 8.14
N SER A 72 5.74 5.42 9.03
CA SER A 72 4.78 4.38 8.66
C SER A 72 3.79 4.85 7.58
N MET A 73 4.15 5.90 6.86
CA MET A 73 3.32 6.41 5.78
C MET A 73 4.16 6.54 4.53
N LEU A 74 5.09 5.61 4.39
CA LEU A 74 6.02 5.58 3.26
C LEU A 74 6.63 4.19 3.14
N THR A 75 6.83 3.53 4.27
CA THR A 75 7.41 2.19 4.29
C THR A 75 6.41 1.16 3.79
N ILE A 76 5.14 1.45 3.98
CA ILE A 76 4.10 0.54 3.55
C ILE A 76 4.06 0.50 2.03
N TYR A 77 3.81 1.65 1.40
CA TYR A 77 3.77 1.72 -0.06
C TYR A 77 5.07 1.19 -0.63
N THR A 78 6.16 1.56 0.01
CA THR A 78 7.47 1.11 -0.42
C THR A 78 7.56 -0.40 -0.26
N GLN A 79 7.15 -0.88 0.91
CA GLN A 79 7.13 -2.30 1.24
C GLN A 79 6.31 -3.02 0.19
N ILE A 80 5.25 -2.36 -0.20
CA ILE A 80 4.35 -2.85 -1.22
C ILE A 80 5.11 -3.05 -2.52
N GLN A 81 6.06 -2.14 -2.79
CA GLN A 81 6.88 -2.21 -3.99
C GLN A 81 8.02 -3.20 -3.80
N LYS A 82 8.44 -3.35 -2.55
CA LYS A 82 9.50 -4.29 -2.21
C LYS A 82 8.97 -5.69 -2.23
N ASP A 83 7.71 -5.83 -1.84
CA ASP A 83 7.06 -7.10 -1.83
C ASP A 83 6.94 -7.58 -3.25
N ILE A 84 6.64 -6.61 -4.10
CA ILE A 84 6.51 -6.82 -5.52
C ILE A 84 7.85 -7.28 -6.09
N LYS A 85 8.85 -6.40 -5.99
CA LYS A 85 10.19 -6.68 -6.50
C LYS A 85 10.83 -7.86 -5.79
N ASN A 86 10.52 -8.04 -4.52
CA ASN A 86 11.12 -9.12 -3.74
C ASN A 86 10.50 -10.48 -4.07
N GLY A 87 9.35 -10.47 -4.72
CA GLY A 87 8.69 -11.71 -5.06
C GLY A 87 7.83 -12.21 -3.92
N ASN A 88 7.20 -11.28 -3.23
CA ASN A 88 6.31 -11.60 -2.13
C ASN A 88 4.88 -11.61 -2.66
N ILE A 89 4.69 -10.81 -3.70
CA ILE A 89 3.44 -10.67 -4.36
C ILE A 89 3.52 -11.44 -5.68
N ASP A 90 2.39 -11.84 -6.23
CA ASP A 90 2.43 -12.54 -7.49
C ASP A 90 2.31 -11.50 -8.57
N THR A 91 3.37 -10.69 -8.65
CA THR A 91 3.43 -9.60 -9.59
C THR A 91 3.12 -10.06 -11.01
N GLU A 92 3.08 -11.38 -11.20
CA GLU A 92 2.74 -11.93 -12.49
C GLU A 92 1.30 -11.58 -12.77
N LYS A 93 0.50 -11.64 -11.72
CA LYS A 93 -0.89 -11.30 -11.80
C LYS A 93 -1.02 -9.80 -11.89
N LEU A 94 -0.38 -9.10 -10.95
CA LEU A 94 -0.34 -7.67 -10.98
C LEU A 94 0.13 -7.19 -12.33
N ARG A 95 0.99 -8.01 -12.94
CA ARG A 95 1.53 -7.69 -14.23
C ARG A 95 0.44 -7.71 -15.28
N LYS A 96 -0.46 -8.66 -15.15
CA LYS A 96 -1.56 -8.78 -16.11
C LYS A 96 -2.59 -7.71 -15.83
N TYR A 97 -2.89 -7.53 -14.56
CA TYR A 97 -3.85 -6.55 -14.13
C TYR A 97 -3.31 -5.13 -14.31
N GLU A 98 -2.00 -4.96 -14.15
CA GLU A 98 -1.41 -3.64 -14.31
C GLU A 98 -1.44 -3.22 -15.77
N ILE A 99 -1.35 -4.21 -16.66
CA ILE A 99 -1.41 -3.92 -18.08
C ILE A 99 -2.74 -3.30 -18.41
N ALA A 100 -3.77 -3.96 -17.95
CA ALA A 100 -5.14 -3.53 -18.17
C ALA A 100 -5.43 -2.23 -17.43
N LYS A 101 -4.50 -1.80 -16.59
CA LYS A 101 -4.67 -0.61 -15.82
C LYS A 101 -3.79 0.54 -16.29
N GLY A 102 -2.61 0.19 -16.78
CA GLY A 102 -1.66 1.21 -17.21
C GLY A 102 -1.27 2.11 -16.05
N LEU A 103 -0.87 1.47 -14.96
CA LEU A 103 -0.51 2.18 -13.74
C LEU A 103 0.93 2.73 -13.74
N MET A 104 1.42 3.02 -12.54
CA MET A 104 2.74 3.58 -12.32
C MET A 104 3.74 2.50 -11.90
N SER A 105 4.88 2.95 -11.41
CA SER A 105 5.91 2.05 -10.94
C SER A 105 6.92 2.78 -10.06
N VAL A 106 6.46 3.90 -9.51
CA VAL A 106 7.23 4.74 -8.60
C VAL A 106 8.70 4.34 -8.49
N PRO A 107 9.58 4.85 -9.37
CA PRO A 107 11.00 4.53 -9.32
C PRO A 107 11.78 5.52 -8.49
N TYR A 108 11.08 6.25 -7.66
CA TYR A 108 11.68 7.22 -6.76
C TYR A 108 11.60 6.77 -5.31
N ILE A 109 11.39 5.47 -5.10
CA ILE A 109 11.27 4.91 -3.76
C ILE A 109 12.26 5.53 -2.78
N TYR A 110 11.73 6.11 -1.71
CA TYR A 110 12.54 6.75 -0.70
C TYR A 110 12.76 5.82 0.49
N PHE A 111 12.77 4.52 0.21
CA PHE A 111 12.97 3.48 1.22
C PHE A 111 12.44 3.91 2.59
N MET A 1 -5.06 -12.73 6.44
CA MET A 1 -4.08 -12.23 5.43
C MET A 1 -2.78 -13.00 5.48
N ASP A 2 -2.24 -13.34 4.31
CA ASP A 2 -0.98 -14.07 4.24
C ASP A 2 0.08 -13.33 5.05
N ILE A 3 1.25 -13.93 5.20
CA ILE A 3 2.32 -13.32 5.98
C ILE A 3 2.88 -12.09 5.30
N LYS A 4 3.38 -12.27 4.09
CA LYS A 4 3.93 -11.17 3.33
C LYS A 4 2.99 -9.96 3.40
N SER A 5 1.71 -10.26 3.38
CA SER A 5 0.67 -9.25 3.45
C SER A 5 0.39 -8.86 4.89
N GLN A 6 0.53 -9.83 5.78
CA GLN A 6 0.26 -9.65 7.20
C GLN A 6 1.08 -8.56 7.83
N THR A 7 2.34 -8.47 7.51
CA THR A 7 3.17 -7.46 8.11
C THR A 7 2.98 -6.13 7.42
N LEU A 8 2.85 -6.14 6.10
CA LEU A 8 2.60 -4.91 5.40
C LEU A 8 1.20 -4.44 5.79
N TYR A 9 0.31 -5.41 6.03
CA TYR A 9 -1.03 -5.10 6.50
C TYR A 9 -0.93 -4.62 7.94
N LEU A 10 -0.47 -5.50 8.81
CA LEU A 10 -0.31 -5.16 10.21
C LEU A 10 0.45 -3.85 10.34
N ASN A 11 1.39 -3.64 9.43
CA ASN A 11 2.16 -2.42 9.42
C ASN A 11 1.21 -1.26 9.12
N LEU A 12 0.25 -1.54 8.25
CA LEU A 12 -0.76 -0.55 7.88
C LEU A 12 -1.51 -0.12 9.12
N SER A 13 -1.97 -1.09 9.89
CA SER A 13 -2.70 -0.82 11.11
C SER A 13 -1.80 -0.10 12.10
N GLU A 14 -0.56 -0.54 12.18
CA GLU A 14 0.41 0.05 13.08
C GLU A 14 0.74 1.47 12.66
N ALA A 15 0.72 1.70 11.36
CA ALA A 15 0.98 3.03 10.80
C ALA A 15 -0.22 3.91 10.96
N TYR A 16 -1.36 3.33 10.64
CA TYR A 16 -2.61 4.02 10.73
C TYR A 16 -2.74 4.61 12.14
N LYS A 17 -2.08 3.96 13.09
CA LYS A 17 -2.08 4.43 14.45
C LYS A 17 -0.95 5.45 14.65
N ASP A 18 -0.33 5.86 13.53
CA ASP A 18 0.74 6.84 13.58
C ASP A 18 0.16 8.19 14.01
N PRO A 19 0.70 8.77 15.09
CA PRO A 19 0.21 10.05 15.64
C PRO A 19 -0.03 11.14 14.61
N GLU A 20 0.70 11.11 13.49
CA GLU A 20 0.50 12.12 12.45
C GLU A 20 -0.31 11.56 11.32
N VAL A 21 -0.95 10.45 11.62
CA VAL A 21 -1.87 9.78 10.73
C VAL A 21 -3.21 9.79 11.43
N LYS A 22 -3.17 9.71 12.77
CA LYS A 22 -4.35 9.79 13.59
C LYS A 22 -5.03 11.10 13.30
N ALA A 23 -4.21 12.13 13.19
CA ALA A 23 -4.69 13.47 12.89
C ALA A 23 -5.19 13.52 11.46
N ASN A 24 -4.63 12.64 10.64
CA ASN A 24 -4.99 12.55 9.25
C ASN A 24 -6.00 11.44 9.03
N GLU A 25 -7.26 11.70 9.40
CA GLU A 25 -8.32 10.71 9.26
C GLU A 25 -8.27 10.04 7.89
N PHE A 26 -7.98 10.83 6.88
CA PHE A 26 -7.89 10.32 5.52
C PHE A 26 -6.81 9.24 5.42
N LEU A 27 -5.57 9.61 5.69
CA LEU A 27 -4.45 8.69 5.64
C LEU A 27 -4.74 7.43 6.46
N SER A 28 -5.20 7.60 7.69
CA SER A 28 -5.49 6.48 8.54
C SER A 28 -6.66 5.69 8.00
N LYS A 29 -7.76 6.38 7.74
CA LYS A 29 -8.97 5.74 7.20
C LYS A 29 -8.62 4.89 5.98
N LEU A 30 -7.81 5.44 5.08
CA LEU A 30 -7.40 4.70 3.89
C LEU A 30 -6.63 3.46 4.30
N VAL A 31 -5.65 3.66 5.18
CA VAL A 31 -4.85 2.56 5.68
C VAL A 31 -5.76 1.53 6.35
N VAL A 32 -6.81 2.04 6.98
CA VAL A 32 -7.80 1.21 7.65
C VAL A 32 -8.59 0.40 6.63
N GLN A 33 -9.37 1.09 5.82
CA GLN A 33 -10.16 0.45 4.77
C GLN A 33 -9.27 -0.48 3.98
N CYS A 34 -8.13 0.04 3.56
CA CYS A 34 -7.15 -0.73 2.82
C CYS A 34 -6.76 -1.95 3.63
N ALA A 35 -6.56 -1.74 4.94
CA ALA A 35 -6.20 -2.83 5.84
C ALA A 35 -7.23 -3.94 5.79
N GLY A 36 -8.47 -3.56 5.56
CA GLY A 36 -9.54 -4.54 5.48
C GLY A 36 -9.50 -5.32 4.18
N LYS A 37 -8.92 -4.70 3.15
CA LYS A 37 -8.80 -5.36 1.86
C LYS A 37 -7.64 -6.35 1.88
N LEU A 38 -6.74 -6.19 2.84
CA LEU A 38 -5.59 -7.06 2.97
C LEU A 38 -5.89 -8.25 3.87
N THR A 39 -6.84 -8.09 4.78
CA THR A 39 -7.20 -9.19 5.68
C THR A 39 -7.42 -10.46 4.86
N ALA A 40 -7.87 -10.27 3.63
CA ALA A 40 -8.09 -11.36 2.71
C ALA A 40 -6.96 -11.45 1.70
N SER A 41 -5.73 -11.23 2.16
CA SER A 41 -4.58 -11.28 1.26
C SER A 41 -4.60 -12.57 0.45
N ASN A 42 -5.29 -13.58 0.96
CA ASN A 42 -5.41 -14.86 0.26
C ASN A 42 -5.84 -14.59 -1.19
N SER A 43 -6.55 -13.48 -1.38
CA SER A 43 -6.99 -13.06 -2.68
C SER A 43 -5.95 -12.10 -3.21
N GLU A 44 -4.76 -12.62 -3.50
CA GLU A 44 -3.67 -11.80 -3.98
C GLU A 44 -4.08 -11.06 -5.23
N ASN A 45 -5.06 -11.60 -5.92
CA ASN A 45 -5.57 -10.96 -7.13
C ASN A 45 -6.31 -9.69 -6.75
N SER A 46 -7.05 -9.81 -5.66
CA SER A 46 -7.81 -8.69 -5.13
C SER A 46 -6.89 -7.78 -4.32
N TYR A 47 -5.87 -8.39 -3.76
CA TYR A 47 -4.88 -7.70 -3.00
C TYR A 47 -3.88 -7.10 -3.96
N ILE A 48 -3.89 -7.64 -5.20
CA ILE A 48 -3.06 -7.17 -6.29
C ILE A 48 -3.59 -5.82 -6.73
N GLU A 49 -4.91 -5.69 -6.73
CA GLU A 49 -5.52 -4.45 -7.09
C GLU A 49 -5.19 -3.44 -6.04
N VAL A 50 -5.60 -3.72 -4.81
CA VAL A 50 -5.27 -2.82 -3.74
C VAL A 50 -3.74 -2.72 -3.66
N ILE A 51 -3.06 -3.74 -4.19
CA ILE A 51 -1.60 -3.74 -4.22
C ILE A 51 -1.12 -2.77 -5.29
N SER A 52 -1.87 -2.68 -6.39
CA SER A 52 -1.53 -1.76 -7.44
C SER A 52 -1.84 -0.35 -6.99
N LEU A 53 -2.93 -0.24 -6.24
CA LEU A 53 -3.38 1.03 -5.72
C LEU A 53 -2.61 1.42 -4.47
N LEU A 54 -1.92 0.46 -3.86
CA LEU A 54 -1.15 0.75 -2.66
C LEU A 54 0.14 1.46 -2.99
N SER A 55 0.84 0.98 -4.02
CA SER A 55 2.08 1.62 -4.45
C SER A 55 1.78 2.86 -5.27
N ARG A 56 0.87 3.69 -4.74
CA ARG A 56 0.47 4.93 -5.39
C ARG A 56 -0.73 5.52 -4.64
N GLY A 57 -1.70 4.66 -4.34
CA GLY A 57 -2.90 5.08 -3.62
C GLY A 57 -2.58 5.61 -2.25
N ILE A 58 -1.58 5.02 -1.61
CA ILE A 58 -1.18 5.42 -0.28
C ILE A 58 -1.12 6.94 -0.13
N SER A 59 -0.80 7.63 -1.22
CA SER A 59 -0.70 9.08 -1.19
C SER A 59 -1.47 9.71 -2.36
N SER A 60 -1.58 8.97 -3.46
CA SER A 60 -2.27 9.46 -4.64
C SER A 60 -3.76 9.69 -4.37
N TYR A 61 -4.32 8.92 -3.44
CA TYR A 61 -5.73 9.06 -3.10
C TYR A 61 -6.07 10.49 -2.73
N TYR A 62 -5.09 11.21 -2.18
CA TYR A 62 -5.29 12.61 -1.79
C TYR A 62 -4.05 13.16 -1.09
N LEU A 63 -2.97 13.30 -1.85
CA LEU A 63 -1.72 13.82 -1.30
C LEU A 63 -1.86 15.30 -0.93
N SER A 64 -0.83 15.84 -0.29
CA SER A 64 -0.83 17.24 0.12
C SER A 64 0.14 18.06 -0.73
N HIS A 65 -0.09 18.09 -2.04
CA HIS A 65 0.76 18.83 -2.96
C HIS A 65 2.15 18.20 -3.04
N LYS A 66 2.92 18.31 -1.96
CA LYS A 66 4.27 17.74 -1.93
C LYS A 66 4.85 17.76 -0.52
N ARG A 67 3.98 17.64 0.49
CA ARG A 67 4.42 17.65 1.88
C ARG A 67 5.04 16.29 2.25
N ILE A 68 5.35 16.12 3.52
CA ILE A 68 5.95 14.87 4.00
C ILE A 68 4.99 14.09 4.88
N ILE A 69 5.26 12.81 5.05
CA ILE A 69 4.43 11.93 5.88
C ILE A 69 5.17 11.53 7.14
N PRO A 70 4.49 10.86 8.09
CA PRO A 70 5.09 10.45 9.35
C PRO A 70 5.84 9.11 9.27
N SER A 71 6.62 8.94 8.20
CA SER A 71 7.41 7.72 8.01
C SER A 71 6.53 6.49 7.77
N SER A 72 5.53 6.28 8.64
CA SER A 72 4.64 5.13 8.52
C SER A 72 3.81 5.16 7.22
N MET A 73 4.25 5.93 6.24
CA MET A 73 3.57 6.02 4.96
C MET A 73 4.58 5.83 3.84
N LEU A 74 5.72 5.25 4.20
CA LEU A 74 6.80 4.99 3.25
C LEU A 74 7.39 3.61 3.50
N THR A 75 7.38 3.18 4.75
CA THR A 75 7.90 1.86 5.10
C THR A 75 6.97 0.78 4.59
N ILE A 76 5.70 1.13 4.47
CA ILE A 76 4.71 0.20 3.95
C ILE A 76 4.80 0.16 2.44
N TYR A 77 4.64 1.33 1.82
CA TYR A 77 4.74 1.46 0.38
C TYR A 77 6.02 0.79 -0.11
N THR A 78 7.06 0.93 0.69
CA THR A 78 8.36 0.35 0.38
C THR A 78 8.29 -1.17 0.48
N GLN A 79 7.49 -1.63 1.44
CA GLN A 79 7.29 -3.04 1.67
C GLN A 79 6.46 -3.62 0.55
N ILE A 80 5.48 -2.83 0.14
CA ILE A 80 4.59 -3.20 -0.94
C ILE A 80 5.40 -3.62 -2.18
N GLN A 81 6.29 -2.73 -2.61
CA GLN A 81 7.14 -3.01 -3.76
C GLN A 81 8.10 -4.15 -3.45
N LYS A 82 8.47 -4.24 -2.18
CA LYS A 82 9.38 -5.28 -1.71
C LYS A 82 8.77 -6.65 -1.83
N ASP A 83 7.47 -6.74 -1.64
CA ASP A 83 6.79 -8.01 -1.74
C ASP A 83 6.82 -8.45 -3.18
N ILE A 84 6.62 -7.46 -4.05
CA ILE A 84 6.66 -7.68 -5.48
C ILE A 84 7.96 -8.34 -5.88
N LYS A 85 9.05 -7.67 -5.55
CA LYS A 85 10.38 -8.15 -5.88
C LYS A 85 10.81 -9.29 -4.99
N ASN A 86 10.33 -9.26 -3.76
CA ASN A 86 10.71 -10.32 -2.82
C ASN A 86 10.08 -11.66 -3.19
N GLY A 87 9.13 -11.64 -4.12
CA GLY A 87 8.47 -12.87 -4.51
C GLY A 87 7.33 -13.19 -3.57
N ASN A 88 6.69 -12.13 -3.08
CA ASN A 88 5.56 -12.25 -2.19
C ASN A 88 4.30 -12.05 -2.97
N ILE A 89 4.46 -11.38 -4.09
CA ILE A 89 3.38 -11.06 -4.96
C ILE A 89 3.71 -11.50 -6.37
N ASP A 90 2.73 -11.53 -7.25
CA ASP A 90 3.00 -11.91 -8.61
C ASP A 90 2.78 -10.72 -9.50
N THR A 91 3.80 -9.87 -9.52
CA THR A 91 3.76 -8.65 -10.30
C THR A 91 3.38 -8.91 -11.74
N GLU A 92 3.46 -10.17 -12.17
CA GLU A 92 3.07 -10.54 -13.52
C GLU A 92 1.56 -10.38 -13.63
N LYS A 93 0.88 -10.68 -12.54
CA LYS A 93 -0.56 -10.56 -12.48
C LYS A 93 -0.93 -9.09 -12.30
N LEU A 94 -0.13 -8.42 -11.49
CA LEU A 94 -0.28 -7.01 -11.26
C LEU A 94 -0.05 -6.24 -12.54
N ARG A 95 0.96 -6.70 -13.27
CA ARG A 95 1.35 -6.09 -14.51
C ARG A 95 0.24 -6.21 -15.54
N LYS A 96 -0.47 -7.33 -15.49
CA LYS A 96 -1.57 -7.57 -16.42
C LYS A 96 -2.76 -6.73 -16.01
N TYR A 97 -3.14 -6.85 -14.75
CA TYR A 97 -4.24 -6.09 -14.22
C TYR A 97 -3.91 -4.61 -14.30
N GLU A 98 -2.62 -4.27 -14.15
CA GLU A 98 -2.17 -2.88 -14.24
C GLU A 98 -2.41 -2.37 -15.65
N ILE A 99 -2.31 -3.29 -16.61
CA ILE A 99 -2.53 -2.94 -18.01
C ILE A 99 -3.92 -2.36 -18.17
N ALA A 100 -4.87 -3.11 -17.66
CA ALA A 100 -6.28 -2.72 -17.72
C ALA A 100 -6.58 -1.52 -16.83
N LYS A 101 -5.59 -1.08 -16.08
CA LYS A 101 -5.77 0.03 -15.18
C LYS A 101 -5.04 1.28 -15.68
N GLY A 102 -3.78 1.08 -16.08
CA GLY A 102 -2.97 2.18 -16.55
C GLY A 102 -2.30 2.94 -15.42
N LEU A 103 -2.03 2.23 -14.33
CA LEU A 103 -1.39 2.84 -13.15
C LEU A 103 0.05 2.37 -12.98
N MET A 104 0.73 2.19 -14.10
CA MET A 104 2.13 1.75 -14.06
C MET A 104 3.08 2.94 -13.92
N SER A 105 3.06 3.57 -12.74
CA SER A 105 3.92 4.71 -12.47
C SER A 105 4.00 4.98 -10.97
N VAL A 106 4.94 5.84 -10.57
CA VAL A 106 5.10 6.18 -9.16
C VAL A 106 5.49 7.63 -8.97
N PRO A 107 4.78 8.35 -8.09
CA PRO A 107 5.08 9.75 -7.76
C PRO A 107 6.46 9.85 -7.13
N TYR A 108 6.61 10.67 -6.11
CA TYR A 108 7.89 10.81 -5.45
C TYR A 108 8.17 9.57 -4.61
N ILE A 109 9.28 9.58 -3.88
CA ILE A 109 9.66 8.47 -3.00
C ILE A 109 11.18 8.44 -2.81
N TYR A 110 11.61 8.79 -1.61
CA TYR A 110 13.03 8.80 -1.27
C TYR A 110 13.44 7.44 -0.72
N PHE A 111 13.76 6.51 -1.63
CA PHE A 111 14.15 5.16 -1.24
C PHE A 111 15.11 5.17 -0.05
N MET A 1 -3.63 -13.44 5.59
CA MET A 1 -2.94 -12.67 4.52
C MET A 1 -1.56 -13.18 4.25
N ASP A 2 -1.25 -14.38 4.71
CA ASP A 2 0.09 -14.89 4.53
C ASP A 2 1.06 -13.89 5.16
N ILE A 3 2.35 -14.07 4.95
CA ILE A 3 3.34 -13.17 5.53
C ILE A 3 3.46 -11.85 4.79
N LYS A 4 3.53 -11.93 3.48
CA LYS A 4 3.67 -10.73 2.64
C LYS A 4 2.70 -9.66 3.08
N SER A 5 1.42 -10.01 3.05
CA SER A 5 0.36 -9.10 3.44
C SER A 5 0.13 -9.11 4.95
N GLN A 6 0.90 -9.89 5.69
CA GLN A 6 0.73 -9.96 7.14
C GLN A 6 1.34 -8.79 7.87
N THR A 7 2.64 -8.65 7.74
CA THR A 7 3.32 -7.59 8.43
C THR A 7 2.99 -6.27 7.78
N LEU A 8 2.79 -6.27 6.47
CA LEU A 8 2.43 -5.06 5.79
C LEU A 8 1.02 -4.68 6.23
N TYR A 9 0.18 -5.70 6.44
CA TYR A 9 -1.17 -5.46 6.93
C TYR A 9 -1.10 -5.04 8.38
N LEU A 10 -0.53 -5.91 9.20
CA LEU A 10 -0.37 -5.63 10.61
C LEU A 10 0.28 -4.26 10.77
N ASN A 11 1.14 -3.92 9.82
CA ASN A 11 1.81 -2.63 9.81
C ASN A 11 0.80 -1.53 9.52
N LEU A 12 -0.25 -1.89 8.77
CA LEU A 12 -1.29 -0.93 8.42
C LEU A 12 -1.98 -0.43 9.67
N SER A 13 -2.28 -1.33 10.58
CA SER A 13 -2.91 -0.97 11.84
C SER A 13 -1.91 -0.23 12.71
N GLU A 14 -0.73 -0.82 12.84
CA GLU A 14 0.33 -0.22 13.63
C GLU A 14 0.72 1.12 13.05
N ALA A 15 0.57 1.25 11.73
CA ALA A 15 0.88 2.50 11.07
C ALA A 15 -0.23 3.46 11.27
N TYR A 16 -1.42 3.02 10.89
CA TYR A 16 -2.62 3.82 11.01
C TYR A 16 -2.63 4.59 12.33
N LYS A 17 -1.95 4.04 13.33
CA LYS A 17 -1.84 4.72 14.61
C LYS A 17 -0.78 5.83 14.51
N ASP A 18 -0.17 5.97 13.32
CA ASP A 18 0.84 6.99 13.07
C ASP A 18 0.26 8.37 13.38
N PRO A 19 0.70 9.01 14.48
CA PRO A 19 0.21 10.32 14.92
C PRO A 19 0.01 11.35 13.81
N GLU A 20 0.81 11.31 12.74
CA GLU A 20 0.65 12.28 11.67
C GLU A 20 -0.20 11.75 10.54
N VAL A 21 -0.89 10.68 10.85
CA VAL A 21 -1.84 10.06 9.94
C VAL A 21 -3.19 10.11 10.64
N LYS A 22 -3.15 10.11 11.98
CA LYS A 22 -4.32 10.23 12.81
C LYS A 22 -4.98 11.55 12.48
N ALA A 23 -4.11 12.55 12.29
CA ALA A 23 -4.57 13.88 11.94
C ALA A 23 -5.19 13.85 10.55
N ASN A 24 -4.82 12.84 9.78
CA ASN A 24 -5.32 12.68 8.44
C ASN A 24 -6.40 11.60 8.40
N GLU A 25 -7.65 12.06 8.43
CA GLU A 25 -8.80 11.17 8.41
C GLU A 25 -8.74 10.18 7.26
N PHE A 26 -8.36 10.67 6.09
CA PHE A 26 -8.28 9.84 4.90
C PHE A 26 -7.11 8.86 4.97
N LEU A 27 -5.93 9.37 5.24
CA LEU A 27 -4.72 8.56 5.33
C LEU A 27 -4.92 7.34 6.21
N SER A 28 -5.24 7.56 7.48
CA SER A 28 -5.43 6.46 8.40
C SER A 28 -6.57 5.56 7.95
N LYS A 29 -7.70 6.18 7.62
CA LYS A 29 -8.86 5.42 7.15
C LYS A 29 -8.49 4.51 5.99
N LEU A 30 -7.60 4.99 5.12
CA LEU A 30 -7.14 4.19 4.00
C LEU A 30 -6.29 3.04 4.50
N VAL A 31 -5.42 3.36 5.44
CA VAL A 31 -4.56 2.34 6.05
C VAL A 31 -5.43 1.33 6.76
N VAL A 32 -6.54 1.82 7.30
CA VAL A 32 -7.51 1.01 8.00
C VAL A 32 -8.27 0.12 7.02
N GLN A 33 -9.05 0.76 6.17
CA GLN A 33 -9.83 0.05 5.16
C GLN A 33 -8.93 -0.91 4.41
N CYS A 34 -7.74 -0.44 4.07
CA CYS A 34 -6.76 -1.25 3.37
C CYS A 34 -6.39 -2.45 4.23
N ALA A 35 -6.33 -2.21 5.54
CA ALA A 35 -6.00 -3.26 6.50
C ALA A 35 -6.98 -4.43 6.37
N GLY A 36 -8.21 -4.10 6.00
CA GLY A 36 -9.23 -5.12 5.83
C GLY A 36 -9.10 -5.84 4.51
N LYS A 37 -8.63 -5.11 3.50
CA LYS A 37 -8.45 -5.68 2.17
C LYS A 37 -7.23 -6.60 2.14
N LEU A 38 -6.42 -6.53 3.20
CA LEU A 38 -5.21 -7.36 3.29
C LEU A 38 -5.53 -8.69 3.97
N THR A 39 -6.42 -8.65 4.96
CA THR A 39 -6.78 -9.85 5.69
C THR A 39 -7.06 -11.01 4.73
N ALA A 40 -7.55 -10.67 3.56
CA ALA A 40 -7.85 -11.68 2.55
C ALA A 40 -6.77 -11.72 1.47
N SER A 41 -5.51 -11.52 1.87
CA SER A 41 -4.41 -11.55 0.92
C SER A 41 -4.48 -12.82 0.07
N ASN A 42 -5.13 -13.86 0.61
CA ASN A 42 -5.31 -15.10 -0.13
C ASN A 42 -5.78 -14.77 -1.53
N SER A 43 -6.54 -13.68 -1.61
CA SER A 43 -7.03 -13.15 -2.85
C SER A 43 -6.08 -12.05 -3.27
N GLU A 44 -4.82 -12.43 -3.49
CA GLU A 44 -3.79 -11.47 -3.85
C GLU A 44 -4.19 -10.69 -5.09
N ASN A 45 -5.09 -11.27 -5.86
CA ASN A 45 -5.59 -10.60 -7.05
C ASN A 45 -6.38 -9.39 -6.62
N SER A 46 -7.06 -9.54 -5.50
CA SER A 46 -7.86 -8.49 -4.91
C SER A 46 -6.96 -7.53 -4.15
N TYR A 47 -5.88 -8.08 -3.62
CA TYR A 47 -4.90 -7.33 -2.89
C TYR A 47 -3.96 -6.70 -3.91
N ILE A 48 -3.99 -7.29 -5.12
CA ILE A 48 -3.21 -6.83 -6.27
C ILE A 48 -3.76 -5.51 -6.74
N GLU A 49 -5.08 -5.41 -6.71
CA GLU A 49 -5.75 -4.20 -7.11
C GLU A 49 -5.48 -3.16 -6.05
N VAL A 50 -5.86 -3.47 -4.81
CA VAL A 50 -5.59 -2.56 -3.73
C VAL A 50 -4.08 -2.35 -3.66
N ILE A 51 -3.34 -3.31 -4.22
CA ILE A 51 -1.89 -3.24 -4.28
C ILE A 51 -1.50 -2.16 -5.27
N SER A 52 -2.27 -2.05 -6.35
CA SER A 52 -2.03 -1.06 -7.36
C SER A 52 -2.41 0.32 -6.84
N LEU A 53 -3.41 0.34 -5.98
CA LEU A 53 -3.89 1.57 -5.39
C LEU A 53 -3.06 1.95 -4.18
N LEU A 54 -2.32 0.98 -3.64
CA LEU A 54 -1.49 1.23 -2.47
C LEU A 54 -0.29 2.10 -2.82
N SER A 55 0.51 1.66 -3.79
CA SER A 55 1.68 2.43 -4.20
C SER A 55 1.29 3.88 -4.51
N ARG A 56 0.20 4.03 -5.26
CA ARG A 56 -0.29 5.35 -5.62
C ARG A 56 -0.99 6.01 -4.43
N GLY A 57 -1.73 5.20 -3.68
CA GLY A 57 -2.43 5.69 -2.50
C GLY A 57 -1.52 6.48 -1.59
N ILE A 58 -0.37 5.89 -1.28
CA ILE A 58 0.62 6.50 -0.41
C ILE A 58 1.11 7.84 -0.98
N SER A 59 1.74 7.78 -2.15
CA SER A 59 2.26 8.98 -2.79
C SER A 59 1.13 9.93 -3.20
N SER A 60 -0.10 9.44 -3.21
CA SER A 60 -1.24 10.25 -3.58
C SER A 60 -1.45 11.38 -2.58
N TYR A 61 -1.73 11.02 -1.33
CA TYR A 61 -1.95 12.00 -0.27
C TYR A 61 -0.91 13.12 -0.30
N TYR A 62 0.28 12.81 -0.80
CA TYR A 62 1.36 13.79 -0.86
C TYR A 62 0.95 15.06 -1.62
N LEU A 63 -0.19 15.01 -2.32
CA LEU A 63 -0.68 16.16 -3.09
C LEU A 63 -0.50 17.48 -2.31
N SER A 64 -1.38 17.72 -1.35
CA SER A 64 -1.32 18.93 -0.54
C SER A 64 -0.90 18.62 0.89
N HIS A 65 0.21 17.92 1.05
CA HIS A 65 0.71 17.57 2.38
C HIS A 65 0.99 18.83 3.20
N LYS A 66 1.69 19.78 2.59
CA LYS A 66 2.02 21.05 3.23
C LYS A 66 2.74 20.82 4.57
N ARG A 67 3.75 19.94 4.56
CA ARG A 67 4.51 19.66 5.76
C ARG A 67 5.47 18.48 5.55
N ILE A 68 4.96 17.26 5.68
CA ILE A 68 5.78 16.07 5.50
C ILE A 68 4.95 14.80 5.66
N ILE A 69 5.62 13.66 5.58
CA ILE A 69 4.96 12.37 5.71
C ILE A 69 5.59 11.54 6.83
N PRO A 70 4.77 10.79 7.62
CA PRO A 70 5.29 9.98 8.71
C PRO A 70 5.87 8.66 8.23
N SER A 71 6.93 8.19 8.91
CA SER A 71 7.59 6.94 8.56
C SER A 71 6.55 5.86 8.21
N SER A 72 5.43 5.87 8.91
CA SER A 72 4.36 4.91 8.67
C SER A 72 3.75 5.05 7.27
N MET A 73 4.47 5.70 6.37
CA MET A 73 4.01 5.87 4.99
C MET A 73 5.09 5.41 4.02
N LEU A 74 6.25 5.03 4.59
CA LEU A 74 7.39 4.56 3.82
C LEU A 74 7.57 3.07 4.02
N THR A 75 7.13 2.57 5.15
CA THR A 75 7.24 1.15 5.45
C THR A 75 6.23 0.37 4.64
N ILE A 76 5.03 0.92 4.51
CA ILE A 76 3.97 0.27 3.75
C ILE A 76 4.25 0.34 2.25
N TYR A 77 4.32 1.56 1.74
CA TYR A 77 4.58 1.78 0.31
C TYR A 77 5.83 1.03 -0.12
N THR A 78 6.77 0.90 0.79
CA THR A 78 8.01 0.22 0.49
C THR A 78 7.86 -1.29 0.66
N GLN A 79 6.93 -1.68 1.51
CA GLN A 79 6.68 -3.09 1.76
C GLN A 79 6.18 -3.80 0.50
N ILE A 80 5.26 -3.17 -0.23
CA ILE A 80 4.73 -3.78 -1.42
C ILE A 80 5.80 -3.98 -2.46
N GLN A 81 6.69 -3.01 -2.57
CA GLN A 81 7.73 -3.13 -3.55
C GLN A 81 8.66 -4.27 -3.17
N LYS A 82 8.70 -4.58 -1.88
CA LYS A 82 9.53 -5.65 -1.37
C LYS A 82 8.90 -6.99 -1.66
N ASP A 83 7.61 -7.08 -1.41
CA ASP A 83 6.89 -8.30 -1.67
C ASP A 83 6.77 -8.45 -3.17
N ILE A 84 6.54 -7.30 -3.80
CA ILE A 84 6.42 -7.23 -5.22
C ILE A 84 7.74 -7.65 -5.88
N LYS A 85 8.83 -6.98 -5.50
CA LYS A 85 10.15 -7.29 -6.05
C LYS A 85 10.65 -8.63 -5.57
N ASN A 86 10.28 -8.99 -4.35
CA ASN A 86 10.74 -10.25 -3.78
C ASN A 86 10.01 -11.45 -4.39
N GLY A 87 8.94 -11.18 -5.12
CA GLY A 87 8.19 -12.26 -5.72
C GLY A 87 7.28 -12.92 -4.71
N ASN A 88 6.69 -12.09 -3.84
CA ASN A 88 5.78 -12.56 -2.83
C ASN A 88 4.36 -12.31 -3.31
N ILE A 89 4.26 -11.31 -4.19
CA ILE A 89 3.03 -10.93 -4.78
C ILE A 89 3.03 -11.37 -6.23
N ASP A 90 1.92 -11.92 -6.69
CA ASP A 90 1.86 -12.37 -8.06
C ASP A 90 1.80 -11.15 -8.94
N THR A 91 2.92 -10.44 -8.98
CA THR A 91 3.03 -9.23 -9.76
C THR A 91 2.69 -9.47 -11.20
N GLU A 92 2.62 -10.72 -11.62
CA GLU A 92 2.25 -11.00 -12.98
C GLU A 92 0.79 -10.65 -13.15
N LYS A 93 0.06 -10.79 -12.05
CA LYS A 93 -1.35 -10.48 -12.04
C LYS A 93 -1.58 -9.01 -11.77
N LEU A 94 -0.69 -8.42 -10.99
CA LEU A 94 -0.80 -7.02 -10.67
C LEU A 94 -0.17 -6.18 -11.77
N ARG A 95 0.85 -6.73 -12.41
CA ARG A 95 1.50 -6.05 -13.50
C ARG A 95 0.67 -6.14 -14.75
N LYS A 96 0.05 -7.29 -14.96
CA LYS A 96 -0.79 -7.48 -16.13
C LYS A 96 -2.08 -6.72 -15.92
N TYR A 97 -2.41 -6.51 -14.66
CA TYR A 97 -3.61 -5.80 -14.27
C TYR A 97 -3.42 -4.30 -14.48
N GLU A 98 -2.25 -3.80 -14.08
CA GLU A 98 -1.94 -2.38 -14.23
C GLU A 98 -1.92 -2.01 -15.70
N ILE A 99 -1.57 -2.99 -16.54
CA ILE A 99 -1.53 -2.76 -17.97
C ILE A 99 -2.92 -2.49 -18.48
N ALA A 100 -3.81 -3.39 -18.10
CA ALA A 100 -5.22 -3.29 -18.47
C ALA A 100 -5.86 -2.06 -17.86
N LYS A 101 -5.16 -1.44 -16.93
CA LYS A 101 -5.64 -0.26 -16.27
C LYS A 101 -5.02 0.98 -16.88
N GLY A 102 -3.73 0.87 -17.19
CA GLY A 102 -2.99 1.98 -17.77
C GLY A 102 -2.33 2.85 -16.73
N LEU A 103 -2.17 2.30 -15.52
CA LEU A 103 -1.53 3.03 -14.43
C LEU A 103 -0.15 2.45 -14.10
N MET A 104 0.54 1.97 -15.12
CA MET A 104 1.85 1.38 -14.93
C MET A 104 2.91 2.45 -14.72
N SER A 105 2.98 2.96 -13.50
CA SER A 105 3.96 4.00 -13.15
C SER A 105 4.16 4.04 -11.64
N VAL A 106 5.22 4.72 -11.20
CA VAL A 106 5.50 4.83 -9.78
C VAL A 106 5.94 6.23 -9.39
N PRO A 107 5.38 6.75 -8.30
CA PRO A 107 5.74 8.07 -7.76
C PRO A 107 7.17 8.03 -7.23
N TYR A 108 7.41 8.66 -6.11
CA TYR A 108 8.75 8.67 -5.53
C TYR A 108 9.04 7.29 -4.96
N ILE A 109 10.25 7.07 -4.46
CA ILE A 109 10.61 5.77 -3.90
C ILE A 109 11.81 5.87 -2.97
N TYR A 110 11.54 6.04 -1.68
CA TYR A 110 12.60 6.11 -0.68
C TYR A 110 12.92 4.73 -0.15
N PHE A 111 13.34 3.83 -1.05
CA PHE A 111 13.68 2.46 -0.68
C PHE A 111 14.49 2.41 0.62
N MET A 1 -3.54 -14.22 6.32
CA MET A 1 -2.82 -13.18 5.53
C MET A 1 -1.41 -13.61 5.18
N ASP A 2 -0.98 -14.73 5.71
CA ASP A 2 0.38 -15.16 5.47
C ASP A 2 1.29 -14.06 5.98
N ILE A 3 2.58 -14.21 5.83
CA ILE A 3 3.52 -13.21 6.31
C ILE A 3 3.61 -11.98 5.41
N LYS A 4 3.86 -12.21 4.14
CA LYS A 4 4.01 -11.11 3.20
C LYS A 4 2.90 -10.08 3.37
N SER A 5 1.66 -10.56 3.49
CA SER A 5 0.52 -9.67 3.68
C SER A 5 0.27 -9.33 5.15
N GLN A 6 1.06 -9.93 6.05
CA GLN A 6 0.89 -9.75 7.50
C GLN A 6 1.52 -8.52 8.14
N THR A 7 2.74 -8.17 7.77
CA THR A 7 3.39 -7.06 8.43
C THR A 7 2.97 -5.75 7.87
N LEU A 8 2.75 -5.72 6.59
CA LEU A 8 2.28 -4.52 5.97
C LEU A 8 0.85 -4.32 6.42
N TYR A 9 0.18 -5.44 6.71
CA TYR A 9 -1.16 -5.37 7.22
C TYR A 9 -1.12 -4.92 8.66
N LEU A 10 -0.43 -5.71 9.47
CA LEU A 10 -0.27 -5.39 10.88
C LEU A 10 0.21 -3.96 11.03
N ASN A 11 1.18 -3.59 10.21
CA ASN A 11 1.70 -2.23 10.24
C ASN A 11 0.62 -1.27 9.74
N LEU A 12 -0.32 -1.79 8.95
CA LEU A 12 -1.41 -0.99 8.41
C LEU A 12 -2.32 -0.50 9.52
N SER A 13 -2.56 -1.35 10.50
CA SER A 13 -3.40 -0.99 11.63
C SER A 13 -2.62 -0.10 12.57
N GLU A 14 -1.37 -0.49 12.80
CA GLU A 14 -0.49 0.27 13.67
C GLU A 14 -0.14 1.60 13.03
N ALA A 15 -0.23 1.65 11.72
CA ALA A 15 0.07 2.86 10.98
C ALA A 15 -1.08 3.82 11.07
N TYR A 16 -2.26 3.30 10.77
CA TYR A 16 -3.46 4.10 10.83
C TYR A 16 -3.55 4.78 12.18
N LYS A 17 -2.99 4.13 13.19
CA LYS A 17 -2.95 4.68 14.54
C LYS A 17 -1.73 5.59 14.69
N ASP A 18 -1.06 5.87 13.58
CA ASP A 18 0.10 6.76 13.59
C ASP A 18 -0.37 8.14 14.00
N PRO A 19 0.09 8.65 15.15
CA PRO A 19 -0.33 9.98 15.64
C PRO A 19 -0.37 11.05 14.56
N GLU A 20 0.45 10.90 13.52
CA GLU A 20 0.46 11.88 12.44
C GLU A 20 -0.36 11.40 11.25
N VAL A 21 -1.18 10.41 11.54
CA VAL A 21 -2.13 9.85 10.62
C VAL A 21 -3.50 10.08 11.22
N LYS A 22 -3.54 10.03 12.55
CA LYS A 22 -4.74 10.31 13.32
C LYS A 22 -5.21 11.70 12.96
N ALA A 23 -4.23 12.60 12.84
CA ALA A 23 -4.50 13.97 12.47
C ALA A 23 -4.96 14.02 11.02
N ASN A 24 -4.48 13.05 10.26
CA ASN A 24 -4.83 12.94 8.86
C ASN A 24 -5.86 11.84 8.68
N GLU A 25 -7.06 12.08 9.19
CA GLU A 25 -8.16 11.11 9.11
C GLU A 25 -8.16 10.36 7.78
N PHE A 26 -8.17 11.12 6.71
CA PHE A 26 -8.16 10.56 5.36
C PHE A 26 -7.04 9.54 5.22
N LEU A 27 -5.85 9.91 5.68
CA LEU A 27 -4.70 9.05 5.61
C LEU A 27 -4.91 7.79 6.45
N SER A 28 -5.48 7.95 7.64
CA SER A 28 -5.73 6.82 8.50
C SER A 28 -6.75 5.90 7.86
N LYS A 29 -7.85 6.48 7.38
CA LYS A 29 -8.89 5.71 6.70
C LYS A 29 -8.30 4.78 5.64
N LEU A 30 -7.36 5.31 4.86
CA LEU A 30 -6.73 4.52 3.81
C LEU A 30 -6.01 3.32 4.41
N VAL A 31 -5.15 3.58 5.38
CA VAL A 31 -4.44 2.49 6.05
C VAL A 31 -5.42 1.52 6.68
N VAL A 32 -6.61 2.04 7.00
CA VAL A 32 -7.66 1.24 7.60
C VAL A 32 -8.34 0.39 6.54
N GLN A 33 -9.07 1.05 5.66
CA GLN A 33 -9.76 0.39 4.57
C GLN A 33 -8.83 -0.61 3.92
N CYS A 34 -7.67 -0.11 3.50
CA CYS A 34 -6.64 -0.92 2.88
C CYS A 34 -6.34 -2.15 3.73
N ALA A 35 -6.29 -1.95 5.05
CA ALA A 35 -6.01 -3.06 5.95
C ALA A 35 -7.08 -4.14 5.85
N GLY A 36 -8.30 -3.71 5.55
CA GLY A 36 -9.40 -4.65 5.41
C GLY A 36 -9.41 -5.31 4.06
N LYS A 37 -8.73 -4.69 3.10
CA LYS A 37 -8.66 -5.22 1.75
C LYS A 37 -7.61 -6.33 1.68
N LEU A 38 -6.69 -6.30 2.64
CA LEU A 38 -5.62 -7.29 2.70
C LEU A 38 -6.07 -8.54 3.43
N THR A 39 -6.86 -8.36 4.49
CA THR A 39 -7.33 -9.49 5.29
C THR A 39 -7.72 -10.67 4.40
N ALA A 40 -8.15 -10.35 3.19
CA ALA A 40 -8.51 -11.38 2.24
C ALA A 40 -7.33 -11.67 1.31
N SER A 41 -6.12 -11.53 1.85
CA SER A 41 -4.91 -11.75 1.07
C SER A 41 -4.99 -13.11 0.36
N ASN A 42 -5.80 -14.02 0.89
CA ASN A 42 -5.99 -15.31 0.25
C ASN A 42 -6.30 -15.07 -1.23
N SER A 43 -6.92 -13.91 -1.47
CA SER A 43 -7.24 -13.46 -2.80
C SER A 43 -6.20 -12.43 -3.19
N GLU A 44 -4.99 -12.89 -3.47
CA GLU A 44 -3.90 -12.00 -3.82
C GLU A 44 -4.27 -11.13 -5.01
N ASN A 45 -5.19 -11.62 -5.80
CA ASN A 45 -5.65 -10.89 -6.96
C ASN A 45 -6.40 -9.64 -6.50
N SER A 46 -7.09 -9.81 -5.39
CA SER A 46 -7.85 -8.74 -4.77
C SER A 46 -6.94 -7.85 -3.95
N TYR A 47 -5.90 -8.48 -3.42
CA TYR A 47 -4.89 -7.81 -2.66
C TYR A 47 -3.93 -7.20 -3.65
N ILE A 48 -3.94 -7.78 -4.87
CA ILE A 48 -3.13 -7.32 -5.99
C ILE A 48 -3.67 -5.99 -6.45
N GLU A 49 -4.97 -5.82 -6.34
CA GLU A 49 -5.58 -4.59 -6.75
C GLU A 49 -5.16 -3.53 -5.79
N VAL A 50 -5.50 -3.73 -4.52
CA VAL A 50 -5.08 -2.80 -3.50
C VAL A 50 -3.56 -2.77 -3.45
N ILE A 51 -2.92 -3.82 -3.95
CA ILE A 51 -1.47 -3.89 -4.00
C ILE A 51 -0.97 -3.10 -5.20
N SER A 52 -1.79 -3.09 -6.25
CA SER A 52 -1.46 -2.33 -7.44
C SER A 52 -1.64 -0.85 -7.14
N LEU A 53 -2.58 -0.57 -6.25
CA LEU A 53 -2.87 0.80 -5.85
C LEU A 53 -1.82 1.27 -4.86
N LEU A 54 -1.55 0.44 -3.87
CA LEU A 54 -0.58 0.78 -2.83
C LEU A 54 0.70 1.35 -3.41
N SER A 55 1.32 0.64 -4.36
CA SER A 55 2.54 1.11 -4.99
C SER A 55 2.25 2.30 -5.90
N ARG A 56 1.79 3.40 -5.30
CA ARG A 56 1.43 4.64 -6.00
C ARG A 56 0.20 5.26 -5.34
N GLY A 57 -0.63 4.40 -4.76
CA GLY A 57 -1.84 4.82 -4.09
C GLY A 57 -1.55 5.56 -2.81
N ILE A 58 -0.81 4.90 -1.93
CA ILE A 58 -0.46 5.49 -0.64
C ILE A 58 0.58 6.59 -0.83
N SER A 59 0.18 7.65 -1.53
CA SER A 59 1.06 8.77 -1.79
C SER A 59 0.38 9.82 -2.66
N SER A 60 0.10 9.44 -3.89
CA SER A 60 -0.54 10.33 -4.85
C SER A 60 -2.00 10.61 -4.46
N TYR A 61 -2.57 9.77 -3.61
CA TYR A 61 -3.95 9.93 -3.18
C TYR A 61 -4.19 11.33 -2.61
N TYR A 62 -3.13 11.97 -2.13
CA TYR A 62 -3.24 13.31 -1.56
C TYR A 62 -1.88 14.00 -1.50
N LEU A 63 -0.86 13.25 -1.08
CA LEU A 63 0.49 13.80 -0.97
C LEU A 63 0.90 14.51 -2.25
N SER A 64 0.95 15.84 -2.19
CA SER A 64 1.32 16.65 -3.34
C SER A 64 2.76 17.16 -3.20
N HIS A 65 3.71 16.24 -3.12
CA HIS A 65 5.11 16.59 -2.97
C HIS A 65 5.36 17.24 -1.61
N LYS A 66 5.79 16.44 -0.65
CA LYS A 66 6.07 16.92 0.69
C LYS A 66 7.19 16.13 1.34
N ARG A 67 7.64 16.58 2.51
CA ARG A 67 8.72 15.91 3.23
C ARG A 67 8.23 15.37 4.59
N ILE A 68 7.13 15.92 5.08
CA ILE A 68 6.58 15.49 6.37
C ILE A 68 6.15 14.01 6.32
N ILE A 69 4.88 13.71 6.63
CA ILE A 69 4.40 12.34 6.61
C ILE A 69 5.10 11.49 7.67
N PRO A 70 4.37 10.57 8.32
CA PRO A 70 4.93 9.69 9.36
C PRO A 70 5.80 8.59 8.77
N SER A 71 6.37 7.77 9.65
CA SER A 71 7.22 6.67 9.21
C SER A 71 6.38 5.59 8.52
N SER A 72 5.19 5.34 9.06
CA SER A 72 4.26 4.36 8.51
C SER A 72 3.77 4.72 7.11
N MET A 73 4.63 5.33 6.32
CA MET A 73 4.32 5.71 4.95
C MET A 73 5.46 5.31 4.02
N LEU A 74 6.65 5.26 4.61
CA LEU A 74 7.86 4.87 3.89
C LEU A 74 8.17 3.41 4.09
N THR A 75 7.59 2.83 5.14
CA THR A 75 7.83 1.43 5.46
C THR A 75 6.90 0.53 4.66
N ILE A 76 5.62 0.86 4.65
CA ILE A 76 4.64 0.08 3.93
C ILE A 76 4.89 0.18 2.43
N TYR A 77 4.74 1.38 1.90
CA TYR A 77 4.95 1.63 0.48
C TYR A 77 6.25 0.97 0.03
N THR A 78 7.20 0.87 0.95
CA THR A 78 8.50 0.28 0.67
C THR A 78 8.42 -1.24 0.72
N GLN A 79 7.51 -1.74 1.54
CA GLN A 79 7.33 -3.17 1.71
C GLN A 79 6.48 -3.73 0.58
N ILE A 80 5.67 -2.86 0.02
CA ILE A 80 4.79 -3.19 -1.07
C ILE A 80 5.61 -3.56 -2.30
N GLN A 81 6.62 -2.73 -2.58
CA GLN A 81 7.50 -2.97 -3.71
C GLN A 81 8.52 -4.05 -3.39
N LYS A 82 8.81 -4.22 -2.10
CA LYS A 82 9.75 -5.22 -1.64
C LYS A 82 9.21 -6.62 -1.84
N ASP A 83 7.90 -6.73 -1.75
CA ASP A 83 7.25 -8.01 -1.95
C ASP A 83 7.20 -8.25 -3.43
N ILE A 84 7.00 -7.15 -4.13
CA ILE A 84 6.95 -7.14 -5.57
C ILE A 84 8.30 -7.61 -6.13
N LYS A 85 9.35 -6.88 -5.78
CA LYS A 85 10.69 -7.19 -6.25
C LYS A 85 11.23 -8.49 -5.67
N ASN A 86 10.85 -8.77 -4.43
CA ASN A 86 11.34 -9.99 -3.78
C ASN A 86 10.68 -11.23 -4.36
N GLY A 87 9.58 -11.04 -5.08
CA GLY A 87 8.87 -12.17 -5.66
C GLY A 87 7.91 -12.81 -4.68
N ASN A 88 7.31 -11.97 -3.84
CA ASN A 88 6.33 -12.44 -2.86
C ASN A 88 4.96 -12.22 -3.43
N ILE A 89 4.90 -11.27 -4.36
CA ILE A 89 3.70 -10.89 -5.04
C ILE A 89 3.78 -11.38 -6.47
N ASP A 90 2.67 -11.34 -7.18
CA ASP A 90 2.66 -11.76 -8.56
C ASP A 90 2.47 -10.54 -9.43
N THR A 91 3.52 -9.72 -9.49
CA THR A 91 3.49 -8.50 -10.25
C THR A 91 3.04 -8.74 -11.68
N GLU A 92 3.11 -9.98 -12.13
CA GLU A 92 2.65 -10.31 -13.47
C GLU A 92 1.16 -10.11 -13.50
N LYS A 93 0.52 -10.50 -12.40
CA LYS A 93 -0.91 -10.34 -12.25
C LYS A 93 -1.20 -8.87 -12.08
N LEU A 94 -0.47 -8.24 -11.15
CA LEU A 94 -0.58 -6.82 -10.92
C LEU A 94 -0.52 -6.07 -12.24
N ARG A 95 0.47 -6.44 -13.04
CA ARG A 95 0.63 -5.81 -14.33
C ARG A 95 -0.62 -6.00 -15.16
N LYS A 96 -1.12 -7.23 -15.16
CA LYS A 96 -2.33 -7.56 -15.91
C LYS A 96 -3.48 -6.66 -15.48
N TYR A 97 -3.75 -6.70 -14.19
CA TYR A 97 -4.80 -5.90 -13.60
C TYR A 97 -4.53 -4.41 -13.83
N GLU A 98 -3.28 -4.02 -13.71
CA GLU A 98 -2.88 -2.64 -13.93
C GLU A 98 -3.03 -2.29 -15.41
N ILE A 99 -2.97 -3.30 -16.27
CA ILE A 99 -3.15 -3.05 -17.69
C ILE A 99 -4.50 -2.42 -17.89
N ALA A 100 -5.47 -3.02 -17.22
CA ALA A 100 -6.84 -2.54 -17.28
C ALA A 100 -6.93 -1.07 -16.94
N LYS A 101 -6.13 -0.67 -15.98
CA LYS A 101 -6.13 0.68 -15.53
C LYS A 101 -5.15 1.57 -16.30
N GLY A 102 -4.04 0.99 -16.72
CA GLY A 102 -3.03 1.75 -17.43
C GLY A 102 -2.25 2.66 -16.50
N LEU A 103 -1.99 2.16 -15.29
CA LEU A 103 -1.26 2.93 -14.28
C LEU A 103 0.15 2.39 -14.06
N MET A 104 0.78 1.98 -15.15
CA MET A 104 2.14 1.44 -15.07
C MET A 104 3.16 2.55 -14.80
N SER A 105 3.14 3.07 -13.58
CA SER A 105 4.05 4.14 -13.19
C SER A 105 4.19 4.21 -11.67
N VAL A 106 5.17 4.96 -11.19
CA VAL A 106 5.39 5.10 -9.76
C VAL A 106 5.72 6.54 -9.37
N PRO A 107 5.03 7.07 -8.35
CA PRO A 107 5.29 8.42 -7.83
C PRO A 107 6.70 8.51 -7.26
N TYR A 108 6.86 9.17 -6.14
CA TYR A 108 8.17 9.30 -5.53
C TYR A 108 8.57 7.96 -4.90
N ILE A 109 9.74 7.90 -4.29
CA ILE A 109 10.20 6.67 -3.67
C ILE A 109 11.39 6.91 -2.75
N TYR A 110 11.12 7.21 -1.49
CA TYR A 110 12.17 7.46 -0.51
C TYR A 110 12.54 6.19 0.25
N PHE A 111 12.57 5.07 -0.47
CA PHE A 111 12.92 3.79 0.11
C PHE A 111 12.18 3.56 1.43
N MET A 1 -5.04 -12.37 6.81
CA MET A 1 -3.98 -12.57 5.79
C MET A 1 -2.93 -13.56 6.26
N ASP A 2 -1.89 -13.69 5.46
CA ASP A 2 -0.77 -14.54 5.78
C ASP A 2 0.37 -13.63 6.18
N ILE A 3 1.45 -14.23 6.64
CA ILE A 3 2.61 -13.47 7.07
C ILE A 3 3.03 -12.41 6.05
N LYS A 4 3.06 -12.81 4.80
CA LYS A 4 3.44 -11.92 3.71
C LYS A 4 2.73 -10.58 3.85
N SER A 5 1.42 -10.65 3.96
CA SER A 5 0.58 -9.46 4.12
C SER A 5 0.52 -9.03 5.59
N GLN A 6 0.61 -10.00 6.48
CA GLN A 6 0.53 -9.77 7.92
C GLN A 6 1.33 -8.58 8.41
N THR A 7 2.58 -8.46 8.01
CA THR A 7 3.39 -7.35 8.47
C THR A 7 3.06 -6.10 7.69
N LEU A 8 2.74 -6.29 6.42
CA LEU A 8 2.35 -5.17 5.58
C LEU A 8 1.02 -4.68 6.11
N TYR A 9 0.26 -5.64 6.62
CA TYR A 9 -1.01 -5.38 7.23
C TYR A 9 -0.80 -4.68 8.55
N LEU A 10 -0.12 -5.40 9.43
CA LEU A 10 0.19 -4.89 10.75
C LEU A 10 0.83 -3.52 10.61
N ASN A 11 1.60 -3.36 9.54
CA ASN A 11 2.23 -2.08 9.27
C ASN A 11 1.12 -1.06 9.00
N LEU A 12 0.06 -1.52 8.34
CA LEU A 12 -1.08 -0.67 8.05
C LEU A 12 -1.80 -0.31 9.34
N SER A 13 -1.85 -1.25 10.27
CA SER A 13 -2.48 -1.02 11.55
C SER A 13 -1.60 -0.12 12.38
N GLU A 14 -0.30 -0.35 12.29
CA GLU A 14 0.68 0.44 13.00
C GLU A 14 0.82 1.79 12.34
N ALA A 15 0.54 1.82 11.05
CA ALA A 15 0.59 3.03 10.26
C ALA A 15 -0.62 3.87 10.50
N TYR A 16 -1.76 3.23 10.35
CA TYR A 16 -3.02 3.89 10.58
C TYR A 16 -3.04 4.41 12.00
N LYS A 17 -2.39 3.66 12.87
CA LYS A 17 -2.28 4.05 14.26
C LYS A 17 -1.05 4.95 14.43
N ASP A 18 -0.48 5.40 13.30
CA ASP A 18 0.66 6.28 13.33
C ASP A 18 0.20 7.63 13.87
N PRO A 19 0.83 8.12 14.94
CA PRO A 19 0.45 9.39 15.58
C PRO A 19 0.23 10.56 14.61
N GLU A 20 0.84 10.52 13.44
CA GLU A 20 0.65 11.59 12.49
C GLU A 20 -0.27 11.15 11.37
N VAL A 21 -0.98 10.09 11.67
CA VAL A 21 -2.00 9.53 10.82
C VAL A 21 -3.30 9.64 11.59
N LYS A 22 -3.18 9.41 12.91
CA LYS A 22 -4.30 9.54 13.82
C LYS A 22 -4.92 10.91 13.61
N ALA A 23 -4.06 11.87 13.32
CA ALA A 23 -4.47 13.23 13.09
C ALA A 23 -5.30 13.32 11.82
N ASN A 24 -4.98 12.46 10.87
CA ASN A 24 -5.68 12.44 9.61
C ASN A 24 -6.61 11.23 9.51
N GLU A 25 -7.91 11.49 9.49
CA GLU A 25 -8.90 10.42 9.40
C GLU A 25 -8.96 9.84 7.99
N PHE A 26 -8.66 10.66 7.01
CA PHE A 26 -8.69 10.23 5.61
C PHE A 26 -7.53 9.29 5.31
N LEU A 27 -6.34 9.68 5.75
CA LEU A 27 -5.16 8.88 5.53
C LEU A 27 -5.18 7.62 6.39
N SER A 28 -5.77 7.71 7.59
CA SER A 28 -5.85 6.58 8.47
C SER A 28 -6.96 5.65 8.00
N LYS A 29 -8.13 6.21 7.75
CA LYS A 29 -9.27 5.43 7.26
C LYS A 29 -8.88 4.63 6.02
N LEU A 30 -8.05 5.22 5.18
CA LEU A 30 -7.59 4.54 3.98
C LEU A 30 -6.63 3.42 4.36
N VAL A 31 -5.72 3.73 5.28
CA VAL A 31 -4.77 2.75 5.77
C VAL A 31 -5.55 1.61 6.42
N VAL A 32 -6.62 1.99 7.11
CA VAL A 32 -7.49 1.02 7.76
C VAL A 32 -8.09 0.09 6.74
N GLN A 33 -8.98 0.65 5.92
CA GLN A 33 -9.62 -0.11 4.86
C GLN A 33 -8.58 -0.92 4.13
N CYS A 34 -7.54 -0.22 3.68
CA CYS A 34 -6.44 -0.86 2.98
C CYS A 34 -5.94 -2.03 3.82
N ALA A 35 -5.78 -1.79 5.12
CA ALA A 35 -5.34 -2.83 6.02
C ALA A 35 -6.35 -3.97 6.04
N GLY A 36 -7.61 -3.61 5.88
CA GLY A 36 -8.67 -4.59 5.86
C GLY A 36 -8.85 -5.18 4.47
N LYS A 37 -8.25 -4.54 3.49
CA LYS A 37 -8.32 -5.02 2.11
C LYS A 37 -7.32 -6.14 1.90
N LEU A 38 -6.33 -6.22 2.79
CA LEU A 38 -5.31 -7.26 2.69
C LEU A 38 -5.78 -8.56 3.29
N THR A 39 -6.70 -8.48 4.26
CA THR A 39 -7.24 -9.67 4.91
C THR A 39 -7.61 -10.68 3.88
N ALA A 40 -8.38 -10.23 2.92
CA ALA A 40 -8.80 -11.07 1.83
C ALA A 40 -7.64 -11.37 0.89
N SER A 41 -6.40 -11.35 1.41
CA SER A 41 -5.23 -11.62 0.59
C SER A 41 -5.42 -12.90 -0.20
N ASN A 42 -6.30 -13.78 0.28
CA ASN A 42 -6.60 -15.02 -0.44
C ASN A 42 -6.93 -14.64 -1.88
N SER A 43 -7.49 -13.44 -2.03
CA SER A 43 -7.82 -12.88 -3.31
C SER A 43 -6.73 -11.87 -3.63
N GLU A 44 -5.53 -12.38 -3.83
CA GLU A 44 -4.38 -11.54 -4.11
C GLU A 44 -4.62 -10.64 -5.30
N ASN A 45 -5.52 -11.08 -6.16
CA ASN A 45 -5.88 -10.28 -7.33
C ASN A 45 -6.49 -8.97 -6.86
N SER A 46 -7.20 -9.06 -5.75
CA SER A 46 -7.84 -7.92 -5.14
C SER A 46 -6.84 -7.10 -4.34
N TYR A 47 -5.92 -7.80 -3.70
CA TYR A 47 -4.88 -7.18 -2.93
C TYR A 47 -3.78 -6.75 -3.87
N ILE A 48 -3.96 -7.15 -5.15
CA ILE A 48 -3.05 -6.82 -6.24
C ILE A 48 -3.40 -5.45 -6.76
N GLU A 49 -4.70 -5.18 -6.84
CA GLU A 49 -5.15 -3.89 -7.28
C GLU A 49 -4.76 -2.89 -6.25
N VAL A 50 -5.27 -3.07 -5.05
CA VAL A 50 -4.90 -2.19 -3.97
C VAL A 50 -3.39 -2.21 -3.82
N ILE A 51 -2.77 -3.30 -4.27
CA ILE A 51 -1.33 -3.44 -4.23
C ILE A 51 -0.72 -2.54 -5.29
N SER A 52 -1.40 -2.46 -6.43
CA SER A 52 -0.95 -1.63 -7.52
C SER A 52 -1.19 -0.16 -7.17
N LEU A 53 -2.20 0.06 -6.34
CA LEU A 53 -2.55 1.40 -5.91
C LEU A 53 -1.89 1.74 -4.59
N LEU A 54 -1.33 0.74 -3.91
CA LEU A 54 -0.67 0.97 -2.64
C LEU A 54 0.71 1.58 -2.82
N SER A 55 1.47 1.07 -3.78
CA SER A 55 2.81 1.59 -4.03
C SER A 55 2.81 3.12 -4.16
N ARG A 56 1.66 3.68 -4.56
CA ARG A 56 1.55 5.12 -4.73
C ARG A 56 0.38 5.69 -3.92
N GLY A 57 -0.73 4.95 -3.91
CA GLY A 57 -1.91 5.38 -3.18
C GLY A 57 -1.60 5.80 -1.76
N ILE A 58 -0.52 5.27 -1.21
CA ILE A 58 -0.12 5.58 0.15
C ILE A 58 0.05 7.08 0.38
N SER A 59 0.36 7.81 -0.70
CA SER A 59 0.56 9.25 -0.61
C SER A 59 -0.16 10.00 -1.72
N SER A 60 -0.35 9.33 -2.84
CA SER A 60 -1.02 9.94 -3.99
C SER A 60 -2.52 10.07 -3.76
N TYR A 61 -3.12 9.04 -3.16
CA TYR A 61 -4.56 9.06 -2.89
C TYR A 61 -4.90 10.08 -1.82
N TYR A 62 -5.82 10.98 -2.14
CA TYR A 62 -6.24 12.02 -1.20
C TYR A 62 -5.05 12.91 -0.81
N LEU A 63 -4.44 13.53 -1.81
CA LEU A 63 -3.30 14.41 -1.58
C LEU A 63 -3.27 15.55 -2.58
N SER A 64 -2.84 16.73 -2.12
CA SER A 64 -2.76 17.90 -2.98
C SER A 64 -1.31 18.16 -3.40
N HIS A 65 -0.55 17.08 -3.58
CA HIS A 65 0.84 17.19 -3.99
C HIS A 65 1.67 17.88 -2.92
N LYS A 66 2.34 17.08 -2.08
CA LYS A 66 3.17 17.61 -1.01
C LYS A 66 4.04 16.52 -0.41
N ARG A 67 4.82 16.88 0.61
CA ARG A 67 5.70 15.93 1.28
C ARG A 67 5.29 15.72 2.74
N ILE A 68 4.40 16.57 3.24
CA ILE A 68 3.93 16.46 4.62
C ILE A 68 3.23 15.12 4.85
N ILE A 69 3.94 14.19 5.49
CA ILE A 69 3.38 12.88 5.77
C ILE A 69 4.29 12.08 6.71
N PRO A 70 3.71 11.20 7.55
CA PRO A 70 4.47 10.38 8.50
C PRO A 70 5.27 9.28 7.80
N SER A 71 6.18 8.65 8.54
CA SER A 71 7.00 7.58 8.00
C SER A 71 6.13 6.38 7.65
N SER A 72 5.18 6.06 8.54
CA SER A 72 4.26 4.95 8.33
C SER A 72 3.37 5.15 7.11
N MET A 73 3.77 6.03 6.21
CA MET A 73 3.02 6.30 4.99
C MET A 73 3.98 6.39 3.83
N LEU A 74 5.01 5.55 3.89
CA LEU A 74 6.05 5.49 2.87
C LEU A 74 6.80 4.17 2.97
N THR A 75 6.97 3.67 4.20
CA THR A 75 7.64 2.42 4.44
C THR A 75 6.79 1.25 3.98
N ILE A 76 5.50 1.50 3.85
CA ILE A 76 4.58 0.47 3.41
C ILE A 76 4.63 0.32 1.90
N TYR A 77 4.35 1.41 1.18
CA TYR A 77 4.40 1.37 -0.28
C TYR A 77 5.78 0.90 -0.73
N THR A 78 6.79 1.36 0.00
CA THR A 78 8.17 0.96 -0.27
C THR A 78 8.30 -0.54 -0.09
N GLN A 79 7.57 -1.04 0.90
CA GLN A 79 7.55 -2.45 1.22
C GLN A 79 6.75 -3.19 0.17
N ILE A 80 5.71 -2.51 -0.30
CA ILE A 80 4.83 -3.04 -1.33
C ILE A 80 5.64 -3.44 -2.55
N GLN A 81 6.47 -2.53 -3.04
CA GLN A 81 7.33 -2.80 -4.18
C GLN A 81 8.32 -3.90 -3.81
N LYS A 82 8.70 -3.91 -2.54
CA LYS A 82 9.62 -4.89 -2.01
C LYS A 82 8.99 -6.26 -2.01
N ASP A 83 7.69 -6.30 -1.81
CA ASP A 83 6.97 -7.54 -1.79
C ASP A 83 6.95 -8.10 -3.19
N ILE A 84 6.82 -7.18 -4.14
CA ILE A 84 6.81 -7.51 -5.54
C ILE A 84 8.10 -8.22 -5.91
N LYS A 85 9.21 -7.54 -5.66
CA LYS A 85 10.52 -8.07 -5.96
C LYS A 85 10.93 -9.15 -4.99
N ASN A 86 10.48 -9.03 -3.76
CA ASN A 86 10.83 -10.00 -2.75
C ASN A 86 10.15 -11.35 -3.01
N GLY A 87 9.15 -11.35 -3.88
CA GLY A 87 8.45 -12.58 -4.19
C GLY A 87 7.33 -12.85 -3.20
N ASN A 88 6.69 -11.78 -2.76
CA ASN A 88 5.58 -11.88 -1.83
C ASN A 88 4.30 -11.65 -2.62
N ILE A 89 4.44 -10.90 -3.70
CA ILE A 89 3.38 -10.57 -4.57
C ILE A 89 3.61 -11.25 -5.91
N ASP A 90 2.60 -11.28 -6.75
CA ASP A 90 2.75 -11.87 -8.06
C ASP A 90 2.52 -10.80 -9.10
N THR A 91 3.54 -9.96 -9.26
CA THR A 91 3.48 -8.86 -10.19
C THR A 91 3.05 -9.31 -11.58
N GLU A 92 3.10 -10.61 -11.82
CA GLU A 92 2.66 -11.14 -13.09
C GLU A 92 1.15 -11.00 -13.17
N LYS A 93 0.51 -11.21 -12.04
CA LYS A 93 -0.92 -11.07 -11.94
C LYS A 93 -1.26 -9.59 -11.96
N LEU A 94 -0.47 -8.81 -11.23
CA LEU A 94 -0.61 -7.39 -11.21
C LEU A 94 -0.51 -6.84 -12.60
N ARG A 95 0.51 -7.30 -13.31
CA ARG A 95 0.75 -6.86 -14.67
C ARG A 95 -0.50 -6.97 -15.51
N LYS A 96 -1.20 -8.08 -15.39
CA LYS A 96 -2.42 -8.30 -16.15
C LYS A 96 -3.45 -7.24 -15.81
N TYR A 97 -3.81 -7.19 -14.53
CA TYR A 97 -4.76 -6.20 -14.06
C TYR A 97 -4.23 -4.80 -14.34
N GLU A 98 -2.91 -4.67 -14.37
CA GLU A 98 -2.26 -3.40 -14.63
C GLU A 98 -2.41 -3.05 -16.11
N ILE A 99 -2.57 -4.08 -16.94
CA ILE A 99 -2.75 -3.85 -18.37
C ILE A 99 -4.04 -3.12 -18.60
N ALA A 100 -5.09 -3.67 -18.00
CA ALA A 100 -6.42 -3.11 -18.11
C ALA A 100 -6.52 -1.74 -17.43
N LYS A 101 -5.47 -1.38 -16.72
CA LYS A 101 -5.45 -0.13 -16.02
C LYS A 101 -4.49 0.88 -16.65
N GLY A 102 -3.28 0.43 -16.90
CA GLY A 102 -2.26 1.29 -17.47
C GLY A 102 -1.70 2.27 -16.45
N LEU A 103 -1.38 1.74 -15.27
CA LEU A 103 -0.85 2.56 -14.18
C LEU A 103 0.62 2.29 -13.92
N MET A 104 1.29 1.73 -14.91
CA MET A 104 2.71 1.42 -14.79
C MET A 104 3.54 2.70 -14.72
N SER A 105 3.43 3.39 -13.60
CA SER A 105 4.17 4.63 -13.36
C SER A 105 4.29 4.88 -11.87
N VAL A 106 4.83 6.04 -11.51
CA VAL A 106 5.00 6.40 -10.10
C VAL A 106 5.67 7.76 -9.95
N PRO A 107 5.13 8.61 -9.06
CA PRO A 107 5.69 9.93 -8.78
C PRO A 107 7.10 9.81 -8.23
N TYR A 108 7.44 10.61 -7.24
CA TYR A 108 8.77 10.58 -6.65
C TYR A 108 8.90 9.32 -5.79
N ILE A 109 10.10 9.09 -5.27
CA ILE A 109 10.34 7.92 -4.43
C ILE A 109 11.55 8.13 -3.53
N TYR A 110 11.32 8.07 -2.22
CA TYR A 110 12.39 8.26 -1.24
C TYR A 110 12.93 6.92 -0.78
N PHE A 111 12.95 5.96 -1.70
CA PHE A 111 13.45 4.62 -1.41
C PHE A 111 12.96 4.11 -0.06
N MET A 1 -4.55 -12.66 6.43
CA MET A 1 -3.56 -12.12 5.47
C MET A 1 -2.24 -12.87 5.53
N ASP A 2 -1.63 -13.06 4.38
CA ASP A 2 -0.34 -13.73 4.30
C ASP A 2 0.68 -12.94 5.10
N ILE A 3 1.94 -13.34 5.02
CA ILE A 3 2.99 -12.66 5.75
C ILE A 3 3.38 -11.33 5.12
N LYS A 4 3.73 -11.36 3.84
CA LYS A 4 4.14 -10.14 3.16
C LYS A 4 3.09 -9.05 3.32
N SER A 5 1.82 -9.46 3.33
CA SER A 5 0.72 -8.55 3.50
C SER A 5 0.44 -8.31 4.98
N GLN A 6 0.84 -9.29 5.81
CA GLN A 6 0.60 -9.22 7.25
C GLN A 6 1.29 -8.05 7.91
N THR A 7 2.56 -7.87 7.63
CA THR A 7 3.28 -6.79 8.25
C THR A 7 2.95 -5.48 7.58
N LEU A 8 2.69 -5.54 6.28
CA LEU A 8 2.31 -4.34 5.57
C LEU A 8 0.91 -3.99 6.02
N TYR A 9 0.11 -5.01 6.29
CA TYR A 9 -1.23 -4.82 6.79
C TYR A 9 -1.14 -4.33 8.23
N LEU A 10 -0.58 -5.17 9.08
CA LEU A 10 -0.41 -4.83 10.48
C LEU A 10 0.25 -3.47 10.58
N ASN A 11 1.08 -3.15 9.58
CA ASN A 11 1.74 -1.86 9.54
C ASN A 11 0.66 -0.78 9.44
N LEU A 12 -0.39 -1.09 8.68
CA LEU A 12 -1.50 -0.17 8.49
C LEU A 12 -2.14 0.16 9.84
N SER A 13 -2.44 -0.87 10.61
CA SER A 13 -3.01 -0.69 11.93
C SER A 13 -2.02 0.10 12.78
N GLU A 14 -0.78 -0.36 12.74
CA GLU A 14 0.30 0.30 13.46
C GLU A 14 0.37 1.75 13.03
N ALA A 15 -0.03 2.02 11.80
CA ALA A 15 -0.04 3.37 11.29
C ALA A 15 -1.22 4.10 11.86
N TYR A 16 -2.28 3.35 12.16
CA TYR A 16 -3.45 3.95 12.73
C TYR A 16 -3.07 4.59 14.04
N LYS A 17 -1.98 4.11 14.64
CA LYS A 17 -1.46 4.68 15.87
C LYS A 17 -0.54 5.85 15.55
N ASP A 18 -0.39 6.16 14.25
CA ASP A 18 0.46 7.26 13.81
C ASP A 18 -0.25 8.60 13.99
N PRO A 19 0.20 9.44 14.94
CA PRO A 19 -0.41 10.75 15.21
C PRO A 19 -0.67 11.58 13.97
N GLU A 20 0.09 11.35 12.91
CA GLU A 20 -0.09 12.09 11.67
C GLU A 20 -0.88 11.28 10.66
N VAL A 21 -1.52 10.28 11.18
CA VAL A 21 -2.40 9.41 10.45
C VAL A 21 -3.76 9.54 11.11
N LYS A 22 -3.72 9.63 12.44
CA LYS A 22 -4.90 9.85 13.25
C LYS A 22 -5.61 11.08 12.71
N ALA A 23 -4.80 12.11 12.41
CA ALA A 23 -5.31 13.36 11.90
C ALA A 23 -5.54 13.28 10.40
N ASN A 24 -4.74 12.46 9.73
CA ASN A 24 -4.86 12.29 8.30
C ASN A 24 -5.87 11.21 7.97
N GLU A 25 -7.15 11.56 8.03
CA GLU A 25 -8.22 10.60 7.75
C GLU A 25 -7.96 9.87 6.44
N PHE A 26 -7.47 10.60 5.46
CA PHE A 26 -7.18 10.02 4.15
C PHE A 26 -6.17 8.89 4.28
N LEU A 27 -5.11 9.12 5.03
CA LEU A 27 -4.09 8.12 5.23
C LEU A 27 -4.57 6.99 6.12
N SER A 28 -5.18 7.33 7.25
CA SER A 28 -5.68 6.29 8.15
C SER A 28 -6.83 5.55 7.49
N LYS A 29 -7.78 6.27 6.93
CA LYS A 29 -8.90 5.65 6.25
C LYS A 29 -8.38 4.66 5.22
N LEU A 30 -7.24 4.97 4.63
CA LEU A 30 -6.64 4.08 3.66
C LEU A 30 -6.02 2.87 4.35
N VAL A 31 -5.26 3.11 5.41
CA VAL A 31 -4.67 2.02 6.16
C VAL A 31 -5.78 1.16 6.77
N VAL A 32 -6.99 1.73 6.83
CA VAL A 32 -8.15 1.03 7.34
C VAL A 32 -8.71 0.11 6.28
N GLN A 33 -9.24 0.70 5.23
CA GLN A 33 -9.79 -0.07 4.12
C GLN A 33 -8.77 -1.12 3.71
N CYS A 34 -7.59 -0.66 3.34
CA CYS A 34 -6.51 -1.54 2.94
C CYS A 34 -6.24 -2.58 4.01
N ALA A 35 -6.38 -2.20 5.28
CA ALA A 35 -6.16 -3.12 6.38
C ALA A 35 -7.05 -4.35 6.21
N GLY A 36 -8.20 -4.16 5.57
CA GLY A 36 -9.11 -5.26 5.34
C GLY A 36 -8.73 -6.05 4.11
N LYS A 37 -8.45 -5.34 3.02
CA LYS A 37 -8.06 -5.94 1.77
C LYS A 37 -6.91 -6.94 1.93
N LEU A 38 -6.17 -6.79 3.01
CA LEU A 38 -5.02 -7.66 3.27
C LEU A 38 -5.45 -8.91 4.02
N THR A 39 -6.36 -8.76 4.99
CA THR A 39 -6.83 -9.90 5.75
C THR A 39 -7.24 -11.04 4.82
N ALA A 40 -7.66 -10.67 3.62
CA ALA A 40 -8.05 -11.64 2.62
C ALA A 40 -6.96 -11.79 1.57
N SER A 41 -5.70 -11.74 2.00
CA SER A 41 -4.59 -11.87 1.08
C SER A 41 -4.76 -13.09 0.20
N ASN A 42 -5.53 -14.07 0.68
CA ASN A 42 -5.80 -15.27 -0.10
C ASN A 42 -6.24 -14.85 -1.51
N SER A 43 -6.85 -13.67 -1.58
CA SER A 43 -7.28 -13.09 -2.82
C SER A 43 -6.23 -12.08 -3.25
N GLU A 44 -5.03 -12.58 -3.53
CA GLU A 44 -3.92 -11.70 -3.92
C GLU A 44 -4.31 -10.89 -5.14
N ASN A 45 -5.26 -11.41 -5.90
CA ASN A 45 -5.76 -10.70 -7.07
C ASN A 45 -6.51 -9.46 -6.62
N SER A 46 -7.18 -9.60 -5.51
CA SER A 46 -7.94 -8.53 -4.91
C SER A 46 -7.01 -7.62 -4.14
N TYR A 47 -5.97 -8.23 -3.59
CA TYR A 47 -4.96 -7.54 -2.86
C TYR A 47 -4.00 -6.95 -3.88
N ILE A 48 -4.03 -7.55 -5.09
CA ILE A 48 -3.23 -7.12 -6.22
C ILE A 48 -3.71 -5.77 -6.67
N GLU A 49 -5.01 -5.59 -6.63
CA GLU A 49 -5.60 -4.34 -7.04
C GLU A 49 -5.19 -3.29 -6.06
N VAL A 50 -5.54 -3.50 -4.80
CA VAL A 50 -5.14 -2.57 -3.78
C VAL A 50 -3.62 -2.55 -3.70
N ILE A 51 -2.99 -3.61 -4.22
CA ILE A 51 -1.55 -3.70 -4.25
C ILE A 51 -1.03 -2.84 -5.39
N SER A 52 -1.81 -2.73 -6.47
CA SER A 52 -1.44 -1.89 -7.59
C SER A 52 -1.61 -0.44 -7.19
N LEU A 53 -2.62 -0.19 -6.37
CA LEU A 53 -2.93 1.14 -5.91
C LEU A 53 -2.06 1.54 -4.72
N LEU A 54 -1.68 0.56 -3.92
CA LEU A 54 -0.86 0.82 -2.74
C LEU A 54 0.54 1.29 -3.10
N SER A 55 1.17 0.61 -4.05
CA SER A 55 2.52 0.99 -4.48
C SER A 55 2.49 2.27 -5.29
N ARG A 56 1.88 3.32 -4.70
CA ARG A 56 1.76 4.64 -5.32
C ARG A 56 0.62 5.40 -4.67
N GLY A 57 -0.45 4.68 -4.36
CA GLY A 57 -1.63 5.28 -3.75
C GLY A 57 -1.36 5.84 -2.37
N ILE A 58 -0.57 5.12 -1.59
CA ILE A 58 -0.26 5.52 -0.23
C ILE A 58 0.32 6.93 -0.15
N SER A 59 0.86 7.43 -1.25
CA SER A 59 1.44 8.78 -1.26
C SER A 59 0.93 9.63 -2.42
N SER A 60 0.62 8.98 -3.53
CA SER A 60 0.12 9.68 -4.72
C SER A 60 -1.17 10.45 -4.42
N TYR A 61 -2.07 9.83 -3.67
CA TYR A 61 -3.33 10.47 -3.34
C TYR A 61 -3.09 11.74 -2.52
N TYR A 62 -3.01 12.87 -3.21
CA TYR A 62 -2.78 14.15 -2.56
C TYR A 62 -1.42 14.15 -1.86
N LEU A 63 -0.37 13.89 -2.63
CA LEU A 63 0.99 13.86 -2.10
C LEU A 63 1.39 15.24 -1.57
N SER A 64 2.31 15.25 -0.60
CA SER A 64 2.79 16.49 -0.01
C SER A 64 4.24 16.77 -0.43
N HIS A 65 4.80 15.92 -1.28
CA HIS A 65 6.17 16.09 -1.74
C HIS A 65 7.16 15.98 -0.59
N LYS A 66 7.29 17.06 0.18
CA LYS A 66 8.21 17.08 1.31
C LYS A 66 7.72 18.05 2.38
N ARG A 67 6.75 17.60 3.18
CA ARG A 67 6.19 18.43 4.24
C ARG A 67 6.34 17.73 5.59
N ILE A 68 5.67 16.59 5.74
CA ILE A 68 5.72 15.83 6.97
C ILE A 68 5.66 14.32 6.67
N ILE A 69 4.46 13.80 6.50
CA ILE A 69 4.26 12.38 6.20
C ILE A 69 4.83 11.50 7.31
N PRO A 70 4.00 10.62 7.91
CA PRO A 70 4.44 9.73 8.98
C PRO A 70 5.31 8.60 8.45
N SER A 71 6.19 8.07 9.30
CA SER A 71 7.07 6.98 8.90
C SER A 71 6.26 5.83 8.30
N SER A 72 5.10 5.56 8.90
CA SER A 72 4.22 4.50 8.44
C SER A 72 3.67 4.77 7.02
N MET A 73 4.33 5.65 6.29
CA MET A 73 3.92 5.96 4.92
C MET A 73 5.12 5.83 3.98
N LEU A 74 6.10 5.07 4.44
CA LEU A 74 7.33 4.82 3.69
C LEU A 74 7.78 3.38 3.89
N THR A 75 7.51 2.85 5.08
CA THR A 75 7.88 1.48 5.39
C THR A 75 6.91 0.51 4.75
N ILE A 76 5.68 0.97 4.52
CA ILE A 76 4.67 0.14 3.91
C ILE A 76 4.88 0.06 2.40
N TYR A 77 4.84 1.21 1.75
CA TYR A 77 5.07 1.26 0.30
C TYR A 77 6.33 0.49 -0.04
N THR A 78 7.31 0.58 0.86
CA THR A 78 8.57 -0.10 0.70
C THR A 78 8.39 -1.60 0.82
N GLN A 79 7.48 -1.99 1.68
CA GLN A 79 7.19 -3.40 1.91
C GLN A 79 6.39 -3.94 0.74
N ILE A 80 5.46 -3.12 0.30
CA ILE A 80 4.61 -3.45 -0.83
C ILE A 80 5.48 -3.83 -2.03
N GLN A 81 6.41 -2.95 -2.38
CA GLN A 81 7.31 -3.20 -3.50
C GLN A 81 8.25 -4.36 -3.18
N LYS A 82 8.47 -4.59 -1.90
CA LYS A 82 9.35 -5.65 -1.44
C LYS A 82 8.72 -7.01 -1.67
N ASP A 83 7.41 -7.05 -1.59
CA ASP A 83 6.69 -8.28 -1.81
C ASP A 83 6.81 -8.62 -3.28
N ILE A 84 6.73 -7.58 -4.09
CA ILE A 84 6.87 -7.70 -5.51
C ILE A 84 8.31 -8.08 -5.87
N LYS A 85 9.23 -7.18 -5.52
CA LYS A 85 10.64 -7.38 -5.80
C LYS A 85 11.12 -8.70 -5.22
N ASN A 86 10.53 -9.11 -4.12
CA ASN A 86 10.92 -10.35 -3.46
C ASN A 86 10.25 -11.56 -4.11
N GLY A 87 9.22 -11.32 -4.90
CA GLY A 87 8.53 -12.42 -5.54
C GLY A 87 7.53 -13.08 -4.62
N ASN A 88 6.87 -12.25 -3.80
CA ASN A 88 5.87 -12.71 -2.88
C ASN A 88 4.50 -12.46 -3.50
N ILE A 89 4.49 -11.49 -4.40
CA ILE A 89 3.32 -11.11 -5.12
C ILE A 89 3.45 -11.60 -6.55
N ASP A 90 2.34 -11.66 -7.25
CA ASP A 90 2.38 -12.08 -8.62
C ASP A 90 2.21 -10.86 -9.48
N THR A 91 3.27 -10.09 -9.56
CA THR A 91 3.26 -8.86 -10.30
C THR A 91 2.75 -9.04 -11.72
N GLU A 92 2.68 -10.29 -12.17
CA GLU A 92 2.14 -10.58 -13.48
C GLU A 92 0.67 -10.22 -13.45
N LYS A 93 0.03 -10.60 -12.35
CA LYS A 93 -1.35 -10.28 -12.12
C LYS A 93 -1.50 -8.78 -12.02
N LEU A 94 -0.72 -8.21 -11.11
CA LEU A 94 -0.68 -6.79 -10.92
C LEU A 94 -0.56 -6.09 -12.26
N ARG A 95 0.37 -6.56 -13.06
CA ARG A 95 0.60 -6.00 -14.37
C ARG A 95 -0.65 -6.00 -15.21
N LYS A 96 -1.30 -7.15 -15.31
CA LYS A 96 -2.51 -7.28 -16.11
C LYS A 96 -3.57 -6.31 -15.64
N TYR A 97 -3.87 -6.36 -14.35
CA TYR A 97 -4.86 -5.48 -13.77
C TYR A 97 -4.36 -4.04 -13.85
N GLU A 98 -3.06 -3.85 -13.73
CA GLU A 98 -2.46 -2.52 -13.81
C GLU A 98 -2.62 -1.98 -15.22
N ILE A 99 -2.63 -2.89 -16.21
CA ILE A 99 -2.79 -2.48 -17.59
C ILE A 99 -4.12 -1.76 -17.74
N ALA A 100 -5.15 -2.44 -17.27
CA ALA A 100 -6.50 -1.93 -17.34
C ALA A 100 -6.71 -0.75 -16.39
N LYS A 101 -5.68 -0.43 -15.63
CA LYS A 101 -5.75 0.65 -14.68
C LYS A 101 -4.93 1.86 -15.11
N GLY A 102 -3.70 1.60 -15.52
CA GLY A 102 -2.81 2.66 -15.96
C GLY A 102 -2.26 3.46 -14.79
N LEU A 103 -1.92 2.75 -13.71
CA LEU A 103 -1.40 3.37 -12.50
C LEU A 103 0.10 3.09 -12.31
N MET A 104 0.85 3.09 -13.40
CA MET A 104 2.28 2.83 -13.33
C MET A 104 3.06 4.12 -13.15
N SER A 105 3.18 4.56 -11.90
CA SER A 105 3.90 5.79 -11.59
C SER A 105 4.28 5.84 -10.11
N VAL A 106 5.35 6.56 -9.79
CA VAL A 106 5.80 6.69 -8.42
C VAL A 106 6.81 7.82 -8.26
N PRO A 107 6.64 8.64 -7.21
CA PRO A 107 7.55 9.75 -6.91
C PRO A 107 8.91 9.19 -6.47
N TYR A 108 9.52 9.80 -5.47
CA TYR A 108 10.80 9.35 -4.98
C TYR A 108 10.65 8.04 -4.21
N ILE A 109 11.76 7.47 -3.76
CA ILE A 109 11.70 6.22 -3.03
C ILE A 109 12.98 6.01 -2.20
N TYR A 110 12.85 6.15 -0.89
CA TYR A 110 13.98 5.97 0.01
C TYR A 110 13.98 4.57 0.63
N PHE A 111 13.49 3.60 -0.15
CA PHE A 111 13.41 2.21 0.29
C PHE A 111 13.01 2.10 1.75
N MET A 1 -5.37 -12.63 6.43
CA MET A 1 -4.35 -12.61 5.33
C MET A 1 -3.29 -13.67 5.55
N ASP A 2 -2.35 -13.71 4.62
CA ASP A 2 -1.23 -14.63 4.73
C ASP A 2 -0.10 -13.90 5.41
N ILE A 3 1.10 -14.44 5.31
CA ILE A 3 2.25 -13.84 5.95
C ILE A 3 2.79 -12.61 5.23
N LYS A 4 3.02 -12.74 3.95
CA LYS A 4 3.56 -11.62 3.18
C LYS A 4 2.65 -10.40 3.28
N SER A 5 1.37 -10.67 3.32
CA SER A 5 0.37 -9.62 3.44
C SER A 5 0.16 -9.26 4.90
N GLN A 6 0.51 -10.20 5.78
CA GLN A 6 0.34 -10.01 7.21
C GLN A 6 1.16 -8.86 7.76
N THR A 7 2.43 -8.85 7.45
CA THR A 7 3.29 -7.81 7.95
C THR A 7 3.09 -6.55 7.15
N LEU A 8 2.77 -6.70 5.88
CA LEU A 8 2.50 -5.54 5.05
C LEU A 8 1.21 -4.93 5.53
N TYR A 9 0.25 -5.78 5.89
CA TYR A 9 -1.01 -5.31 6.42
C TYR A 9 -0.76 -4.79 7.83
N LEU A 10 -0.24 -5.65 8.69
CA LEU A 10 0.06 -5.27 10.05
C LEU A 10 0.86 -3.98 10.07
N ASN A 11 1.70 -3.81 9.05
CA ASN A 11 2.48 -2.60 8.94
C ASN A 11 1.55 -1.42 8.72
N LEU A 12 0.46 -1.67 7.99
CA LEU A 12 -0.53 -0.64 7.74
C LEU A 12 -1.16 -0.21 9.05
N SER A 13 -1.60 -1.17 9.83
CA SER A 13 -2.20 -0.89 11.12
C SER A 13 -1.21 -0.20 12.02
N GLU A 14 0.02 -0.69 12.00
CA GLU A 14 1.09 -0.12 12.82
C GLU A 14 1.29 1.35 12.49
N ALA A 15 1.22 1.66 11.20
CA ALA A 15 1.40 3.03 10.75
C ALA A 15 0.18 3.85 10.98
N TYR A 16 -0.94 3.28 10.60
CA TYR A 16 -2.22 3.94 10.75
C TYR A 16 -2.32 4.56 12.15
N LYS A 17 -1.62 3.95 13.10
CA LYS A 17 -1.59 4.45 14.46
C LYS A 17 -0.71 5.70 14.54
N ASP A 18 -0.07 6.05 13.42
CA ASP A 18 0.79 7.23 13.36
C ASP A 18 0.02 8.48 13.77
N PRO A 19 0.40 9.13 14.87
CA PRO A 19 -0.28 10.34 15.35
C PRO A 19 -0.54 11.37 14.25
N GLU A 20 0.28 11.36 13.20
CA GLU A 20 0.10 12.30 12.10
C GLU A 20 -0.66 11.66 10.96
N VAL A 21 -1.28 10.55 11.29
CA VAL A 21 -2.13 9.80 10.40
C VAL A 21 -3.51 9.78 11.05
N LYS A 22 -3.49 9.70 12.39
CA LYS A 22 -4.70 9.75 13.19
C LYS A 22 -5.39 11.06 12.89
N ALA A 23 -4.58 12.10 12.75
CA ALA A 23 -5.09 13.43 12.45
C ALA A 23 -5.66 13.44 11.04
N ASN A 24 -5.14 12.54 10.21
CA ASN A 24 -5.59 12.43 8.85
C ASN A 24 -6.55 11.26 8.70
N GLU A 25 -7.79 11.47 9.13
CA GLU A 25 -8.82 10.43 9.07
C GLU A 25 -8.84 9.75 7.71
N PHE A 26 -8.44 10.48 6.67
CA PHE A 26 -8.43 9.93 5.33
C PHE A 26 -7.21 9.04 5.10
N LEU A 27 -6.08 9.43 5.68
CA LEU A 27 -4.85 8.66 5.54
C LEU A 27 -4.91 7.37 6.34
N SER A 28 -5.33 7.46 7.60
CA SER A 28 -5.41 6.29 8.44
C SER A 28 -6.53 5.37 7.98
N LYS A 29 -7.68 5.94 7.68
CA LYS A 29 -8.83 5.17 7.21
C LYS A 29 -8.44 4.32 6.00
N LEU A 30 -7.68 4.91 5.07
CA LEU A 30 -7.25 4.17 3.89
C LEU A 30 -6.29 3.07 4.32
N VAL A 31 -5.41 3.41 5.25
CA VAL A 31 -4.46 2.44 5.78
C VAL A 31 -5.23 1.36 6.52
N VAL A 32 -6.36 1.76 7.09
CA VAL A 32 -7.23 0.85 7.82
C VAL A 32 -7.94 -0.08 6.85
N GLN A 33 -8.79 0.49 6.01
CA GLN A 33 -9.51 -0.28 5.01
C GLN A 33 -8.54 -1.19 4.29
N CYS A 34 -7.46 -0.59 3.81
CA CYS A 34 -6.41 -1.34 3.13
C CYS A 34 -6.00 -2.49 4.03
N ALA A 35 -5.86 -2.17 5.31
CA ALA A 35 -5.50 -3.15 6.31
C ALA A 35 -6.53 -4.25 6.40
N GLY A 36 -7.79 -3.87 6.22
CA GLY A 36 -8.88 -4.83 6.27
C GLY A 36 -9.01 -5.60 4.97
N LYS A 37 -8.65 -4.95 3.85
CA LYS A 37 -8.70 -5.58 2.55
C LYS A 37 -7.65 -6.67 2.43
N LEU A 38 -6.66 -6.63 3.32
CA LEU A 38 -5.59 -7.62 3.30
C LEU A 38 -6.05 -8.91 3.96
N THR A 39 -6.92 -8.79 4.96
CA THR A 39 -7.45 -9.94 5.66
C THR A 39 -7.87 -11.00 4.68
N ALA A 40 -8.67 -10.57 3.72
CA ALA A 40 -9.15 -11.46 2.70
C ALA A 40 -8.08 -11.68 1.64
N SER A 41 -6.83 -11.75 2.04
CA SER A 41 -5.73 -11.96 1.10
C SER A 41 -6.03 -13.15 0.20
N ASN A 42 -6.91 -14.04 0.66
CA ASN A 42 -7.31 -15.19 -0.14
C ASN A 42 -7.70 -14.70 -1.53
N SER A 43 -8.16 -13.46 -1.59
CA SER A 43 -8.53 -12.83 -2.82
C SER A 43 -7.33 -12.01 -3.27
N GLU A 44 -6.29 -12.71 -3.70
CA GLU A 44 -5.07 -12.06 -4.12
C GLU A 44 -5.35 -11.06 -5.22
N ASN A 45 -6.42 -11.32 -5.94
CA ASN A 45 -6.82 -10.42 -7.01
C ASN A 45 -7.16 -9.06 -6.42
N SER A 46 -7.75 -9.11 -5.25
CA SER A 46 -8.14 -7.91 -4.51
C SER A 46 -6.96 -7.32 -3.74
N TYR A 47 -6.00 -8.18 -3.42
CA TYR A 47 -4.82 -7.79 -2.72
C TYR A 47 -3.80 -7.27 -3.72
N ILE A 48 -4.08 -7.59 -4.99
CA ILE A 48 -3.26 -7.17 -6.13
C ILE A 48 -3.68 -5.78 -6.56
N GLU A 49 -4.98 -5.55 -6.54
CA GLU A 49 -5.50 -4.26 -6.88
C GLU A 49 -5.14 -3.31 -5.78
N VAL A 50 -5.55 -3.65 -4.57
CA VAL A 50 -5.20 -2.84 -3.43
C VAL A 50 -3.68 -2.75 -3.36
N ILE A 51 -3.03 -3.77 -3.93
CA ILE A 51 -1.59 -3.80 -3.97
C ILE A 51 -1.08 -2.79 -4.99
N SER A 52 -1.86 -2.55 -6.04
CA SER A 52 -1.49 -1.58 -7.04
C SER A 52 -1.70 -0.20 -6.47
N LEU A 53 -2.84 -0.08 -5.81
CA LEU A 53 -3.26 1.14 -5.18
C LEU A 53 -2.43 1.43 -3.95
N LEU A 54 -1.71 0.44 -3.46
CA LEU A 54 -0.88 0.64 -2.29
C LEU A 54 0.42 1.36 -2.64
N SER A 55 1.22 0.72 -3.49
CA SER A 55 2.50 1.30 -3.89
C SER A 55 2.35 2.73 -4.42
N ARG A 56 1.24 3.02 -5.09
CA ARG A 56 1.00 4.35 -5.66
C ARG A 56 -0.23 5.03 -5.05
N GLY A 57 -1.08 4.23 -4.40
CA GLY A 57 -2.29 4.76 -3.80
C GLY A 57 -2.02 5.70 -2.64
N ILE A 58 -1.03 5.36 -1.83
CA ILE A 58 -0.71 6.19 -0.67
C ILE A 58 0.01 7.47 -1.10
N SER A 59 0.39 7.55 -2.37
CA SER A 59 1.08 8.73 -2.88
C SER A 59 0.24 9.44 -3.95
N SER A 60 -0.70 8.70 -4.54
CA SER A 60 -1.56 9.25 -5.59
C SER A 60 -2.62 10.17 -4.99
N TYR A 61 -3.27 9.72 -3.92
CA TYR A 61 -4.32 10.51 -3.27
C TYR A 61 -3.83 11.93 -2.96
N TYR A 62 -4.54 12.92 -3.49
CA TYR A 62 -4.19 14.32 -3.26
C TYR A 62 -2.69 14.57 -3.45
N LEU A 63 -1.92 14.41 -2.38
CA LEU A 63 -0.48 14.61 -2.44
C LEU A 63 -0.14 16.04 -2.87
N SER A 64 -0.11 16.95 -1.91
CA SER A 64 0.19 18.35 -2.20
C SER A 64 1.58 18.71 -1.68
N HIS A 65 2.52 17.76 -1.79
CA HIS A 65 3.90 17.96 -1.34
C HIS A 65 3.96 18.53 0.08
N LYS A 66 4.53 17.76 1.00
CA LYS A 66 4.67 18.19 2.39
C LYS A 66 3.31 18.36 3.06
N ARG A 67 3.32 18.61 4.37
CA ARG A 67 2.10 18.78 5.15
C ARG A 67 1.35 17.46 5.33
N ILE A 68 1.96 16.36 4.89
CA ILE A 68 1.33 15.04 5.02
C ILE A 68 2.38 13.93 4.98
N ILE A 69 1.93 12.69 5.12
CA ILE A 69 2.83 11.53 5.10
C ILE A 69 3.89 11.63 6.20
N PRO A 70 3.59 11.09 7.40
CA PRO A 70 4.52 11.13 8.52
C PRO A 70 5.49 9.95 8.52
N SER A 71 6.07 9.66 7.35
CA SER A 71 7.04 8.56 7.21
C SER A 71 6.35 7.20 7.19
N SER A 72 5.43 6.98 8.13
CA SER A 72 4.70 5.72 8.23
C SER A 72 3.82 5.46 7.02
N MET A 73 4.13 6.09 5.90
CA MET A 73 3.37 5.89 4.68
C MET A 73 4.25 5.22 3.65
N LEU A 74 5.25 5.94 3.18
CA LEU A 74 6.17 5.43 2.20
C LEU A 74 6.74 4.09 2.62
N THR A 75 6.89 3.88 3.93
CA THR A 75 7.43 2.63 4.44
C THR A 75 6.55 1.47 4.04
N ILE A 76 5.28 1.74 3.86
CA ILE A 76 4.35 0.71 3.48
C ILE A 76 4.41 0.47 1.98
N TYR A 77 4.17 1.53 1.21
CA TYR A 77 4.22 1.42 -0.24
C TYR A 77 5.62 0.98 -0.67
N THR A 78 6.62 1.39 0.10
CA THR A 78 8.00 1.00 -0.16
C THR A 78 8.13 -0.50 0.07
N GLN A 79 7.42 -0.96 1.09
CA GLN A 79 7.41 -2.35 1.47
C GLN A 79 6.68 -3.14 0.39
N ILE A 80 5.65 -2.50 -0.14
CA ILE A 80 4.84 -3.07 -1.20
C ILE A 80 5.72 -3.39 -2.40
N GLN A 81 6.49 -2.40 -2.86
CA GLN A 81 7.39 -2.58 -3.98
C GLN A 81 8.42 -3.65 -3.63
N LYS A 82 8.68 -3.80 -2.34
CA LYS A 82 9.61 -4.80 -1.85
C LYS A 82 9.00 -6.16 -1.88
N ASP A 83 7.71 -6.22 -1.65
CA ASP A 83 7.00 -7.48 -1.67
C ASP A 83 6.94 -7.92 -3.11
N ILE A 84 6.76 -6.92 -3.96
CA ILE A 84 6.70 -7.10 -5.38
C ILE A 84 7.94 -7.85 -5.85
N LYS A 85 9.09 -7.24 -5.58
CA LYS A 85 10.37 -7.79 -5.97
C LYS A 85 10.77 -8.96 -5.10
N ASN A 86 10.39 -8.89 -3.83
CA ASN A 86 10.74 -9.95 -2.91
C ASN A 86 10.01 -11.26 -3.23
N GLY A 87 9.03 -11.19 -4.11
CA GLY A 87 8.27 -12.37 -4.47
C GLY A 87 7.20 -12.67 -3.46
N ASN A 88 6.58 -11.62 -2.94
CA ASN A 88 5.51 -11.74 -1.97
C ASN A 88 4.18 -11.47 -2.67
N ILE A 89 4.27 -10.65 -3.70
CA ILE A 89 3.17 -10.27 -4.53
C ILE A 89 3.30 -10.99 -5.85
N ASP A 90 2.29 -10.92 -6.68
CA ASP A 90 2.36 -11.56 -7.99
C ASP A 90 2.36 -10.51 -9.05
N THR A 91 3.48 -9.81 -9.14
CA THR A 91 3.62 -8.75 -10.12
C THR A 91 3.26 -9.19 -11.51
N GLU A 92 3.20 -10.49 -11.74
CA GLU A 92 2.80 -11.00 -13.04
C GLU A 92 1.31 -10.72 -13.21
N LYS A 93 0.58 -10.88 -12.09
CA LYS A 93 -0.84 -10.64 -12.06
C LYS A 93 -1.11 -9.14 -12.00
N LEU A 94 -0.33 -8.45 -11.19
CA LEU A 94 -0.44 -7.01 -11.07
C LEU A 94 0.13 -6.35 -12.30
N ARG A 95 0.95 -7.10 -13.05
CA ARG A 95 1.55 -6.59 -14.25
C ARG A 95 0.50 -6.49 -15.33
N LYS A 96 -0.36 -7.49 -15.39
CA LYS A 96 -1.44 -7.50 -16.38
C LYS A 96 -2.51 -6.54 -15.94
N TYR A 97 -2.73 -6.53 -14.64
CA TYR A 97 -3.71 -5.68 -14.03
C TYR A 97 -3.27 -4.22 -14.10
N GLU A 98 -1.98 -3.99 -13.86
CA GLU A 98 -1.43 -2.64 -13.92
C GLU A 98 -1.57 -2.11 -15.34
N ILE A 99 -1.51 -3.01 -16.32
CA ILE A 99 -1.66 -2.60 -17.71
C ILE A 99 -2.99 -1.93 -17.90
N ALA A 100 -4.02 -2.64 -17.49
CA ALA A 100 -5.38 -2.15 -17.59
C ALA A 100 -5.63 -0.97 -16.68
N LYS A 101 -4.61 -0.60 -15.92
CA LYS A 101 -4.69 0.49 -14.99
C LYS A 101 -3.89 1.72 -15.45
N GLY A 102 -2.63 1.49 -15.75
CA GLY A 102 -1.74 2.56 -16.17
C GLY A 102 -1.28 3.39 -15.00
N LEU A 103 -0.98 2.72 -13.89
CA LEU A 103 -0.55 3.38 -12.67
C LEU A 103 0.94 3.14 -12.38
N MET A 104 1.74 3.09 -13.43
CA MET A 104 3.18 2.87 -13.29
C MET A 104 3.92 4.19 -13.07
N SER A 105 4.11 4.56 -11.81
CA SER A 105 4.80 5.81 -11.48
C SER A 105 5.20 5.85 -10.00
N VAL A 106 6.32 5.21 -9.68
CA VAL A 106 6.81 5.18 -8.30
C VAL A 106 8.14 4.43 -8.19
N PRO A 107 9.15 4.84 -8.97
CA PRO A 107 10.46 4.18 -8.94
C PRO A 107 11.39 4.77 -7.89
N TYR A 108 10.79 5.51 -6.97
CA TYR A 108 11.51 6.10 -5.87
C TYR A 108 11.08 5.40 -4.58
N ILE A 109 11.43 6.00 -3.43
CA ILE A 109 11.07 5.46 -2.11
C ILE A 109 12.07 5.90 -1.06
N TYR A 110 11.68 6.89 -0.26
CA TYR A 110 12.54 7.41 0.78
C TYR A 110 12.03 7.01 2.16
N PHE A 111 11.45 5.83 2.23
CA PHE A 111 10.91 5.30 3.49
C PHE A 111 10.08 6.35 4.22
N MET A 1 -5.10 -12.43 5.94
CA MET A 1 -4.04 -12.36 4.91
C MET A 1 -3.01 -13.45 5.09
N ASP A 2 -2.01 -13.44 4.24
CA ASP A 2 -0.92 -14.38 4.32
C ASP A 2 0.18 -13.73 5.14
N ILE A 3 1.37 -14.29 5.09
CA ILE A 3 2.48 -13.74 5.85
C ILE A 3 3.06 -12.49 5.21
N LYS A 4 3.36 -12.57 3.93
CA LYS A 4 3.94 -11.43 3.24
C LYS A 4 3.06 -10.20 3.38
N SER A 5 1.74 -10.39 3.31
CA SER A 5 0.78 -9.29 3.45
C SER A 5 0.45 -9.03 4.92
N GLN A 6 0.78 -9.99 5.79
CA GLN A 6 0.46 -9.90 7.21
C GLN A 6 1.11 -8.73 7.92
N THR A 7 2.41 -8.65 7.85
CA THR A 7 3.12 -7.58 8.54
C THR A 7 2.91 -6.26 7.87
N LEU A 8 2.61 -6.30 6.58
CA LEU A 8 2.35 -5.08 5.86
C LEU A 8 1.00 -4.56 6.28
N TYR A 9 0.05 -5.48 6.39
CA TYR A 9 -1.28 -5.11 6.83
C TYR A 9 -1.22 -4.80 8.31
N LEU A 10 -0.70 -5.73 9.08
CA LEU A 10 -0.55 -5.52 10.51
C LEU A 10 0.14 -4.20 10.77
N ASN A 11 1.06 -3.84 9.87
CA ASN A 11 1.77 -2.58 9.99
C ASN A 11 0.84 -1.44 9.60
N LEU A 12 -0.09 -1.73 8.69
CA LEU A 12 -1.05 -0.73 8.24
C LEU A 12 -1.86 -0.22 9.41
N SER A 13 -2.39 -1.15 10.20
CA SER A 13 -3.18 -0.78 11.37
C SER A 13 -2.30 -0.07 12.37
N GLU A 14 -1.12 -0.63 12.60
CA GLU A 14 -0.18 -0.06 13.55
C GLU A 14 0.32 1.30 13.07
N ALA A 15 0.39 1.45 11.76
CA ALA A 15 0.83 2.70 11.16
C ALA A 15 -0.28 3.71 11.21
N TYR A 16 -1.46 3.26 10.85
CA TYR A 16 -2.62 4.11 10.87
C TYR A 16 -2.74 4.76 12.25
N LYS A 17 -2.20 4.06 13.24
CA LYS A 17 -2.18 4.58 14.60
C LYS A 17 -1.09 5.65 14.74
N ASP A 18 -0.33 5.85 13.65
CA ASP A 18 0.72 6.85 13.63
C ASP A 18 0.13 8.22 13.95
N PRO A 19 0.56 8.84 15.05
CA PRO A 19 0.06 10.15 15.50
C PRO A 19 0.08 11.22 14.42
N GLU A 20 0.79 10.98 13.33
CA GLU A 20 0.84 11.94 12.24
C GLU A 20 0.09 11.44 11.03
N VAL A 21 -0.72 10.44 11.32
CA VAL A 21 -1.62 9.83 10.35
C VAL A 21 -3.01 10.02 10.90
N LYS A 22 -3.11 9.98 12.23
CA LYS A 22 -4.35 10.21 12.94
C LYS A 22 -4.85 11.60 12.57
N ALA A 23 -3.90 12.50 12.40
CA ALA A 23 -4.21 13.87 12.01
C ALA A 23 -4.79 13.89 10.61
N ASN A 24 -4.49 12.83 9.85
CA ASN A 24 -4.99 12.70 8.50
C ASN A 24 -5.97 11.54 8.37
N GLU A 25 -7.17 11.74 8.89
CA GLU A 25 -8.21 10.72 8.85
C GLU A 25 -8.33 10.10 7.46
N PHE A 26 -8.03 10.91 6.45
CA PHE A 26 -8.10 10.47 5.06
C PHE A 26 -7.06 9.39 4.77
N LEU A 27 -5.81 9.68 5.13
CA LEU A 27 -4.72 8.75 4.90
C LEU A 27 -4.82 7.54 5.83
N SER A 28 -5.25 7.76 7.07
CA SER A 28 -5.40 6.67 8.02
C SER A 28 -6.56 5.79 7.62
N LYS A 29 -7.70 6.43 7.31
CA LYS A 29 -8.87 5.70 6.86
C LYS A 29 -8.52 4.78 5.71
N LEU A 30 -7.60 5.25 4.87
CA LEU A 30 -7.13 4.46 3.74
C LEU A 30 -6.28 3.33 4.26
N VAL A 31 -5.40 3.66 5.20
CA VAL A 31 -4.53 2.67 5.81
C VAL A 31 -5.39 1.65 6.56
N VAL A 32 -6.53 2.12 7.04
CA VAL A 32 -7.48 1.29 7.75
C VAL A 32 -8.18 0.35 6.79
N GLN A 33 -8.99 0.92 5.92
CA GLN A 33 -9.70 0.14 4.91
C GLN A 33 -8.74 -0.80 4.21
N CYS A 34 -7.62 -0.23 3.79
CA CYS A 34 -6.58 -1.01 3.12
C CYS A 34 -6.21 -2.20 4.01
N ALA A 35 -6.21 -1.95 5.32
CA ALA A 35 -5.89 -2.99 6.28
C ALA A 35 -6.94 -4.09 6.24
N GLY A 36 -8.17 -3.70 5.96
CA GLY A 36 -9.26 -4.65 5.88
C GLY A 36 -9.27 -5.36 4.54
N LYS A 37 -8.84 -4.66 3.50
CA LYS A 37 -8.77 -5.22 2.18
C LYS A 37 -7.57 -6.16 2.07
N LEU A 38 -6.72 -6.12 3.10
CA LEU A 38 -5.53 -6.95 3.14
C LEU A 38 -5.83 -8.27 3.84
N THR A 39 -6.73 -8.21 4.83
CA THR A 39 -7.10 -9.41 5.57
C THR A 39 -7.43 -10.56 4.62
N ALA A 40 -7.87 -10.21 3.42
CA ALA A 40 -8.19 -11.22 2.42
C ALA A 40 -7.04 -11.41 1.45
N SER A 41 -5.82 -11.19 1.91
CA SER A 41 -4.66 -11.33 1.05
C SER A 41 -4.67 -12.69 0.37
N ASN A 42 -5.38 -13.66 0.98
CA ASN A 42 -5.52 -14.98 0.38
C ASN A 42 -5.92 -14.81 -1.07
N SER A 43 -6.64 -13.72 -1.33
CA SER A 43 -7.06 -13.35 -2.65
C SER A 43 -6.00 -12.41 -3.19
N GLU A 44 -4.84 -12.96 -3.50
CA GLU A 44 -3.72 -12.16 -3.98
C GLU A 44 -4.12 -11.38 -5.20
N ASN A 45 -5.10 -11.88 -5.90
CA ASN A 45 -5.61 -11.20 -7.08
C ASN A 45 -6.40 -9.98 -6.65
N SER A 46 -7.07 -10.14 -5.54
CA SER A 46 -7.88 -9.10 -4.95
C SER A 46 -7.00 -8.16 -4.13
N TYR A 47 -5.92 -8.73 -3.61
CA TYR A 47 -4.95 -8.00 -2.86
C TYR A 47 -4.03 -7.33 -3.85
N ILE A 48 -3.99 -7.90 -5.06
CA ILE A 48 -3.21 -7.39 -6.18
C ILE A 48 -3.79 -6.09 -6.65
N GLU A 49 -5.11 -6.03 -6.63
CA GLU A 49 -5.78 -4.84 -7.04
C GLU A 49 -5.54 -3.79 -6.00
N VAL A 50 -6.02 -4.06 -4.80
CA VAL A 50 -5.78 -3.15 -3.70
C VAL A 50 -4.28 -2.94 -3.55
N ILE A 51 -3.50 -3.90 -4.05
CA ILE A 51 -2.05 -3.80 -4.00
C ILE A 51 -1.59 -2.81 -5.06
N SER A 52 -2.27 -2.84 -6.20
CA SER A 52 -1.97 -1.94 -7.28
C SER A 52 -2.44 -0.54 -6.93
N LEU A 53 -3.49 -0.48 -6.11
CA LEU A 53 -4.06 0.78 -5.68
C LEU A 53 -3.38 1.29 -4.42
N LEU A 54 -2.63 0.42 -3.73
CA LEU A 54 -1.96 0.83 -2.54
C LEU A 54 -0.73 1.63 -2.91
N SER A 55 0.04 1.12 -3.89
CA SER A 55 1.21 1.84 -4.37
C SER A 55 0.81 3.26 -4.70
N ARG A 56 0.15 3.43 -5.85
CA ARG A 56 -0.34 4.75 -6.25
C ARG A 56 -1.17 5.33 -5.12
N GLY A 57 -1.81 4.45 -4.36
CA GLY A 57 -2.62 4.87 -3.24
C GLY A 57 -1.92 5.88 -2.37
N ILE A 58 -1.15 5.38 -1.41
CA ILE A 58 -0.40 6.24 -0.50
C ILE A 58 0.79 6.87 -1.22
N SER A 59 0.48 7.73 -2.20
CA SER A 59 1.50 8.40 -2.98
C SER A 59 0.88 9.26 -4.07
N SER A 60 0.28 8.60 -5.03
CA SER A 60 -0.36 9.26 -6.16
C SER A 60 -1.69 9.91 -5.79
N TYR A 61 -2.23 9.55 -4.62
CA TYR A 61 -3.50 10.11 -4.16
C TYR A 61 -3.52 11.63 -4.29
N TYR A 62 -4.66 12.23 -3.99
CA TYR A 62 -4.81 13.69 -4.07
C TYR A 62 -3.66 14.39 -3.36
N LEU A 63 -2.61 14.72 -4.11
CA LEU A 63 -1.44 15.38 -3.57
C LEU A 63 -0.47 15.75 -4.68
N SER A 64 -0.62 16.97 -5.20
CA SER A 64 0.25 17.45 -6.26
C SER A 64 1.60 17.91 -5.71
N HIS A 65 1.61 18.29 -4.44
CA HIS A 65 2.83 18.76 -3.79
C HIS A 65 2.76 18.50 -2.28
N LYS A 66 3.85 18.83 -1.59
CA LYS A 66 3.92 18.64 -0.15
C LYS A 66 3.79 17.17 0.22
N ARG A 67 4.18 16.83 1.44
CA ARG A 67 4.11 15.45 1.92
C ARG A 67 4.35 15.40 3.42
N ILE A 68 3.45 14.73 4.14
CA ILE A 68 3.55 14.62 5.58
C ILE A 68 3.71 13.16 6.02
N ILE A 69 4.26 12.33 5.13
CA ILE A 69 4.47 10.92 5.43
C ILE A 69 5.26 10.74 6.73
N PRO A 70 4.60 10.32 7.82
CA PRO A 70 5.25 10.12 9.11
C PRO A 70 5.91 8.74 9.24
N SER A 71 6.62 8.32 8.21
CA SER A 71 7.31 7.03 8.21
C SER A 71 6.34 5.86 8.02
N SER A 72 5.26 5.83 8.80
CA SER A 72 4.27 4.75 8.72
C SER A 72 3.57 4.68 7.36
N MET A 73 4.16 5.30 6.36
CA MET A 73 3.62 5.27 5.01
C MET A 73 4.73 4.89 4.03
N LEU A 74 5.96 5.21 4.42
CA LEU A 74 7.13 4.89 3.62
C LEU A 74 7.50 3.42 3.76
N THR A 75 7.06 2.81 4.84
CA THR A 75 7.35 1.41 5.09
C THR A 75 6.38 0.51 4.32
N ILE A 76 5.10 0.85 4.39
CA ILE A 76 4.07 0.08 3.71
C ILE A 76 4.24 0.13 2.20
N TYR A 77 3.90 1.28 1.62
CA TYR A 77 4.02 1.49 0.18
C TYR A 77 5.36 0.99 -0.34
N THR A 78 6.36 1.04 0.51
CA THR A 78 7.67 0.58 0.11
C THR A 78 7.79 -0.92 0.33
N GLN A 79 7.15 -1.41 1.38
CA GLN A 79 7.16 -2.82 1.70
C GLN A 79 6.59 -3.60 0.53
N ILE A 80 5.53 -3.07 -0.06
CA ILE A 80 4.89 -3.70 -1.20
C ILE A 80 5.87 -3.88 -2.33
N GLN A 81 6.58 -2.82 -2.67
CA GLN A 81 7.53 -2.88 -3.74
C GLN A 81 8.57 -3.96 -3.48
N LYS A 82 8.78 -4.27 -2.21
CA LYS A 82 9.73 -5.30 -1.83
C LYS A 82 9.20 -6.68 -2.07
N ASP A 83 7.96 -6.90 -1.71
CA ASP A 83 7.34 -8.18 -1.93
C ASP A 83 7.02 -8.28 -3.40
N ILE A 84 6.76 -7.11 -3.94
CA ILE A 84 6.45 -6.94 -5.33
C ILE A 84 7.60 -7.42 -6.21
N LYS A 85 8.81 -6.85 -6.02
CA LYS A 85 9.94 -7.27 -6.82
C LYS A 85 10.45 -8.59 -6.31
N ASN A 86 10.35 -8.78 -5.00
CA ASN A 86 10.83 -10.01 -4.39
C ASN A 86 10.08 -11.22 -4.95
N GLY A 87 8.95 -10.98 -5.59
CA GLY A 87 8.17 -12.08 -6.12
C GLY A 87 7.36 -12.74 -5.03
N ASN A 88 7.03 -11.95 -4.02
CA ASN A 88 6.22 -12.42 -2.93
C ASN A 88 4.78 -12.12 -3.29
N ILE A 89 4.65 -11.14 -4.18
CA ILE A 89 3.39 -10.70 -4.67
C ILE A 89 3.23 -11.17 -6.08
N ASP A 90 2.03 -11.03 -6.57
CA ASP A 90 1.70 -11.46 -7.87
C ASP A 90 1.96 -10.36 -8.85
N THR A 91 3.19 -9.87 -8.85
CA THR A 91 3.58 -8.78 -9.71
C THR A 91 3.29 -9.08 -11.16
N GLU A 92 3.42 -10.34 -11.57
CA GLU A 92 3.10 -10.70 -12.93
C GLU A 92 1.62 -10.43 -13.14
N LYS A 93 0.87 -10.64 -12.07
CA LYS A 93 -0.55 -10.39 -12.06
C LYS A 93 -0.78 -8.90 -11.88
N LEU A 94 -0.02 -8.32 -10.95
CA LEU A 94 -0.07 -6.89 -10.68
C LEU A 94 0.15 -6.13 -11.96
N ARG A 95 1.05 -6.64 -12.78
CA ARG A 95 1.36 -6.00 -14.03
C ARG A 95 0.17 -6.04 -14.97
N LYS A 96 -0.40 -7.22 -15.14
CA LYS A 96 -1.54 -7.35 -16.03
C LYS A 96 -2.67 -6.49 -15.54
N TYR A 97 -2.69 -6.24 -14.24
CA TYR A 97 -3.70 -5.43 -13.64
C TYR A 97 -3.35 -3.95 -13.78
N GLU A 98 -2.18 -3.57 -13.26
CA GLU A 98 -1.71 -2.20 -13.32
C GLU A 98 -1.64 -1.74 -14.75
N ILE A 99 -1.26 -2.64 -15.65
CA ILE A 99 -1.19 -2.30 -17.05
C ILE A 99 -2.58 -1.97 -17.53
N ALA A 100 -3.48 -2.86 -17.18
CA ALA A 100 -4.89 -2.71 -17.54
C ALA A 100 -5.54 -1.57 -16.77
N LYS A 101 -4.78 -0.95 -15.86
CA LYS A 101 -5.28 0.14 -15.06
C LYS A 101 -4.66 1.46 -15.48
N GLY A 102 -3.40 1.42 -15.84
CA GLY A 102 -2.69 2.62 -16.27
C GLY A 102 -2.16 3.43 -15.08
N LEU A 103 -1.67 2.73 -14.07
CA LEU A 103 -1.14 3.38 -12.88
C LEU A 103 0.35 3.67 -13.01
N MET A 104 1.02 3.88 -11.87
CA MET A 104 2.44 4.18 -11.85
C MET A 104 3.26 2.90 -11.74
N SER A 105 4.57 3.07 -11.66
CA SER A 105 5.49 1.95 -11.55
C SER A 105 6.90 2.43 -11.24
N VAL A 106 7.20 2.54 -9.95
CA VAL A 106 8.52 3.01 -9.53
C VAL A 106 9.00 2.27 -8.27
N PRO A 107 10.31 1.97 -8.20
CA PRO A 107 10.94 1.26 -7.08
C PRO A 107 10.48 1.75 -5.69
N TYR A 108 11.36 1.60 -4.71
CA TYR A 108 11.07 2.00 -3.33
C TYR A 108 11.13 3.52 -3.14
N ILE A 109 11.04 4.27 -4.24
CA ILE A 109 11.12 5.74 -4.20
C ILE A 109 10.62 6.31 -2.87
N TYR A 110 11.26 7.38 -2.41
CA TYR A 110 10.90 8.01 -1.14
C TYR A 110 9.84 9.09 -1.32
N PHE A 111 8.62 8.66 -1.67
CA PHE A 111 7.50 9.57 -1.87
C PHE A 111 6.36 8.87 -2.62
N MET A 1 -3.89 -13.94 6.69
CA MET A 1 -2.91 -13.60 5.63
C MET A 1 -1.55 -14.19 5.92
N ASP A 2 -0.84 -14.60 4.86
CA ASP A 2 0.49 -15.14 5.06
C ASP A 2 1.38 -14.01 5.55
N ILE A 3 2.50 -14.37 6.14
CA ILE A 3 3.41 -13.39 6.72
C ILE A 3 3.68 -12.18 5.82
N LYS A 4 4.07 -12.42 4.59
CA LYS A 4 4.39 -11.34 3.66
C LYS A 4 3.32 -10.26 3.70
N SER A 5 2.06 -10.68 3.66
CA SER A 5 0.94 -9.75 3.73
C SER A 5 0.60 -9.45 5.19
N GLN A 6 0.92 -10.39 6.07
CA GLN A 6 0.66 -10.26 7.49
C GLN A 6 1.36 -9.08 8.11
N THR A 7 2.63 -8.92 7.80
CA THR A 7 3.38 -7.82 8.35
C THR A 7 3.08 -6.56 7.59
N LEU A 8 2.87 -6.71 6.28
CA LEU A 8 2.50 -5.56 5.48
C LEU A 8 1.12 -5.12 5.95
N TYR A 9 0.34 -6.11 6.35
CA TYR A 9 -0.99 -5.86 6.88
C TYR A 9 -0.87 -5.23 8.24
N LEU A 10 -0.30 -6.00 9.16
CA LEU A 10 -0.10 -5.54 10.52
C LEU A 10 0.58 -4.18 10.50
N ASN A 11 1.41 -3.97 9.48
CA ASN A 11 2.09 -2.70 9.33
C ASN A 11 1.06 -1.62 9.01
N LEU A 12 0.02 -2.01 8.27
CA LEU A 12 -1.06 -1.09 7.93
C LEU A 12 -1.67 -0.52 9.19
N SER A 13 -2.14 -1.42 10.05
CA SER A 13 -2.74 -1.02 11.30
C SER A 13 -1.76 -0.22 12.15
N GLU A 14 -0.53 -0.70 12.19
CA GLU A 14 0.52 -0.04 12.96
C GLU A 14 0.81 1.34 12.41
N ALA A 15 0.64 1.49 11.10
CA ALA A 15 0.87 2.77 10.45
C ALA A 15 -0.29 3.68 10.64
N TYR A 16 -1.47 3.15 10.37
CA TYR A 16 -2.68 3.90 10.50
C TYR A 16 -2.76 4.49 11.91
N LYS A 17 -2.10 3.82 12.85
CA LYS A 17 -2.05 4.30 14.21
C LYS A 17 -0.86 5.24 14.37
N ASP A 18 -0.24 5.61 13.26
CA ASP A 18 0.89 6.53 13.27
C ASP A 18 0.39 7.90 13.70
N PRO A 19 0.99 8.48 14.74
CA PRO A 19 0.57 9.79 15.26
C PRO A 19 0.41 10.88 14.20
N GLU A 20 1.07 10.73 13.07
CA GLU A 20 0.94 11.70 12.00
C GLU A 20 0.07 11.16 10.89
N VAL A 21 -0.65 10.13 11.26
CA VAL A 21 -1.63 9.48 10.42
C VAL A 21 -2.96 9.63 11.13
N LYS A 22 -2.90 9.51 12.45
CA LYS A 22 -4.06 9.71 13.29
C LYS A 22 -4.65 11.07 12.96
N ALA A 23 -3.75 11.99 12.62
CA ALA A 23 -4.12 13.34 12.28
C ALA A 23 -4.81 13.40 10.94
N ASN A 24 -4.43 12.48 10.04
CA ASN A 24 -5.03 12.47 8.73
C ASN A 24 -6.13 11.43 8.60
N GLU A 25 -7.21 11.81 7.91
CA GLU A 25 -8.37 10.95 7.73
C GLU A 25 -8.17 9.94 6.61
N PHE A 26 -8.22 10.41 5.37
CA PHE A 26 -8.06 9.55 4.21
C PHE A 26 -6.85 8.65 4.34
N LEU A 27 -5.74 9.23 4.74
CA LEU A 27 -4.50 8.48 4.90
C LEU A 27 -4.67 7.32 5.86
N SER A 28 -5.20 7.57 7.06
CA SER A 28 -5.40 6.50 8.02
C SER A 28 -6.56 5.62 7.57
N LYS A 29 -7.68 6.27 7.26
CA LYS A 29 -8.86 5.56 6.79
C LYS A 29 -8.49 4.61 5.65
N LEU A 30 -7.67 5.09 4.71
CA LEU A 30 -7.24 4.27 3.60
C LEU A 30 -6.48 3.06 4.10
N VAL A 31 -5.48 3.30 4.94
CA VAL A 31 -4.70 2.22 5.52
C VAL A 31 -5.64 1.27 6.25
N VAL A 32 -6.67 1.85 6.85
CA VAL A 32 -7.67 1.08 7.57
C VAL A 32 -8.44 0.19 6.63
N GLN A 33 -9.20 0.83 5.75
CA GLN A 33 -9.98 0.11 4.74
C GLN A 33 -9.06 -0.89 4.02
N CYS A 34 -7.97 -0.36 3.51
CA CYS A 34 -6.97 -1.15 2.82
C CYS A 34 -6.55 -2.34 3.67
N ALA A 35 -6.52 -2.12 5.00
CA ALA A 35 -6.15 -3.17 5.93
C ALA A 35 -7.16 -4.31 5.89
N GLY A 36 -8.43 -3.95 5.79
CA GLY A 36 -9.48 -4.95 5.73
C GLY A 36 -9.47 -5.73 4.43
N LYS A 37 -8.82 -5.15 3.42
CA LYS A 37 -8.72 -5.78 2.12
C LYS A 37 -7.68 -6.88 2.14
N LEU A 38 -6.64 -6.68 2.94
CA LEU A 38 -5.57 -7.64 3.08
C LEU A 38 -6.08 -8.91 3.75
N THR A 39 -6.90 -8.74 4.78
CA THR A 39 -7.46 -9.88 5.51
C THR A 39 -8.03 -10.91 4.55
N ALA A 40 -8.44 -10.45 3.38
CA ALA A 40 -8.96 -11.33 2.35
C ALA A 40 -7.86 -11.67 1.37
N SER A 41 -6.64 -11.76 1.89
CA SER A 41 -5.48 -12.06 1.05
C SER A 41 -5.74 -13.30 0.21
N ASN A 42 -6.65 -14.14 0.66
CA ASN A 42 -7.03 -15.33 -0.09
C ASN A 42 -7.37 -14.90 -1.52
N SER A 43 -7.84 -13.66 -1.64
CA SER A 43 -8.17 -13.06 -2.90
C SER A 43 -7.02 -12.15 -3.29
N GLU A 44 -5.86 -12.76 -3.54
CA GLU A 44 -4.67 -12.00 -3.89
C GLU A 44 -4.94 -11.12 -5.10
N ASN A 45 -5.91 -11.52 -5.89
CA ASN A 45 -6.29 -10.75 -7.05
C ASN A 45 -6.81 -9.41 -6.60
N SER A 46 -7.50 -9.44 -5.49
CA SER A 46 -8.06 -8.25 -4.86
C SER A 46 -7.01 -7.52 -4.04
N TYR A 47 -6.06 -8.28 -3.53
CA TYR A 47 -4.97 -7.75 -2.75
C TYR A 47 -3.91 -7.26 -3.70
N ILE A 48 -4.11 -7.62 -4.98
CA ILE A 48 -3.27 -7.20 -6.09
C ILE A 48 -3.73 -5.83 -6.52
N GLU A 49 -5.03 -5.66 -6.50
CA GLU A 49 -5.61 -4.40 -6.85
C GLU A 49 -5.28 -3.44 -5.75
N VAL A 50 -5.76 -3.75 -4.56
CA VAL A 50 -5.44 -2.94 -3.40
C VAL A 50 -3.92 -2.80 -3.29
N ILE A 51 -3.21 -3.78 -3.85
CA ILE A 51 -1.76 -3.76 -3.86
C ILE A 51 -1.27 -2.76 -4.90
N SER A 52 -1.97 -2.70 -6.03
CA SER A 52 -1.60 -1.76 -7.05
C SER A 52 -1.99 -0.36 -6.60
N LEU A 53 -3.10 -0.30 -5.87
CA LEU A 53 -3.60 0.95 -5.36
C LEU A 53 -2.73 1.41 -4.19
N LEU A 54 -1.93 0.52 -3.63
CA LEU A 54 -1.07 0.89 -2.53
C LEU A 54 0.15 1.65 -3.02
N SER A 55 0.85 1.06 -3.99
CA SER A 55 2.04 1.70 -4.55
C SER A 55 1.68 2.96 -5.33
N ARG A 56 0.39 3.19 -5.55
CA ARG A 56 -0.06 4.37 -6.27
C ARG A 56 -1.19 5.11 -5.52
N GLY A 57 -1.81 4.43 -4.56
CA GLY A 57 -2.89 5.03 -3.80
C GLY A 57 -2.38 6.03 -2.79
N ILE A 58 -1.35 5.65 -2.06
CA ILE A 58 -0.78 6.50 -1.04
C ILE A 58 -0.04 7.70 -1.63
N SER A 59 0.06 7.77 -2.96
CA SER A 59 0.76 8.88 -3.60
C SER A 59 -0.08 9.50 -4.71
N SER A 60 -0.72 8.66 -5.50
CA SER A 60 -1.53 9.13 -6.62
C SER A 60 -2.87 9.70 -6.15
N TYR A 61 -3.25 9.40 -4.91
CA TYR A 61 -4.52 9.89 -4.37
C TYR A 61 -4.57 11.42 -4.39
N TYR A 62 -4.88 11.98 -5.56
CA TYR A 62 -4.95 13.42 -5.72
C TYR A 62 -3.58 14.06 -5.57
N LEU A 63 -3.01 13.97 -4.37
CA LEU A 63 -1.70 14.53 -4.10
C LEU A 63 -1.72 16.05 -4.18
N SER A 64 -1.52 16.70 -3.04
CA SER A 64 -1.52 18.16 -2.98
C SER A 64 -0.10 18.69 -2.90
N HIS A 65 0.83 17.97 -3.52
CA HIS A 65 2.24 18.35 -3.53
C HIS A 65 2.81 18.32 -2.11
N LYS A 66 2.89 17.13 -1.54
CA LYS A 66 3.42 16.96 -0.18
C LYS A 66 2.59 17.76 0.82
N ARG A 67 1.56 17.12 1.37
CA ARG A 67 0.68 17.76 2.34
C ARG A 67 0.74 17.04 3.68
N ILE A 68 0.69 15.72 3.64
CA ILE A 68 0.73 14.92 4.85
C ILE A 68 1.13 13.48 4.55
N ILE A 69 2.35 13.13 4.93
CA ILE A 69 2.87 11.78 4.70
C ILE A 69 3.97 11.45 5.70
N PRO A 70 3.60 10.91 6.88
CA PRO A 70 4.57 10.56 7.92
C PRO A 70 5.37 9.30 7.59
N SER A 71 6.31 8.96 8.46
CA SER A 71 7.16 7.78 8.27
C SER A 71 6.30 6.56 7.97
N SER A 72 5.24 6.36 8.75
CA SER A 72 4.34 5.22 8.55
C SER A 72 3.62 5.29 7.21
N MET A 73 4.14 6.07 6.28
CA MET A 73 3.57 6.19 4.95
C MET A 73 4.69 6.08 3.91
N LEU A 74 5.85 5.62 4.39
CA LEU A 74 7.02 5.45 3.55
C LEU A 74 7.50 4.01 3.64
N THR A 75 7.36 3.42 4.82
CA THR A 75 7.76 2.04 5.04
C THR A 75 6.75 1.09 4.40
N ILE A 76 5.53 1.58 4.22
CA ILE A 76 4.49 0.78 3.60
C ILE A 76 4.72 0.73 2.10
N TYR A 77 4.63 1.89 1.46
CA TYR A 77 4.87 1.98 0.02
C TYR A 77 6.16 1.24 -0.33
N THR A 78 7.17 1.44 0.49
CA THR A 78 8.46 0.81 0.31
C THR A 78 8.33 -0.71 0.45
N GLN A 79 7.44 -1.12 1.33
CA GLN A 79 7.19 -2.53 1.59
C GLN A 79 6.43 -3.12 0.42
N ILE A 80 5.48 -2.35 -0.06
CA ILE A 80 4.66 -2.72 -1.18
C ILE A 80 5.55 -3.14 -2.35
N GLN A 81 6.47 -2.25 -2.73
CA GLN A 81 7.40 -2.54 -3.80
C GLN A 81 8.35 -3.66 -3.40
N LYS A 82 8.64 -3.71 -2.10
CA LYS A 82 9.52 -4.72 -1.55
C LYS A 82 8.90 -6.09 -1.64
N ASP A 83 7.59 -6.14 -1.59
CA ASP A 83 6.87 -7.38 -1.70
C ASP A 83 6.82 -7.74 -3.16
N ILE A 84 6.80 -6.69 -3.96
CA ILE A 84 6.78 -6.80 -5.39
C ILE A 84 8.06 -7.44 -5.91
N LYS A 85 9.19 -6.85 -5.56
CA LYS A 85 10.46 -7.36 -6.02
C LYS A 85 10.87 -8.58 -5.25
N ASN A 86 10.52 -8.60 -3.97
CA ASN A 86 10.88 -9.71 -3.11
C ASN A 86 10.18 -11.00 -3.53
N GLY A 87 9.09 -10.86 -4.27
CA GLY A 87 8.34 -12.03 -4.70
C GLY A 87 7.31 -12.44 -3.67
N ASN A 88 6.72 -11.45 -3.02
CA ASN A 88 5.70 -11.69 -2.02
C ASN A 88 4.34 -11.45 -2.66
N ILE A 89 4.37 -10.65 -3.71
CA ILE A 89 3.22 -10.31 -4.47
C ILE A 89 3.30 -11.03 -5.80
N ASP A 90 2.26 -10.97 -6.59
CA ASP A 90 2.28 -11.61 -7.88
C ASP A 90 2.30 -10.54 -8.93
N THR A 91 3.43 -9.86 -9.02
CA THR A 91 3.59 -8.78 -9.96
C THR A 91 3.18 -9.19 -11.36
N GLU A 92 3.10 -10.50 -11.62
CA GLU A 92 2.66 -10.97 -12.91
C GLU A 92 1.20 -10.58 -13.05
N LYS A 93 0.48 -10.78 -11.96
CA LYS A 93 -0.92 -10.42 -11.89
C LYS A 93 -1.03 -8.90 -11.84
N LEU A 94 -0.19 -8.31 -11.00
CA LEU A 94 -0.14 -6.86 -10.85
C LEU A 94 0.17 -6.22 -12.19
N ARG A 95 1.01 -6.88 -12.97
CA ARG A 95 1.41 -6.33 -14.24
C ARG A 95 0.25 -6.28 -15.21
N LYS A 96 -0.54 -7.33 -15.25
CA LYS A 96 -1.66 -7.34 -16.16
C LYS A 96 -2.77 -6.46 -15.64
N TYR A 97 -2.85 -6.39 -14.33
CA TYR A 97 -3.85 -5.59 -13.67
C TYR A 97 -3.46 -4.12 -13.68
N GLU A 98 -2.19 -3.84 -13.41
CA GLU A 98 -1.70 -2.47 -13.39
C GLU A 98 -1.78 -1.86 -14.78
N ILE A 99 -1.76 -2.69 -15.81
CA ILE A 99 -1.86 -2.18 -17.16
C ILE A 99 -3.25 -1.70 -17.41
N ALA A 100 -4.20 -2.59 -17.12
CA ALA A 100 -5.60 -2.25 -17.28
C ALA A 100 -5.97 -1.09 -16.40
N LYS A 101 -5.07 -0.76 -15.50
CA LYS A 101 -5.25 0.31 -14.56
C LYS A 101 -4.34 1.50 -14.90
N GLY A 102 -3.21 1.21 -15.53
CA GLY A 102 -2.26 2.25 -15.90
C GLY A 102 -1.50 2.77 -14.69
N LEU A 103 -1.05 1.85 -13.83
CA LEU A 103 -0.33 2.21 -12.60
C LEU A 103 1.16 2.10 -12.74
N MET A 104 1.64 2.52 -13.91
CA MET A 104 3.06 2.49 -14.20
C MET A 104 3.69 3.88 -14.01
N SER A 105 3.78 4.32 -12.76
CA SER A 105 4.37 5.62 -12.44
C SER A 105 4.63 5.77 -10.94
N VAL A 106 5.44 6.77 -10.59
CA VAL A 106 5.76 7.01 -9.19
C VAL A 106 6.76 8.16 -9.03
N PRO A 107 6.49 9.10 -8.12
CA PRO A 107 7.39 10.22 -7.84
C PRO A 107 8.71 9.70 -7.29
N TYR A 108 9.26 10.37 -6.31
CA TYR A 108 10.52 9.95 -5.71
C TYR A 108 10.28 8.70 -4.85
N ILE A 109 11.36 8.19 -4.24
CA ILE A 109 11.27 7.03 -3.37
C ILE A 109 12.64 6.36 -3.24
N TYR A 110 13.28 6.59 -2.09
CA TYR A 110 14.60 6.02 -1.82
C TYR A 110 14.47 4.70 -1.07
N PHE A 111 13.46 3.91 -1.44
CA PHE A 111 13.21 2.62 -0.81
C PHE A 111 13.17 2.75 0.71
N MET A 1 -4.68 -13.32 6.38
CA MET A 1 -3.62 -12.84 5.45
C MET A 1 -2.44 -13.77 5.43
N ASP A 2 -1.49 -13.42 4.57
CA ASP A 2 -0.25 -14.14 4.47
C ASP A 2 0.76 -13.39 5.33
N ILE A 3 2.00 -13.78 5.27
CA ILE A 3 3.01 -13.11 6.08
C ILE A 3 3.40 -11.77 5.49
N LYS A 4 3.82 -11.78 4.24
CA LYS A 4 4.22 -10.54 3.58
C LYS A 4 3.11 -9.50 3.70
N SER A 5 1.88 -9.98 3.80
CA SER A 5 0.72 -9.12 3.97
C SER A 5 0.54 -8.80 5.45
N GLN A 6 0.76 -9.83 6.27
CA GLN A 6 0.62 -9.73 7.72
C GLN A 6 1.34 -8.54 8.31
N THR A 7 2.61 -8.40 8.02
CA THR A 7 3.38 -7.30 8.58
C THR A 7 3.02 -6.03 7.86
N LEU A 8 2.84 -6.11 6.56
CA LEU A 8 2.44 -4.95 5.81
C LEU A 8 1.05 -4.56 6.30
N TYR A 9 0.29 -5.57 6.72
CA TYR A 9 -1.03 -5.38 7.26
C TYR A 9 -0.92 -4.73 8.62
N LEU A 10 -0.32 -5.47 9.54
CA LEU A 10 -0.10 -4.97 10.89
C LEU A 10 0.54 -3.59 10.79
N ASN A 11 1.38 -3.44 9.78
CA ASN A 11 2.03 -2.16 9.55
C ASN A 11 0.97 -1.14 9.18
N LEU A 12 -0.04 -1.59 8.42
CA LEU A 12 -1.15 -0.74 8.03
C LEU A 12 -1.81 -0.18 9.28
N SER A 13 -2.16 -1.07 10.19
CA SER A 13 -2.79 -0.67 11.44
C SER A 13 -1.85 0.21 12.25
N GLU A 14 -0.59 -0.16 12.28
CA GLU A 14 0.40 0.60 13.03
C GLU A 14 0.63 1.96 12.39
N ALA A 15 0.47 2.02 11.09
CA ALA A 15 0.64 3.28 10.38
C ALA A 15 -0.60 4.11 10.53
N TYR A 16 -1.72 3.47 10.32
CA TYR A 16 -3.00 4.10 10.46
C TYR A 16 -3.10 4.65 11.88
N LYS A 17 -2.44 3.94 12.80
CA LYS A 17 -2.40 4.36 14.18
C LYS A 17 -1.19 5.27 14.38
N ASP A 18 -0.62 5.75 13.27
CA ASP A 18 0.51 6.65 13.31
C ASP A 18 0.03 8.05 13.67
N PRO A 19 0.58 8.67 14.71
CA PRO A 19 0.16 10.00 15.17
C PRO A 19 -0.07 11.02 14.06
N GLU A 20 0.73 10.98 12.99
CA GLU A 20 0.56 11.92 11.91
C GLU A 20 -0.29 11.34 10.79
N VAL A 21 -0.97 10.28 11.16
CA VAL A 21 -1.92 9.60 10.30
C VAL A 21 -3.28 9.74 10.98
N LYS A 22 -3.23 9.75 12.31
CA LYS A 22 -4.41 9.95 13.14
C LYS A 22 -5.04 11.28 12.77
N ALA A 23 -4.16 12.25 12.55
CA ALA A 23 -4.59 13.58 12.15
C ALA A 23 -5.04 13.59 10.71
N ASN A 24 -4.54 12.62 9.95
CA ASN A 24 -4.88 12.50 8.55
C ASN A 24 -5.90 11.39 8.32
N GLU A 25 -7.17 11.69 8.59
CA GLU A 25 -8.26 10.73 8.44
C GLU A 25 -8.16 9.97 7.12
N PHE A 26 -8.01 10.71 6.04
CA PHE A 26 -7.91 10.11 4.71
C PHE A 26 -6.85 9.01 4.69
N LEU A 27 -5.65 9.34 5.14
CA LEU A 27 -4.54 8.40 5.16
C LEU A 27 -4.83 7.22 6.09
N SER A 28 -5.32 7.50 7.29
CA SER A 28 -5.63 6.46 8.24
C SER A 28 -6.75 5.58 7.70
N LYS A 29 -7.87 6.22 7.37
CA LYS A 29 -9.02 5.52 6.83
C LYS A 29 -8.63 4.62 5.66
N LEU A 30 -7.92 5.17 4.68
CA LEU A 30 -7.51 4.38 3.53
C LEU A 30 -6.67 3.19 3.99
N VAL A 31 -5.72 3.45 4.88
CA VAL A 31 -4.90 2.39 5.43
C VAL A 31 -5.80 1.36 6.11
N VAL A 32 -6.81 1.87 6.80
CA VAL A 32 -7.78 1.03 7.48
C VAL A 32 -8.53 0.16 6.49
N GLN A 33 -9.33 0.83 5.66
CA GLN A 33 -10.10 0.14 4.64
C GLN A 33 -9.22 -0.80 3.85
N CYS A 34 -8.03 -0.30 3.52
CA CYS A 34 -7.05 -1.09 2.79
C CYS A 34 -6.60 -2.28 3.64
N ALA A 35 -6.38 -2.02 4.92
CA ALA A 35 -5.96 -3.06 5.85
C ALA A 35 -6.94 -4.21 5.83
N GLY A 36 -8.21 -3.87 5.60
CA GLY A 36 -9.25 -4.88 5.54
C GLY A 36 -9.24 -5.59 4.20
N LYS A 37 -8.71 -4.92 3.19
CA LYS A 37 -8.64 -5.51 1.87
C LYS A 37 -7.52 -6.54 1.79
N LEU A 38 -6.60 -6.51 2.76
CA LEU A 38 -5.50 -7.45 2.78
C LEU A 38 -5.89 -8.73 3.49
N THR A 39 -6.76 -8.61 4.50
CA THR A 39 -7.19 -9.77 5.26
C THR A 39 -7.66 -10.88 4.34
N ALA A 40 -8.09 -10.49 3.14
CA ALA A 40 -8.48 -11.46 2.15
C ALA A 40 -7.32 -11.70 1.20
N SER A 41 -6.09 -11.59 1.74
CA SER A 41 -4.90 -11.78 0.94
C SER A 41 -4.96 -13.10 0.17
N ASN A 42 -5.79 -14.02 0.65
CA ASN A 42 -5.98 -15.28 -0.05
C ASN A 42 -6.33 -14.97 -1.50
N SER A 43 -6.94 -13.80 -1.69
CA SER A 43 -7.30 -13.29 -2.98
C SER A 43 -6.25 -12.25 -3.37
N GLU A 44 -5.02 -12.71 -3.59
CA GLU A 44 -3.93 -11.81 -3.93
C GLU A 44 -4.26 -11.01 -5.17
N ASN A 45 -5.19 -11.52 -5.96
CA ASN A 45 -5.64 -10.81 -7.14
C ASN A 45 -6.35 -9.54 -6.71
N SER A 46 -7.10 -9.67 -5.64
CA SER A 46 -7.83 -8.57 -5.04
C SER A 46 -6.89 -7.75 -4.18
N TYR A 47 -5.88 -8.42 -3.64
CA TYR A 47 -4.87 -7.81 -2.83
C TYR A 47 -3.85 -7.19 -3.76
N ILE A 48 -3.91 -7.62 -5.04
CA ILE A 48 -3.06 -7.12 -6.11
C ILE A 48 -3.54 -5.74 -6.48
N GLU A 49 -4.86 -5.60 -6.47
CA GLU A 49 -5.46 -4.32 -6.77
C GLU A 49 -5.17 -3.41 -5.60
N VAL A 50 -5.59 -3.83 -4.41
CA VAL A 50 -5.31 -3.05 -3.24
C VAL A 50 -3.80 -2.89 -3.13
N ILE A 51 -3.07 -3.82 -3.76
CA ILE A 51 -1.63 -3.78 -3.79
C ILE A 51 -1.16 -2.68 -4.72
N SER A 52 -1.90 -2.48 -5.82
CA SER A 52 -1.57 -1.41 -6.75
C SER A 52 -1.93 -0.08 -6.13
N LEU A 53 -3.00 -0.10 -5.35
CA LEU A 53 -3.48 1.09 -4.66
C LEU A 53 -2.59 1.40 -3.47
N LEU A 54 -1.83 0.41 -3.00
CA LEU A 54 -0.95 0.61 -1.87
C LEU A 54 0.33 1.35 -2.26
N SER A 55 0.86 1.03 -3.43
CA SER A 55 2.07 1.69 -3.90
C SER A 55 1.76 3.12 -4.37
N ARG A 56 0.55 3.31 -4.88
CA ARG A 56 0.12 4.63 -5.35
C ARG A 56 -0.76 5.33 -4.32
N GLY A 57 -1.46 4.52 -3.53
CA GLY A 57 -2.32 5.06 -2.49
C GLY A 57 -1.57 5.85 -1.46
N ILE A 58 -0.44 5.30 -1.04
CA ILE A 58 0.40 5.95 -0.05
C ILE A 58 0.94 7.29 -0.55
N SER A 59 1.20 7.36 -1.85
CA SER A 59 1.73 8.59 -2.45
C SER A 59 0.61 9.46 -3.01
N SER A 60 -0.55 8.85 -3.24
CA SER A 60 -1.69 9.58 -3.78
C SER A 60 -2.28 10.53 -2.74
N TYR A 61 -2.15 10.18 -1.47
CA TYR A 61 -2.66 10.99 -0.37
C TYR A 61 -2.15 12.44 -0.47
N TYR A 62 -2.89 13.28 -1.17
CA TYR A 62 -2.54 14.69 -1.36
C TYR A 62 -1.10 14.83 -1.89
N LEU A 63 -0.80 16.03 -2.38
CA LEU A 63 0.53 16.32 -2.91
C LEU A 63 0.60 17.74 -3.48
N SER A 64 0.42 18.72 -2.61
CA SER A 64 0.46 20.12 -3.03
C SER A 64 1.89 20.59 -3.19
N HIS A 65 2.75 20.18 -2.26
CA HIS A 65 4.16 20.55 -2.30
C HIS A 65 4.88 20.04 -1.05
N LYS A 66 4.22 20.16 0.10
CA LYS A 66 4.79 19.73 1.37
C LYS A 66 5.20 18.26 1.31
N ARG A 67 5.94 17.82 2.32
CA ARG A 67 6.40 16.44 2.39
C ARG A 67 6.29 15.88 3.80
N ILE A 68 5.40 16.45 4.60
CA ILE A 68 5.21 16.00 5.98
C ILE A 68 4.54 14.63 6.00
N ILE A 69 5.31 13.60 5.71
CA ILE A 69 4.80 12.23 5.69
C ILE A 69 5.43 11.38 6.79
N PRO A 70 4.62 10.64 7.58
CA PRO A 70 5.11 9.79 8.66
C PRO A 70 5.96 8.64 8.14
N SER A 71 6.78 8.05 9.02
CA SER A 71 7.63 6.93 8.65
C SER A 71 6.78 5.76 8.18
N SER A 72 5.80 5.39 9.00
CA SER A 72 4.89 4.29 8.67
C SER A 72 4.04 4.59 7.44
N MET A 73 4.47 5.56 6.63
CA MET A 73 3.75 5.90 5.42
C MET A 73 4.70 5.83 4.23
N LEU A 74 5.87 5.25 4.47
CA LEU A 74 6.90 5.10 3.45
C LEU A 74 7.39 3.65 3.41
N THR A 75 7.38 3.01 4.57
CA THR A 75 7.86 1.64 4.68
C THR A 75 6.84 0.66 4.13
N ILE A 76 5.56 0.90 4.39
CA ILE A 76 4.53 0.00 3.91
C ILE A 76 4.52 -0.03 2.39
N TYR A 77 4.27 1.11 1.78
CA TYR A 77 4.25 1.22 0.32
C TYR A 77 5.56 0.68 -0.25
N THR A 78 6.66 1.02 0.40
CA THR A 78 7.96 0.54 -0.03
C THR A 78 8.02 -0.97 0.14
N GLN A 79 7.32 -1.44 1.17
CA GLN A 79 7.26 -2.86 1.47
C GLN A 79 6.34 -3.54 0.49
N ILE A 80 5.45 -2.73 -0.06
CA ILE A 80 4.51 -3.18 -1.05
C ILE A 80 5.29 -3.56 -2.30
N GLN A 81 6.01 -2.57 -2.82
CA GLN A 81 6.84 -2.76 -3.99
C GLN A 81 7.88 -3.84 -3.72
N LYS A 82 8.23 -3.99 -2.45
CA LYS A 82 9.21 -4.96 -2.02
C LYS A 82 8.72 -6.38 -2.15
N ASP A 83 7.41 -6.55 -2.04
CA ASP A 83 6.85 -7.87 -2.20
C ASP A 83 6.78 -8.15 -3.68
N ILE A 84 6.80 -7.07 -4.43
CA ILE A 84 6.77 -7.12 -5.86
C ILE A 84 8.07 -7.68 -6.41
N LYS A 85 9.16 -6.98 -6.16
CA LYS A 85 10.46 -7.41 -6.64
C LYS A 85 10.90 -8.63 -5.86
N ASN A 86 10.48 -8.70 -4.61
CA ASN A 86 10.89 -9.80 -3.76
C ASN A 86 10.22 -11.11 -4.19
N GLY A 87 9.11 -11.00 -4.91
CA GLY A 87 8.40 -12.19 -5.35
C GLY A 87 7.43 -12.68 -4.29
N ASN A 88 6.83 -11.73 -3.59
CA ASN A 88 5.85 -12.03 -2.57
C ASN A 88 4.47 -11.95 -3.19
N ILE A 89 4.41 -11.21 -4.28
CA ILE A 89 3.20 -11.00 -5.00
C ILE A 89 3.35 -11.56 -6.40
N ASP A 90 2.24 -12.01 -6.96
CA ASP A 90 2.26 -12.53 -8.31
C ASP A 90 2.17 -11.37 -9.26
N THR A 91 3.30 -10.70 -9.42
CA THR A 91 3.38 -9.53 -10.27
C THR A 91 2.83 -9.78 -11.66
N GLU A 92 2.57 -11.03 -11.99
CA GLU A 92 2.00 -11.35 -13.28
C GLU A 92 0.59 -10.82 -13.30
N LYS A 93 -0.10 -11.03 -12.19
CA LYS A 93 -1.44 -10.51 -12.01
C LYS A 93 -1.37 -9.01 -11.95
N LEU A 94 -0.55 -8.54 -11.05
CA LEU A 94 -0.32 -7.13 -10.88
C LEU A 94 0.03 -6.47 -12.20
N ARG A 95 0.80 -7.20 -13.01
CA ARG A 95 1.24 -6.71 -14.28
C ARG A 95 0.11 -6.53 -15.27
N LYS A 96 -0.76 -7.53 -15.35
CA LYS A 96 -1.89 -7.48 -16.27
C LYS A 96 -2.90 -6.46 -15.76
N TYR A 97 -3.22 -6.57 -14.49
CA TYR A 97 -4.15 -5.68 -13.87
C TYR A 97 -3.59 -4.25 -13.86
N GLU A 98 -2.27 -4.11 -13.71
CA GLU A 98 -1.65 -2.78 -13.72
C GLU A 98 -1.85 -2.15 -15.07
N ILE A 99 -1.86 -2.99 -16.11
CA ILE A 99 -2.05 -2.52 -17.47
C ILE A 99 -3.36 -1.77 -17.57
N ALA A 100 -4.39 -2.43 -17.09
CA ALA A 100 -5.74 -1.88 -17.09
C ALA A 100 -5.90 -0.75 -16.09
N LYS A 101 -4.85 -0.49 -15.33
CA LYS A 101 -4.90 0.55 -14.32
C LYS A 101 -4.05 1.75 -14.70
N GLY A 102 -2.89 1.49 -15.26
CA GLY A 102 -1.99 2.56 -15.64
C GLY A 102 -1.50 3.33 -14.42
N LEU A 103 -1.02 2.60 -13.43
CA LEU A 103 -0.54 3.20 -12.19
C LEU A 103 0.91 3.68 -12.30
N MET A 104 1.55 3.84 -11.14
CA MET A 104 2.94 4.31 -11.08
C MET A 104 3.92 3.14 -11.20
N SER A 105 5.21 3.48 -11.22
CA SER A 105 6.25 2.48 -11.34
C SER A 105 7.62 3.08 -11.08
N VAL A 106 8.00 3.18 -9.81
CA VAL A 106 9.28 3.75 -9.43
C VAL A 106 9.90 3.01 -8.26
N PRO A 107 11.22 2.70 -8.34
CA PRO A 107 11.95 2.00 -7.27
C PRO A 107 11.55 2.51 -5.89
N TYR A 108 12.50 2.61 -4.98
CA TYR A 108 12.19 3.10 -3.65
C TYR A 108 11.95 4.60 -3.76
N ILE A 109 11.80 5.29 -2.64
CA ILE A 109 11.56 6.73 -2.67
C ILE A 109 11.54 7.34 -1.27
N TYR A 110 12.48 8.23 -1.01
CA TYR A 110 12.57 8.91 0.28
C TYR A 110 11.74 10.20 0.26
N PHE A 111 10.41 10.04 0.22
CA PHE A 111 9.51 11.18 0.19
C PHE A 111 9.92 12.25 1.21
N MET A 1 -4.92 -12.39 6.50
CA MET A 1 -4.03 -12.23 5.32
C MET A 1 -2.89 -13.22 5.33
N ASP A 2 -2.00 -13.08 4.36
CA ASP A 2 -0.82 -13.90 4.26
C ASP A 2 0.33 -13.15 4.88
N ILE A 3 1.48 -13.80 4.98
CA ILE A 3 2.65 -13.20 5.58
C ILE A 3 3.03 -11.87 4.94
N LYS A 4 3.37 -11.92 3.67
CA LYS A 4 3.75 -10.71 2.93
C LYS A 4 2.77 -9.58 3.24
N SER A 5 1.49 -9.85 3.01
CA SER A 5 0.45 -8.88 3.27
C SER A 5 0.29 -8.66 4.78
N GLN A 6 0.69 -9.67 5.56
CA GLN A 6 0.57 -9.61 7.01
C GLN A 6 1.33 -8.47 7.65
N THR A 7 2.64 -8.58 7.69
CA THR A 7 3.45 -7.56 8.33
C THR A 7 3.28 -6.25 7.62
N LEU A 8 3.10 -6.31 6.31
CA LEU A 8 2.89 -5.10 5.57
C LEU A 8 1.56 -4.52 5.99
N TYR A 9 0.59 -5.39 6.26
CA TYR A 9 -0.70 -4.95 6.72
C TYR A 9 -0.56 -4.46 8.15
N LEU A 10 -0.15 -5.35 9.05
CA LEU A 10 0.03 -4.99 10.44
C LEU A 10 0.85 -3.72 10.54
N ASN A 11 1.73 -3.54 9.58
CA ASN A 11 2.54 -2.35 9.51
C ASN A 11 1.63 -1.19 9.15
N LEU A 12 0.82 -1.42 8.12
CA LEU A 12 -0.12 -0.43 7.64
C LEU A 12 -1.15 -0.13 8.72
N SER A 13 -1.43 -1.12 9.56
CA SER A 13 -2.36 -0.96 10.65
C SER A 13 -1.66 -0.20 11.78
N GLU A 14 -0.43 -0.63 12.04
CA GLU A 14 0.41 -0.01 13.05
C GLU A 14 0.63 1.45 12.71
N ALA A 15 0.64 1.71 11.41
CA ALA A 15 0.84 3.04 10.88
C ALA A 15 -0.40 3.87 10.99
N TYR A 16 -1.51 3.29 10.59
CA TYR A 16 -2.78 3.96 10.67
C TYR A 16 -2.95 4.56 12.05
N LYS A 17 -2.35 3.92 13.04
CA LYS A 17 -2.39 4.40 14.40
C LYS A 17 -1.23 5.37 14.65
N ASP A 18 -0.54 5.77 13.56
CA ASP A 18 0.56 6.70 13.68
C ASP A 18 0.01 8.08 13.98
N PRO A 19 0.45 8.71 15.08
CA PRO A 19 -0.04 10.04 15.48
C PRO A 19 -0.18 11.03 14.32
N GLU A 20 0.59 10.85 13.26
CA GLU A 20 0.51 11.75 12.11
C GLU A 20 -0.37 11.19 11.01
N VAL A 21 -1.13 10.20 11.40
CA VAL A 21 -2.12 9.57 10.54
C VAL A 21 -3.45 9.76 11.25
N LYS A 22 -3.39 9.67 12.58
CA LYS A 22 -4.54 9.89 13.42
C LYS A 22 -5.07 11.28 13.15
N ALA A 23 -4.14 12.20 12.95
CA ALA A 23 -4.49 13.59 12.67
C ALA A 23 -5.21 13.68 11.34
N ASN A 24 -5.06 12.65 10.53
CA ASN A 24 -5.70 12.60 9.24
C ASN A 24 -6.68 11.43 9.16
N GLU A 25 -7.93 11.69 9.52
CA GLU A 25 -8.96 10.66 9.50
C GLU A 25 -8.94 9.92 8.17
N PHE A 26 -8.87 10.67 7.08
CA PHE A 26 -8.84 10.10 5.75
C PHE A 26 -7.66 9.15 5.61
N LEU A 27 -6.46 9.68 5.82
CA LEU A 27 -5.24 8.88 5.71
C LEU A 27 -5.35 7.60 6.51
N SER A 28 -5.70 7.69 7.80
CA SER A 28 -5.84 6.52 8.61
C SER A 28 -7.00 5.69 8.08
N LYS A 29 -8.07 6.37 7.71
CA LYS A 29 -9.24 5.72 7.13
C LYS A 29 -8.83 4.86 5.96
N LEU A 30 -7.88 5.34 5.17
CA LEU A 30 -7.41 4.57 4.03
C LEU A 30 -6.68 3.34 4.53
N VAL A 31 -5.57 3.56 5.20
CA VAL A 31 -4.80 2.45 5.77
C VAL A 31 -5.74 1.51 6.51
N VAL A 32 -6.80 2.07 7.11
CA VAL A 32 -7.78 1.25 7.81
C VAL A 32 -8.40 0.26 6.84
N GLN A 33 -9.24 0.76 5.95
CA GLN A 33 -9.88 -0.06 4.95
C GLN A 33 -8.83 -0.94 4.27
N CYS A 34 -7.78 -0.28 3.81
CA CYS A 34 -6.68 -0.98 3.17
C CYS A 34 -6.19 -2.11 4.07
N ALA A 35 -6.13 -1.83 5.37
CA ALA A 35 -5.71 -2.81 6.34
C ALA A 35 -6.72 -3.95 6.42
N GLY A 36 -7.97 -3.62 6.15
CA GLY A 36 -9.03 -4.61 6.17
C GLY A 36 -9.07 -5.40 4.87
N LYS A 37 -8.63 -4.77 3.79
CA LYS A 37 -8.60 -5.41 2.50
C LYS A 37 -7.42 -6.38 2.41
N LEU A 38 -6.48 -6.25 3.35
CA LEU A 38 -5.32 -7.13 3.38
C LEU A 38 -5.70 -8.49 3.96
N THR A 39 -6.60 -8.47 4.94
CA THR A 39 -7.08 -9.69 5.56
C THR A 39 -7.39 -10.73 4.52
N ALA A 40 -8.16 -10.30 3.54
CA ALA A 40 -8.53 -11.18 2.46
C ALA A 40 -7.38 -11.35 1.48
N SER A 41 -6.14 -11.32 1.98
CA SER A 41 -4.98 -11.47 1.12
C SER A 41 -5.12 -12.72 0.26
N ASN A 42 -5.94 -13.67 0.71
CA ASN A 42 -6.19 -14.88 -0.06
C ASN A 42 -6.55 -14.48 -1.49
N SER A 43 -7.14 -13.30 -1.61
CA SER A 43 -7.50 -12.72 -2.88
C SER A 43 -6.37 -11.82 -3.31
N GLU A 44 -5.21 -12.42 -3.56
CA GLU A 44 -4.02 -11.68 -3.95
C GLU A 44 -4.30 -10.84 -5.18
N ASN A 45 -5.28 -11.28 -5.94
CA ASN A 45 -5.68 -10.55 -7.14
C ASN A 45 -6.39 -9.27 -6.73
N SER A 46 -7.09 -9.36 -5.63
CA SER A 46 -7.82 -8.24 -5.07
C SER A 46 -6.86 -7.37 -4.27
N TYR A 47 -5.84 -8.02 -3.75
CA TYR A 47 -4.82 -7.37 -3.00
C TYR A 47 -3.83 -6.80 -3.99
N ILE A 48 -3.87 -7.37 -5.21
CA ILE A 48 -3.03 -6.94 -6.33
C ILE A 48 -3.50 -5.57 -6.78
N GLU A 49 -4.82 -5.39 -6.75
CA GLU A 49 -5.41 -4.12 -7.12
C GLU A 49 -5.08 -3.13 -6.04
N VAL A 50 -5.41 -3.49 -4.80
CA VAL A 50 -5.08 -2.66 -3.66
C VAL A 50 -3.56 -2.50 -3.62
N ILE A 51 -2.88 -3.50 -4.18
CA ILE A 51 -1.44 -3.50 -4.27
C ILE A 51 -1.01 -2.40 -5.22
N SER A 52 -1.84 -2.16 -6.23
CA SER A 52 -1.57 -1.11 -7.20
C SER A 52 -1.79 0.23 -6.55
N LEU A 53 -2.77 0.27 -5.65
CA LEU A 53 -3.12 1.47 -4.93
C LEU A 53 -2.24 1.64 -3.69
N LEU A 54 -1.52 0.61 -3.32
CA LEU A 54 -0.67 0.70 -2.15
C LEU A 54 0.64 1.42 -2.44
N SER A 55 1.36 0.96 -3.45
CA SER A 55 2.63 1.58 -3.80
C SER A 55 2.42 2.94 -4.45
N ARG A 56 1.30 3.08 -5.16
CA ARG A 56 0.98 4.34 -5.83
C ARG A 56 -0.23 5.03 -5.19
N GLY A 57 -0.88 4.35 -4.26
CA GLY A 57 -2.05 4.90 -3.59
C GLY A 57 -1.70 5.65 -2.33
N ILE A 58 -0.58 5.28 -1.71
CA ILE A 58 -0.15 5.91 -0.48
C ILE A 58 0.45 7.29 -0.74
N SER A 59 1.03 7.46 -1.93
CA SER A 59 1.65 8.72 -2.31
C SER A 59 0.74 9.56 -3.22
N SER A 60 -0.11 8.89 -3.98
CA SER A 60 -1.02 9.56 -4.89
C SER A 60 -2.18 10.21 -4.14
N TYR A 61 -2.93 9.39 -3.40
CA TYR A 61 -4.07 9.87 -2.64
C TYR A 61 -3.68 11.05 -1.75
N TYR A 62 -4.01 12.26 -2.20
CA TYR A 62 -3.71 13.47 -1.44
C TYR A 62 -2.20 13.64 -1.29
N LEU A 63 -1.67 14.72 -1.85
CA LEU A 63 -0.25 15.01 -1.77
C LEU A 63 0.01 16.50 -1.65
N SER A 64 0.04 16.99 -0.42
CA SER A 64 0.28 18.41 -0.16
C SER A 64 1.70 18.65 0.34
N HIS A 65 2.52 17.61 0.35
CA HIS A 65 3.90 17.70 0.80
C HIS A 65 3.98 18.11 2.26
N LYS A 66 4.67 17.31 3.06
CA LYS A 66 4.83 17.59 4.48
C LYS A 66 3.48 17.61 5.20
N ARG A 67 3.52 17.54 6.52
CA ARG A 67 2.31 17.56 7.34
C ARG A 67 1.49 16.28 7.15
N ILE A 68 0.99 16.07 5.95
CA ILE A 68 0.19 14.88 5.64
C ILE A 68 1.08 13.75 5.12
N ILE A 69 0.69 12.52 5.42
CA ILE A 69 1.44 11.35 4.99
C ILE A 69 2.77 11.25 5.71
N PRO A 70 2.77 10.77 6.96
CA PRO A 70 4.00 10.63 7.75
C PRO A 70 4.88 9.50 7.24
N SER A 71 5.98 9.25 7.94
CA SER A 71 6.92 8.20 7.55
C SER A 71 6.21 6.84 7.46
N SER A 72 5.29 6.60 8.40
CA SER A 72 4.54 5.35 8.44
C SER A 72 3.64 5.16 7.22
N MET A 73 3.93 5.88 6.14
CA MET A 73 3.16 5.76 4.91
C MET A 73 4.07 5.28 3.78
N LEU A 74 5.30 5.74 3.83
CA LEU A 74 6.31 5.38 2.84
C LEU A 74 6.86 3.98 3.11
N THR A 75 6.87 3.59 4.36
CA THR A 75 7.40 2.30 4.76
C THR A 75 6.47 1.15 4.39
N ILE A 76 5.21 1.44 4.16
CA ILE A 76 4.28 0.41 3.79
C ILE A 76 4.30 0.22 2.28
N TYR A 77 4.07 1.30 1.55
CA TYR A 77 4.10 1.26 0.10
C TYR A 77 5.44 0.71 -0.35
N THR A 78 6.47 1.04 0.40
CA THR A 78 7.81 0.57 0.10
C THR A 78 7.85 -0.95 0.27
N GLN A 79 7.33 -1.40 1.41
CA GLN A 79 7.28 -2.81 1.74
C GLN A 79 6.56 -3.56 0.65
N ILE A 80 5.56 -2.89 0.09
CA ILE A 80 4.77 -3.41 -0.98
C ILE A 80 5.65 -3.87 -2.15
N GLN A 81 6.50 -2.97 -2.64
CA GLN A 81 7.41 -3.29 -3.73
C GLN A 81 8.33 -4.44 -3.32
N LYS A 82 8.60 -4.51 -2.03
CA LYS A 82 9.44 -5.55 -1.45
C LYS A 82 8.78 -6.88 -1.59
N ASP A 83 7.47 -6.88 -1.63
CA ASP A 83 6.75 -8.09 -1.76
C ASP A 83 6.79 -8.49 -3.22
N ILE A 84 6.94 -7.45 -4.03
CA ILE A 84 7.01 -7.56 -5.46
C ILE A 84 8.34 -8.14 -5.93
N LYS A 85 9.44 -7.47 -5.58
CA LYS A 85 10.76 -7.95 -5.97
C LYS A 85 11.11 -9.22 -5.23
N ASN A 86 10.62 -9.32 -4.01
CA ASN A 86 10.92 -10.47 -3.18
C ASN A 86 10.28 -11.74 -3.74
N GLY A 87 9.14 -11.56 -4.39
CA GLY A 87 8.44 -12.70 -4.96
C GLY A 87 7.36 -13.20 -4.02
N ASN A 88 6.81 -12.27 -3.24
CA ASN A 88 5.74 -12.58 -2.32
C ASN A 88 4.42 -12.34 -3.01
N ILE A 89 4.50 -11.52 -4.06
CA ILE A 89 3.40 -11.13 -4.87
C ILE A 89 3.53 -11.77 -6.24
N ASP A 90 2.47 -11.72 -7.03
CA ASP A 90 2.51 -12.29 -8.35
C ASP A 90 2.38 -11.18 -9.38
N THR A 91 3.49 -10.48 -9.57
CA THR A 91 3.54 -9.36 -10.46
C THR A 91 2.99 -9.66 -11.85
N GLU A 92 2.74 -10.92 -12.14
CA GLU A 92 2.17 -11.29 -13.42
C GLU A 92 0.74 -10.77 -13.44
N LYS A 93 0.06 -10.99 -12.32
CA LYS A 93 -1.28 -10.51 -12.14
C LYS A 93 -1.26 -8.99 -12.09
N LEU A 94 -0.39 -8.48 -11.24
CA LEU A 94 -0.19 -7.06 -11.07
C LEU A 94 0.10 -6.41 -12.41
N ARG A 95 0.86 -7.12 -13.23
CA ARG A 95 1.24 -6.62 -14.54
C ARG A 95 0.06 -6.62 -15.48
N LYS A 96 -0.70 -7.70 -15.47
CA LYS A 96 -1.87 -7.81 -16.34
C LYS A 96 -2.92 -6.81 -15.94
N TYR A 97 -3.25 -6.81 -14.66
CA TYR A 97 -4.22 -5.89 -14.13
C TYR A 97 -3.75 -4.45 -14.32
N GLU A 98 -2.44 -4.24 -14.26
CA GLU A 98 -1.87 -2.92 -14.45
C GLU A 98 -2.04 -2.49 -15.89
N ILE A 99 -2.14 -3.46 -16.79
CA ILE A 99 -2.33 -3.16 -18.20
C ILE A 99 -3.66 -2.48 -18.40
N ALA A 100 -4.67 -3.11 -17.84
CA ALA A 100 -6.04 -2.62 -17.91
C ALA A 100 -6.21 -1.31 -17.16
N LYS A 101 -5.18 -0.93 -16.42
CA LYS A 101 -5.23 0.28 -15.64
C LYS A 101 -4.32 1.37 -16.21
N GLY A 102 -3.09 0.99 -16.47
CA GLY A 102 -2.11 1.94 -17.00
C GLY A 102 -1.48 2.79 -15.91
N LEU A 103 -1.16 2.17 -14.79
CA LEU A 103 -0.54 2.86 -13.66
C LEU A 103 0.92 2.47 -13.50
N MET A 104 1.51 2.02 -14.58
CA MET A 104 2.91 1.59 -14.58
C MET A 104 3.84 2.78 -14.37
N SER A 105 4.07 3.12 -13.10
CA SER A 105 4.95 4.23 -12.75
C SER A 105 5.37 4.18 -11.29
N VAL A 106 6.34 3.31 -10.98
CA VAL A 106 6.83 3.17 -9.62
C VAL A 106 8.27 2.67 -9.60
N PRO A 107 9.17 3.26 -10.41
CA PRO A 107 10.57 2.85 -10.44
C PRO A 107 11.41 3.59 -9.41
N TYR A 108 10.72 4.19 -8.47
CA TYR A 108 11.34 4.90 -7.37
C TYR A 108 11.11 4.12 -6.08
N ILE A 109 11.47 4.71 -4.94
CA ILE A 109 11.27 4.09 -3.63
C ILE A 109 12.22 4.70 -2.61
N TYR A 110 11.66 5.46 -1.67
CA TYR A 110 12.46 6.11 -0.63
C TYR A 110 12.45 5.29 0.65
N PHE A 111 12.41 3.97 0.49
CA PHE A 111 12.40 3.04 1.62
C PHE A 111 11.55 3.56 2.77
N MET A 1 -4.11 -13.53 7.64
CA MET A 1 -3.24 -13.12 6.51
C MET A 1 -1.93 -13.87 6.52
N ASP A 2 -1.37 -14.09 5.34
CA ASP A 2 -0.08 -14.75 5.25
C ASP A 2 0.93 -13.91 6.00
N ILE A 3 2.17 -14.37 6.07
CA ILE A 3 3.19 -13.64 6.80
C ILE A 3 3.57 -12.34 6.11
N LYS A 4 4.04 -12.43 4.88
CA LYS A 4 4.43 -11.24 4.14
C LYS A 4 3.31 -10.21 4.17
N SER A 5 2.08 -10.71 4.16
CA SER A 5 0.90 -9.85 4.21
C SER A 5 0.54 -9.50 5.65
N GLN A 6 0.94 -10.37 6.57
CA GLN A 6 0.67 -10.18 7.99
C GLN A 6 1.30 -8.92 8.52
N THR A 7 2.55 -8.70 8.18
CA THR A 7 3.25 -7.54 8.65
C THR A 7 2.86 -6.34 7.82
N LEU A 8 2.64 -6.56 6.54
CA LEU A 8 2.19 -5.49 5.67
C LEU A 8 0.81 -5.08 6.15
N TYR A 9 0.06 -6.09 6.60
CA TYR A 9 -1.25 -5.87 7.13
C TYR A 9 -1.14 -5.18 8.48
N LEU A 10 -0.51 -5.88 9.41
CA LEU A 10 -0.29 -5.33 10.73
C LEU A 10 0.33 -3.94 10.60
N ASN A 11 1.11 -3.76 9.53
CA ASN A 11 1.72 -2.48 9.25
C ASN A 11 0.63 -1.47 8.90
N LEU A 12 -0.44 -1.98 8.27
CA LEU A 12 -1.57 -1.15 7.88
C LEU A 12 -2.22 -0.54 9.10
N SER A 13 -2.31 -1.34 10.16
CA SER A 13 -2.90 -0.89 11.40
C SER A 13 -1.92 0.00 12.16
N GLU A 14 -0.64 -0.35 12.08
CA GLU A 14 0.39 0.41 12.75
C GLU A 14 0.67 1.70 12.01
N ALA A 15 0.43 1.69 10.70
CA ALA A 15 0.62 2.89 9.90
C ALA A 15 -0.52 3.82 10.14
N TYR A 16 -1.70 3.23 10.14
CA TYR A 16 -2.88 3.98 10.42
C TYR A 16 -2.71 4.60 11.80
N LYS A 17 -1.88 3.92 12.61
CA LYS A 17 -1.55 4.37 13.95
C LYS A 17 -0.44 5.44 13.87
N ASP A 18 -0.05 5.79 12.63
CA ASP A 18 0.99 6.78 12.42
C ASP A 18 0.50 8.15 12.90
N PRO A 19 1.25 8.78 13.82
CA PRO A 19 0.89 10.09 14.40
C PRO A 19 0.48 11.15 13.37
N GLU A 20 1.07 11.11 12.18
CA GLU A 20 0.72 12.08 11.16
C GLU A 20 -0.31 11.52 10.20
N VAL A 21 -0.92 10.45 10.66
CA VAL A 21 -2.00 9.78 9.96
C VAL A 21 -3.21 9.85 10.89
N LYS A 22 -2.93 9.87 12.19
CA LYS A 22 -3.93 10.01 13.21
C LYS A 22 -4.60 11.36 13.02
N ALA A 23 -3.76 12.33 12.71
CA ALA A 23 -4.23 13.69 12.47
C ALA A 23 -4.97 13.75 11.15
N ASN A 24 -4.62 12.84 10.25
CA ASN A 24 -5.24 12.76 8.95
C ASN A 24 -6.17 11.56 8.89
N GLU A 25 -7.33 11.67 9.56
CA GLU A 25 -8.30 10.59 9.60
C GLU A 25 -8.47 9.96 8.22
N PHE A 26 -8.51 10.81 7.20
CA PHE A 26 -8.65 10.35 5.83
C PHE A 26 -7.49 9.41 5.46
N LEU A 27 -6.28 9.87 5.71
CA LEU A 27 -5.09 9.06 5.43
C LEU A 27 -5.13 7.77 6.22
N SER A 28 -5.56 7.84 7.47
CA SER A 28 -5.65 6.67 8.31
C SER A 28 -6.73 5.75 7.76
N LYS A 29 -7.86 6.35 7.40
CA LYS A 29 -8.98 5.60 6.84
C LYS A 29 -8.52 4.69 5.71
N LEU A 30 -7.54 5.14 4.94
CA LEU A 30 -7.02 4.34 3.85
C LEU A 30 -6.26 3.14 4.38
N VAL A 31 -5.30 3.39 5.27
CA VAL A 31 -4.54 2.30 5.87
C VAL A 31 -5.49 1.38 6.62
N VAL A 32 -6.62 1.94 7.04
CA VAL A 32 -7.65 1.19 7.74
C VAL A 32 -8.44 0.33 6.76
N GLN A 33 -9.16 1.01 5.88
CA GLN A 33 -9.96 0.34 4.86
C GLN A 33 -9.10 -0.68 4.13
N CYS A 34 -7.87 -0.29 3.87
CA CYS A 34 -6.92 -1.16 3.20
C CYS A 34 -6.66 -2.39 4.06
N ALA A 35 -6.65 -2.18 5.37
CA ALA A 35 -6.44 -3.25 6.32
C ALA A 35 -7.55 -4.29 6.19
N GLY A 36 -8.71 -3.85 5.72
CA GLY A 36 -9.83 -4.74 5.54
C GLY A 36 -9.75 -5.50 4.23
N LYS A 37 -9.10 -4.90 3.24
CA LYS A 37 -8.94 -5.52 1.94
C LYS A 37 -7.81 -6.53 1.97
N LEU A 38 -6.96 -6.41 2.99
CA LEU A 38 -5.82 -7.29 3.16
C LEU A 38 -6.24 -8.62 3.77
N THR A 39 -7.00 -8.57 4.87
CA THR A 39 -7.45 -9.79 5.54
C THR A 39 -7.91 -10.85 4.55
N ALA A 40 -8.37 -10.40 3.39
CA ALA A 40 -8.78 -11.32 2.35
C ALA A 40 -7.63 -11.56 1.39
N SER A 41 -6.41 -11.51 1.91
CA SER A 41 -5.23 -11.70 1.10
C SER A 41 -5.34 -12.98 0.28
N ASN A 42 -6.19 -13.91 0.75
CA ASN A 42 -6.43 -15.15 0.01
C ASN A 42 -6.72 -14.79 -1.44
N SER A 43 -7.27 -13.59 -1.61
CA SER A 43 -7.57 -13.04 -2.90
C SER A 43 -6.38 -12.18 -3.31
N GLU A 44 -5.27 -12.83 -3.66
CA GLU A 44 -4.06 -12.11 -4.03
C GLU A 44 -4.34 -11.19 -5.19
N ASN A 45 -5.36 -11.53 -5.95
CA ASN A 45 -5.75 -10.71 -7.08
C ASN A 45 -6.34 -9.41 -6.58
N SER A 46 -7.02 -9.51 -5.45
CA SER A 46 -7.64 -8.38 -4.78
C SER A 46 -6.62 -7.63 -3.96
N TYR A 47 -5.60 -8.37 -3.52
CA TYR A 47 -4.53 -7.86 -2.75
C TYR A 47 -3.55 -7.25 -3.74
N ILE A 48 -3.68 -7.70 -4.99
CA ILE A 48 -2.91 -7.20 -6.13
C ILE A 48 -3.50 -5.85 -6.49
N GLU A 49 -4.83 -5.79 -6.43
CA GLU A 49 -5.55 -4.57 -6.69
C GLU A 49 -5.29 -3.63 -5.55
N VAL A 50 -5.58 -4.11 -4.34
CA VAL A 50 -5.31 -3.32 -3.16
C VAL A 50 -3.81 -2.99 -3.14
N ILE A 51 -3.04 -3.84 -3.82
CA ILE A 51 -1.63 -3.65 -3.96
C ILE A 51 -1.37 -2.47 -4.89
N SER A 52 -2.22 -2.34 -5.90
CA SER A 52 -2.14 -1.23 -6.83
C SER A 52 -2.58 0.03 -6.14
N LEU A 53 -3.65 -0.11 -5.36
CA LEU A 53 -4.20 0.99 -4.61
C LEU A 53 -3.22 1.43 -3.53
N LEU A 54 -2.24 0.57 -3.24
CA LEU A 54 -1.25 0.88 -2.25
C LEU A 54 -0.21 1.85 -2.82
N SER A 55 0.27 1.55 -4.02
CA SER A 55 1.25 2.40 -4.67
C SER A 55 0.69 3.82 -4.87
N ARG A 56 -0.64 3.92 -4.85
CA ARG A 56 -1.30 5.21 -5.02
C ARG A 56 -1.99 5.64 -3.73
N GLY A 57 -2.76 4.73 -3.14
CA GLY A 57 -3.45 5.02 -1.90
C GLY A 57 -2.55 5.69 -0.88
N ILE A 58 -1.38 5.10 -0.71
CA ILE A 58 -0.35 5.58 0.21
C ILE A 58 -0.31 7.11 0.31
N SER A 59 0.15 7.78 -0.74
CA SER A 59 0.24 9.25 -0.73
C SER A 59 -0.71 9.85 -1.76
N SER A 60 -0.98 9.08 -2.81
CA SER A 60 -1.86 9.54 -3.87
C SER A 60 -3.33 9.48 -3.44
N TYR A 61 -3.59 9.01 -2.22
CA TYR A 61 -4.96 8.93 -1.71
C TYR A 61 -5.80 10.13 -2.14
N TYR A 62 -6.64 9.92 -3.14
CA TYR A 62 -7.51 10.97 -3.67
C TYR A 62 -6.73 11.93 -4.58
N LEU A 63 -5.65 12.50 -4.05
CA LEU A 63 -4.81 13.43 -4.81
C LEU A 63 -5.44 14.82 -4.87
N SER A 64 -6.07 15.22 -3.76
CA SER A 64 -6.70 16.53 -3.69
C SER A 64 -5.92 17.46 -2.76
N HIS A 65 -4.74 17.85 -3.19
CA HIS A 65 -3.89 18.73 -2.40
C HIS A 65 -3.53 18.06 -1.07
N LYS A 66 -3.21 16.78 -1.14
CA LYS A 66 -2.84 16.02 0.05
C LYS A 66 -1.44 16.39 0.52
N ARG A 67 -1.33 16.82 1.77
CA ARG A 67 -0.04 17.21 2.34
C ARG A 67 0.38 16.25 3.45
N ILE A 68 1.58 16.46 3.99
CA ILE A 68 2.09 15.61 5.07
C ILE A 68 2.30 14.18 4.59
N ILE A 69 3.47 13.63 4.88
CA ILE A 69 3.80 12.27 4.48
C ILE A 69 4.68 11.58 5.53
N PRO A 70 4.05 10.97 6.55
CA PRO A 70 4.79 10.28 7.61
C PRO A 70 5.58 9.08 7.11
N SER A 71 6.37 8.49 7.99
CA SER A 71 7.17 7.32 7.62
C SER A 71 6.27 6.22 7.08
N SER A 72 5.14 6.00 7.76
CA SER A 72 4.17 4.99 7.35
C SER A 72 3.54 5.32 5.99
N MET A 73 4.20 6.18 5.21
CA MET A 73 3.71 6.56 3.89
C MET A 73 4.79 6.29 2.86
N LEU A 74 5.76 5.46 3.26
CA LEU A 74 6.88 5.10 2.40
C LEU A 74 7.25 3.63 2.60
N THR A 75 7.07 3.15 3.82
CA THR A 75 7.37 1.77 4.15
C THR A 75 6.38 0.86 3.46
N ILE A 76 5.13 1.27 3.50
CA ILE A 76 4.08 0.49 2.87
C ILE A 76 4.25 0.51 1.37
N TYR A 77 4.56 1.70 0.84
CA TYR A 77 4.78 1.86 -0.59
C TYR A 77 6.08 1.19 -1.01
N THR A 78 6.98 1.04 -0.07
CA THR A 78 8.25 0.40 -0.34
C THR A 78 8.11 -1.11 -0.22
N GLN A 79 7.24 -1.52 0.71
CA GLN A 79 6.98 -2.92 0.97
C GLN A 79 6.46 -3.61 -0.28
N ILE A 80 5.51 -2.96 -0.92
CA ILE A 80 4.91 -3.45 -2.15
C ILE A 80 5.96 -3.97 -3.11
N GLN A 81 6.82 -3.06 -3.57
CA GLN A 81 7.88 -3.44 -4.49
C GLN A 81 8.78 -4.49 -3.85
N LYS A 82 8.76 -4.55 -2.52
CA LYS A 82 9.56 -5.51 -1.79
C LYS A 82 8.96 -6.89 -1.87
N ASP A 83 7.68 -6.98 -1.61
CA ASP A 83 7.01 -8.26 -1.68
C ASP A 83 6.97 -8.69 -3.14
N ILE A 84 6.82 -7.67 -3.99
CA ILE A 84 6.80 -7.87 -5.42
C ILE A 84 8.10 -8.50 -5.88
N LYS A 85 9.20 -7.82 -5.56
CA LYS A 85 10.52 -8.27 -5.94
C LYS A 85 10.99 -9.43 -5.10
N ASN A 86 10.54 -9.46 -3.87
CA ASN A 86 10.97 -10.52 -2.95
C ASN A 86 10.35 -11.86 -3.33
N GLY A 87 9.32 -11.83 -4.16
CA GLY A 87 8.66 -13.07 -4.56
C GLY A 87 7.53 -13.40 -3.62
N ASN A 88 6.88 -12.36 -3.12
CA ASN A 88 5.76 -12.51 -2.22
C ASN A 88 4.48 -12.31 -3.00
N ILE A 89 4.62 -11.60 -4.10
CA ILE A 89 3.54 -11.25 -4.95
C ILE A 89 3.88 -11.64 -6.38
N ASP A 90 2.88 -11.73 -7.25
CA ASP A 90 3.16 -12.07 -8.64
C ASP A 90 2.97 -10.86 -9.50
N THR A 91 3.96 -9.98 -9.42
CA THR A 91 3.93 -8.73 -10.15
C THR A 91 3.61 -8.92 -11.61
N GLU A 92 3.65 -10.15 -12.08
CA GLU A 92 3.31 -10.43 -13.46
C GLU A 92 1.82 -10.22 -13.63
N LYS A 93 1.09 -10.61 -12.61
CA LYS A 93 -0.34 -10.47 -12.59
C LYS A 93 -0.69 -9.03 -12.23
N LEU A 94 0.01 -8.50 -11.24
CA LEU A 94 -0.13 -7.13 -10.84
C LEU A 94 0.15 -6.24 -12.04
N ARG A 95 1.20 -6.59 -12.80
CA ARG A 95 1.59 -5.83 -13.97
C ARG A 95 0.48 -5.77 -14.99
N LYS A 96 -0.22 -6.88 -15.18
CA LYS A 96 -1.30 -6.93 -16.16
C LYS A 96 -2.43 -6.03 -15.70
N TYR A 97 -2.87 -6.25 -14.48
CA TYR A 97 -3.93 -5.45 -13.90
C TYR A 97 -3.46 -4.00 -13.81
N GLU A 98 -2.16 -3.83 -13.59
CA GLU A 98 -1.55 -2.51 -13.50
C GLU A 98 -1.61 -1.84 -14.86
N ILE A 99 -1.54 -2.65 -15.93
CA ILE A 99 -1.61 -2.13 -17.28
C ILE A 99 -2.90 -1.38 -17.46
N ALA A 100 -3.97 -2.05 -17.09
CA ALA A 100 -5.31 -1.48 -17.17
C ALA A 100 -5.54 -0.41 -16.12
N LYS A 101 -4.51 -0.15 -15.33
CA LYS A 101 -4.58 0.82 -14.27
C LYS A 101 -3.77 2.07 -14.60
N GLY A 102 -2.52 1.86 -14.97
CA GLY A 102 -1.63 2.96 -15.31
C GLY A 102 -1.00 3.57 -14.08
N LEU A 103 -0.65 2.73 -13.12
CA LEU A 103 -0.03 3.20 -11.87
C LEU A 103 1.44 2.81 -11.81
N MET A 104 2.06 2.72 -12.98
CA MET A 104 3.47 2.36 -13.07
C MET A 104 4.34 3.60 -13.24
N SER A 105 4.42 4.42 -12.20
CA SER A 105 5.21 5.65 -12.23
C SER A 105 5.41 6.21 -10.82
N VAL A 106 6.56 6.81 -10.58
CA VAL A 106 6.85 7.39 -9.26
C VAL A 106 8.21 8.08 -9.23
N PRO A 107 8.27 9.28 -8.64
CA PRO A 107 9.52 10.02 -8.47
C PRO A 107 10.45 9.26 -7.54
N TYR A 108 11.14 9.95 -6.66
CA TYR A 108 12.03 9.31 -5.72
C TYR A 108 11.20 8.60 -4.65
N ILE A 109 11.85 8.08 -3.62
CA ILE A 109 11.13 7.39 -2.55
C ILE A 109 12.00 7.19 -1.32
N TYR A 110 11.52 7.69 -0.19
CA TYR A 110 12.25 7.55 1.07
C TYR A 110 11.82 6.27 1.77
N PHE A 111 12.18 5.14 1.16
CA PHE A 111 11.85 3.81 1.69
C PHE A 111 11.73 3.82 3.22
N MET A 1 -4.96 -13.54 6.81
CA MET A 1 -3.87 -12.83 6.09
C MET A 1 -2.56 -13.59 6.17
N ASP A 2 -2.03 -14.00 5.02
CA ASP A 2 -0.76 -14.68 5.01
C ASP A 2 0.30 -13.71 5.53
N ILE A 3 1.40 -14.24 6.00
CA ILE A 3 2.47 -13.42 6.57
C ILE A 3 2.83 -12.23 5.70
N LYS A 4 3.11 -12.47 4.42
CA LYS A 4 3.47 -11.40 3.51
C LYS A 4 2.47 -10.26 3.60
N SER A 5 1.20 -10.62 3.80
CA SER A 5 0.12 -9.66 3.93
C SER A 5 0.04 -9.19 5.38
N GLN A 6 0.34 -10.11 6.28
CA GLN A 6 0.29 -9.89 7.72
C GLN A 6 1.17 -8.78 8.24
N THR A 7 2.34 -8.58 7.67
CA THR A 7 3.22 -7.55 8.18
C THR A 7 2.84 -6.21 7.64
N LEU A 8 2.61 -6.11 6.35
CA LEU A 8 2.19 -4.84 5.82
C LEU A 8 0.82 -4.55 6.42
N TYR A 9 0.12 -5.63 6.81
CA TYR A 9 -1.17 -5.48 7.44
C TYR A 9 -0.96 -4.95 8.84
N LEU A 10 -0.34 -5.78 9.67
CA LEU A 10 -0.05 -5.39 11.03
C LEU A 10 0.64 -4.04 11.03
N ASN A 11 1.42 -3.81 9.98
CA ASN A 11 2.10 -2.55 9.81
C ASN A 11 1.06 -1.49 9.49
N LEU A 12 0.02 -1.90 8.77
CA LEU A 12 -1.06 -1.01 8.41
C LEU A 12 -1.80 -0.56 9.66
N SER A 13 -2.00 -1.51 10.57
CA SER A 13 -2.67 -1.19 11.83
C SER A 13 -1.75 -0.34 12.70
N GLU A 14 -0.49 -0.74 12.75
CA GLU A 14 0.51 -0.02 13.51
C GLU A 14 0.78 1.34 12.88
N ALA A 15 0.59 1.40 11.57
CA ALA A 15 0.79 2.63 10.82
C ALA A 15 -0.40 3.54 10.98
N TYR A 16 -1.56 2.96 10.76
CA TYR A 16 -2.80 3.69 10.88
C TYR A 16 -2.83 4.41 12.23
N LYS A 17 -2.14 3.83 13.20
CA LYS A 17 -2.06 4.42 14.52
C LYS A 17 -0.86 5.37 14.57
N ASP A 18 -0.27 5.67 13.41
CA ASP A 18 0.86 6.58 13.33
C ASP A 18 0.39 7.98 13.71
N PRO A 19 0.93 8.57 14.79
CA PRO A 19 0.52 9.91 15.26
C PRO A 19 0.33 10.93 14.14
N GLU A 20 1.05 10.79 13.03
CA GLU A 20 0.91 11.72 11.93
C GLU A 20 0.04 11.14 10.83
N VAL A 21 -0.67 10.10 11.22
CA VAL A 21 -1.63 9.43 10.38
C VAL A 21 -2.98 9.59 11.08
N LYS A 22 -2.92 9.61 12.42
CA LYS A 22 -4.08 9.83 13.24
C LYS A 22 -4.70 11.15 12.85
N ALA A 23 -3.81 12.12 12.60
CA ALA A 23 -4.23 13.45 12.19
C ALA A 23 -4.74 13.42 10.77
N ASN A 24 -4.28 12.42 10.02
CA ASN A 24 -4.69 12.27 8.63
C ASN A 24 -5.92 11.38 8.53
N GLU A 25 -7.09 12.01 8.37
CA GLU A 25 -8.34 11.30 8.26
C GLU A 25 -8.22 10.09 7.35
N PHE A 26 -7.87 10.34 6.10
CA PHE A 26 -7.71 9.28 5.13
C PHE A 26 -6.59 8.32 5.54
N LEU A 27 -5.34 8.76 5.36
CA LEU A 27 -4.18 7.96 5.70
C LEU A 27 -4.50 6.84 6.70
N SER A 28 -5.06 7.18 7.85
CA SER A 28 -5.40 6.16 8.81
C SER A 28 -6.55 5.34 8.26
N LYS A 29 -7.64 6.01 7.91
CA LYS A 29 -8.80 5.34 7.32
C LYS A 29 -8.36 4.47 6.14
N LEU A 30 -7.79 5.11 5.12
CA LEU A 30 -7.30 4.42 3.95
C LEU A 30 -6.47 3.21 4.36
N VAL A 31 -5.56 3.44 5.29
CA VAL A 31 -4.71 2.38 5.81
C VAL A 31 -5.58 1.32 6.47
N VAL A 32 -6.60 1.77 7.19
CA VAL A 32 -7.53 0.86 7.86
C VAL A 32 -8.21 -0.02 6.81
N GLN A 33 -9.03 0.61 5.99
CA GLN A 33 -9.73 -0.09 4.93
C GLN A 33 -8.74 -0.97 4.19
N CYS A 34 -7.67 -0.35 3.72
CA CYS A 34 -6.62 -1.06 3.02
C CYS A 34 -6.19 -2.26 3.85
N ALA A 35 -6.06 -2.04 5.16
CA ALA A 35 -5.69 -3.11 6.08
C ALA A 35 -6.70 -4.24 6.00
N GLY A 36 -7.97 -3.86 6.01
CA GLY A 36 -9.04 -4.84 5.91
C GLY A 36 -9.16 -5.38 4.51
N LYS A 37 -8.51 -4.71 3.57
CA LYS A 37 -8.51 -5.13 2.19
C LYS A 37 -7.49 -6.24 1.97
N LEU A 38 -6.56 -6.37 2.93
CA LEU A 38 -5.53 -7.39 2.83
C LEU A 38 -5.98 -8.72 3.44
N THR A 39 -6.98 -8.66 4.31
CA THR A 39 -7.51 -9.87 4.94
C THR A 39 -7.79 -10.89 3.89
N ALA A 40 -8.55 -10.46 2.90
CA ALA A 40 -8.88 -11.33 1.79
C ALA A 40 -7.65 -11.57 0.92
N SER A 41 -6.45 -11.50 1.50
CA SER A 41 -5.23 -11.71 0.75
C SER A 41 -5.32 -13.00 -0.06
N ASN A 42 -6.18 -13.92 0.39
CA ASN A 42 -6.41 -15.16 -0.34
C ASN A 42 -6.66 -14.82 -1.80
N SER A 43 -7.25 -13.64 -2.00
CA SER A 43 -7.53 -13.11 -3.30
C SER A 43 -6.46 -12.08 -3.61
N GLU A 44 -5.24 -12.58 -3.77
CA GLU A 44 -4.08 -11.72 -4.04
C GLU A 44 -4.32 -10.87 -5.26
N ASN A 45 -5.19 -11.35 -6.12
CA ASN A 45 -5.54 -10.62 -7.33
C ASN A 45 -6.32 -9.37 -6.95
N SER A 46 -7.11 -9.51 -5.92
CA SER A 46 -7.91 -8.42 -5.39
C SER A 46 -7.07 -7.55 -4.47
N TYR A 47 -6.10 -8.20 -3.83
CA TYR A 47 -5.18 -7.57 -2.96
C TYR A 47 -4.08 -6.95 -3.82
N ILE A 48 -4.05 -7.43 -5.08
CA ILE A 48 -3.12 -6.97 -6.12
C ILE A 48 -3.55 -5.61 -6.60
N GLU A 49 -4.84 -5.45 -6.78
CA GLU A 49 -5.39 -4.20 -7.22
C GLU A 49 -5.18 -3.20 -6.12
N VAL A 50 -5.72 -3.51 -4.95
CA VAL A 50 -5.51 -2.66 -3.82
C VAL A 50 -4.01 -2.50 -3.58
N ILE A 51 -3.25 -3.51 -4.07
CA ILE A 51 -1.81 -3.49 -3.96
C ILE A 51 -1.23 -2.48 -4.94
N SER A 52 -1.84 -2.39 -6.13
CA SER A 52 -1.40 -1.44 -7.12
C SER A 52 -1.77 -0.06 -6.67
N LEU A 53 -2.97 0.03 -6.09
CA LEU A 53 -3.46 1.28 -5.59
C LEU A 53 -2.57 1.77 -4.46
N LEU A 54 -2.00 0.82 -3.72
CA LEU A 54 -1.12 1.17 -2.62
C LEU A 54 0.04 2.03 -3.10
N SER A 55 0.80 1.52 -4.05
CA SER A 55 1.93 2.28 -4.59
C SER A 55 1.43 3.43 -5.46
N ARG A 56 0.62 4.30 -4.85
CA ARG A 56 0.03 5.45 -5.52
C ARG A 56 -1.19 5.94 -4.75
N GLY A 57 -1.87 4.98 -4.11
CA GLY A 57 -3.06 5.27 -3.34
C GLY A 57 -2.79 6.08 -2.11
N ILE A 58 -1.69 5.76 -1.44
CA ILE A 58 -1.33 6.46 -0.21
C ILE A 58 -0.87 7.90 -0.51
N SER A 59 -0.67 8.22 -1.79
CA SER A 59 -0.24 9.56 -2.17
C SER A 59 -1.24 10.22 -3.13
N SER A 60 -2.00 9.39 -3.84
CA SER A 60 -2.98 9.90 -4.79
C SER A 60 -4.22 10.43 -4.08
N TYR A 61 -4.51 9.87 -2.90
CA TYR A 61 -5.67 10.29 -2.12
C TYR A 61 -5.74 11.81 -1.99
N TYR A 62 -6.81 12.30 -1.38
CA TYR A 62 -6.99 13.73 -1.18
C TYR A 62 -5.72 14.38 -0.63
N LEU A 63 -4.88 14.91 -1.52
CA LEU A 63 -3.64 15.55 -1.13
C LEU A 63 -3.89 16.96 -0.59
N SER A 64 -4.41 17.03 0.62
CA SER A 64 -4.70 18.33 1.24
C SER A 64 -3.63 18.67 2.27
N HIS A 65 -2.40 18.21 2.03
CA HIS A 65 -1.28 18.47 2.93
C HIS A 65 -0.07 18.99 2.15
N LYS A 66 1.01 19.25 2.86
CA LYS A 66 2.23 19.76 2.25
C LYS A 66 3.34 18.69 2.30
N ARG A 67 3.81 18.40 3.50
CA ARG A 67 4.87 17.41 3.67
C ARG A 67 4.62 16.56 4.92
N ILE A 68 3.36 16.36 5.26
CA ILE A 68 2.99 15.57 6.43
C ILE A 68 3.15 14.08 6.13
N ILE A 69 4.38 13.58 6.25
CA ILE A 69 4.66 12.17 6.00
C ILE A 69 5.38 11.53 7.19
N PRO A 70 4.73 10.58 7.88
CA PRO A 70 5.30 9.88 9.02
C PRO A 70 6.17 8.71 8.59
N SER A 71 6.77 8.01 9.54
CA SER A 71 7.59 6.84 9.21
C SER A 71 6.76 5.92 8.34
N SER A 72 5.48 5.83 8.67
CA SER A 72 4.55 5.03 7.90
C SER A 72 4.48 5.61 6.50
N MET A 73 3.65 5.07 5.64
CA MET A 73 3.54 5.56 4.28
C MET A 73 4.83 5.22 3.55
N LEU A 74 5.92 5.81 4.02
CA LEU A 74 7.25 5.58 3.48
C LEU A 74 7.62 4.11 3.58
N THR A 75 7.25 3.47 4.68
CA THR A 75 7.56 2.08 4.89
C THR A 75 6.57 1.18 4.16
N ILE A 76 5.29 1.50 4.28
CA ILE A 76 4.26 0.71 3.64
C ILE A 76 4.37 0.77 2.11
N TYR A 77 4.07 1.93 1.55
CA TYR A 77 4.14 2.13 0.09
C TYR A 77 5.43 1.57 -0.46
N THR A 78 6.48 1.61 0.33
CA THR A 78 7.77 1.11 -0.10
C THR A 78 7.86 -0.39 0.15
N GLN A 79 7.23 -0.83 1.24
CA GLN A 79 7.22 -2.23 1.61
C GLN A 79 6.55 -3.07 0.53
N ILE A 80 5.47 -2.56 -0.05
CA ILE A 80 4.77 -3.27 -1.09
C ILE A 80 5.69 -3.58 -2.23
N GLN A 81 6.39 -2.55 -2.71
CA GLN A 81 7.31 -2.73 -3.80
C GLN A 81 8.37 -3.75 -3.38
N LYS A 82 8.54 -3.89 -2.07
CA LYS A 82 9.49 -4.83 -1.51
C LYS A 82 8.95 -6.24 -1.60
N ASP A 83 7.73 -6.43 -1.16
CA ASP A 83 7.10 -7.73 -1.25
C ASP A 83 6.95 -8.05 -2.72
N ILE A 84 6.67 -7.00 -3.48
CA ILE A 84 6.51 -7.08 -4.91
C ILE A 84 7.77 -7.65 -5.56
N LYS A 85 8.88 -6.95 -5.35
CA LYS A 85 10.16 -7.34 -5.91
C LYS A 85 10.76 -8.50 -5.16
N ASN A 86 10.44 -8.60 -3.89
CA ASN A 86 10.98 -9.66 -3.05
C ASN A 86 10.43 -11.03 -3.44
N GLY A 87 9.33 -11.03 -4.17
CA GLY A 87 8.72 -12.29 -4.57
C GLY A 87 7.69 -12.74 -3.57
N ASN A 88 6.98 -11.78 -2.99
CA ASN A 88 5.93 -12.07 -2.03
C ASN A 88 4.60 -11.93 -2.75
N ILE A 89 4.60 -11.03 -3.71
CA ILE A 89 3.45 -10.76 -4.52
C ILE A 89 3.67 -11.35 -5.89
N ASP A 90 2.62 -11.46 -6.67
CA ASP A 90 2.76 -11.98 -8.01
C ASP A 90 2.56 -10.84 -8.97
N THR A 91 3.57 -9.99 -9.04
CA THR A 91 3.53 -8.82 -9.89
C THR A 91 3.13 -9.18 -11.31
N GLU A 92 3.20 -10.47 -11.63
CA GLU A 92 2.79 -10.93 -12.93
C GLU A 92 1.28 -10.78 -13.03
N LYS A 93 0.61 -11.04 -11.92
CA LYS A 93 -0.82 -10.90 -11.86
C LYS A 93 -1.15 -9.42 -11.83
N LEU A 94 -0.39 -8.69 -11.03
CA LEU A 94 -0.52 -7.26 -10.94
C LEU A 94 -0.42 -6.66 -12.32
N ARG A 95 0.64 -7.04 -13.02
CA ARG A 95 0.88 -6.55 -14.35
C ARG A 95 -0.36 -6.64 -15.22
N LYS A 96 -1.00 -7.81 -15.20
CA LYS A 96 -2.20 -8.03 -16.01
C LYS A 96 -3.22 -6.94 -15.74
N TYR A 97 -3.58 -6.83 -14.47
CA TYR A 97 -4.53 -5.83 -14.05
C TYR A 97 -4.02 -4.44 -14.38
N GLU A 98 -2.73 -4.23 -14.13
CA GLU A 98 -2.09 -2.97 -14.40
C GLU A 98 -2.00 -2.73 -15.90
N ILE A 99 -2.26 -3.77 -16.69
CA ILE A 99 -2.24 -3.60 -18.12
C ILE A 99 -3.44 -2.79 -18.50
N ALA A 100 -4.57 -3.22 -17.97
CA ALA A 100 -5.84 -2.56 -18.20
C ALA A 100 -5.76 -1.09 -17.86
N LYS A 101 -5.15 -0.82 -16.74
CA LYS A 101 -5.02 0.51 -16.25
C LYS A 101 -3.79 1.25 -16.73
N GLY A 102 -2.65 0.57 -16.72
CA GLY A 102 -1.41 1.19 -17.14
C GLY A 102 -0.94 2.22 -16.14
N LEU A 103 -0.98 1.84 -14.87
CA LEU A 103 -0.58 2.73 -13.78
C LEU A 103 0.81 2.37 -13.23
N MET A 104 1.71 1.98 -14.11
CA MET A 104 3.06 1.62 -13.72
C MET A 104 4.02 2.81 -13.88
N SER A 105 3.94 3.75 -12.95
CA SER A 105 4.79 4.94 -12.98
C SER A 105 4.79 5.67 -11.65
N VAL A 106 5.94 6.21 -11.26
CA VAL A 106 6.07 6.93 -10.01
C VAL A 106 7.49 7.48 -9.81
N PRO A 107 7.67 8.81 -9.91
CA PRO A 107 8.97 9.44 -9.71
C PRO A 107 9.19 9.70 -8.23
N TYR A 108 8.52 8.90 -7.43
CA TYR A 108 8.56 9.02 -6.00
C TYR A 108 9.37 7.90 -5.36
N ILE A 109 9.06 7.66 -4.08
CA ILE A 109 9.69 6.63 -3.29
C ILE A 109 11.13 6.95 -2.96
N TYR A 110 11.38 7.16 -1.69
CA TYR A 110 12.72 7.45 -1.19
C TYR A 110 13.38 6.14 -0.78
N PHE A 111 12.99 5.09 -1.51
CA PHE A 111 13.49 3.74 -1.27
C PHE A 111 13.50 3.40 0.21
N MET A 1 -3.11 -12.07 7.88
CA MET A 1 -2.60 -11.75 6.53
C MET A 1 -1.48 -12.68 6.11
N ASP A 2 -1.32 -12.84 4.81
CA ASP A 2 -0.22 -13.62 4.31
C ASP A 2 1.05 -12.93 4.78
N ILE A 3 2.09 -13.69 5.04
CA ILE A 3 3.33 -13.12 5.55
C ILE A 3 3.77 -11.86 4.80
N LYS A 4 3.88 -11.96 3.50
CA LYS A 4 4.31 -10.84 2.69
C LYS A 4 3.51 -9.58 3.04
N SER A 5 2.20 -9.73 3.12
CA SER A 5 1.31 -8.62 3.45
C SER A 5 1.19 -8.41 4.95
N GLN A 6 1.42 -9.47 5.71
CA GLN A 6 1.31 -9.45 7.15
C GLN A 6 2.00 -8.27 7.81
N THR A 7 3.18 -7.89 7.33
CA THR A 7 3.87 -6.79 7.96
C THR A 7 3.33 -5.48 7.47
N LEU A 8 3.10 -5.35 6.18
CA LEU A 8 2.52 -4.13 5.67
C LEU A 8 1.14 -3.99 6.28
N TYR A 9 0.51 -5.14 6.54
CA TYR A 9 -0.78 -5.17 7.17
C TYR A 9 -0.62 -4.78 8.62
N LEU A 10 0.16 -5.56 9.34
CA LEU A 10 0.42 -5.27 10.74
C LEU A 10 0.88 -3.83 10.85
N ASN A 11 1.60 -3.39 9.83
CA ASN A 11 2.08 -2.03 9.76
C ASN A 11 0.93 -1.11 9.38
N LEU A 12 -0.03 -1.66 8.63
CA LEU A 12 -1.20 -0.91 8.19
C LEU A 12 -1.94 -0.35 9.38
N SER A 13 -2.21 -1.21 10.36
CA SER A 13 -2.91 -0.80 11.56
C SER A 13 -2.05 0.13 12.38
N GLU A 14 -0.77 -0.16 12.43
CA GLU A 14 0.18 0.65 13.17
C GLU A 14 0.42 1.98 12.49
N ALA A 15 0.27 1.98 11.16
CA ALA A 15 0.44 3.19 10.38
C ALA A 15 -0.80 4.04 10.48
N TYR A 16 -1.92 3.37 10.31
CA TYR A 16 -3.19 4.04 10.39
C TYR A 16 -3.30 4.71 11.75
N LYS A 17 -2.67 4.10 12.73
CA LYS A 17 -2.64 4.64 14.06
C LYS A 17 -1.39 5.50 14.22
N ASP A 18 -0.79 5.90 13.08
CA ASP A 18 0.39 6.74 13.09
C ASP A 18 -0.06 8.19 13.31
N PRO A 19 0.50 8.87 14.31
CA PRO A 19 0.13 10.25 14.64
C PRO A 19 -0.02 11.18 13.44
N GLU A 20 0.78 10.97 12.40
CA GLU A 20 0.69 11.81 11.20
C GLU A 20 -0.20 11.18 10.15
N VAL A 21 -0.96 10.22 10.61
CA VAL A 21 -1.96 9.53 9.80
C VAL A 21 -3.30 9.82 10.46
N LYS A 22 -3.25 9.94 11.78
CA LYS A 22 -4.41 10.29 12.58
C LYS A 22 -4.91 11.65 12.13
N ALA A 23 -3.94 12.53 11.89
CA ALA A 23 -4.23 13.87 11.43
C ALA A 23 -4.74 13.84 10.00
N ASN A 24 -4.40 12.76 9.29
CA ASN A 24 -4.83 12.58 7.93
C ASN A 24 -5.90 11.51 7.84
N GLU A 25 -7.14 11.91 8.12
CA GLU A 25 -8.28 11.00 8.11
C GLU A 25 -8.35 10.22 6.80
N PHE A 26 -7.94 10.85 5.72
CA PHE A 26 -7.95 10.20 4.42
C PHE A 26 -6.92 9.08 4.38
N LEU A 27 -5.79 9.32 5.01
CA LEU A 27 -4.70 8.35 5.06
C LEU A 27 -5.07 7.20 5.97
N SER A 28 -5.47 7.50 7.21
CA SER A 28 -5.83 6.47 8.14
C SER A 28 -7.01 5.66 7.62
N LYS A 29 -8.08 6.37 7.30
CA LYS A 29 -9.28 5.72 6.76
C LYS A 29 -8.93 4.80 5.61
N LEU A 30 -8.07 5.27 4.72
CA LEU A 30 -7.65 4.45 3.60
C LEU A 30 -6.83 3.28 4.10
N VAL A 31 -5.91 3.57 5.00
CA VAL A 31 -5.07 2.55 5.61
C VAL A 31 -5.96 1.55 6.34
N VAL A 32 -7.11 2.04 6.80
CA VAL A 32 -8.09 1.22 7.50
C VAL A 32 -8.82 0.33 6.51
N GLN A 33 -9.58 0.97 5.64
CA GLN A 33 -10.35 0.25 4.62
C GLN A 33 -9.41 -0.67 3.85
N CYS A 34 -8.23 -0.15 3.55
CA CYS A 34 -7.23 -0.92 2.84
C CYS A 34 -6.81 -2.12 3.68
N ALA A 35 -6.68 -1.89 4.99
CA ALA A 35 -6.29 -2.96 5.90
C ALA A 35 -7.32 -4.08 5.87
N GLY A 36 -8.54 -3.74 5.48
CA GLY A 36 -9.59 -4.73 5.41
C GLY A 36 -9.57 -5.50 4.11
N LYS A 37 -9.06 -4.86 3.05
CA LYS A 37 -8.96 -5.51 1.76
C LYS A 37 -7.72 -6.39 1.74
N LEU A 38 -6.85 -6.17 2.71
CA LEU A 38 -5.62 -6.93 2.81
C LEU A 38 -5.83 -8.20 3.63
N THR A 39 -6.69 -8.13 4.63
CA THR A 39 -6.96 -9.30 5.49
C THR A 39 -7.20 -10.54 4.64
N ALA A 40 -7.67 -10.33 3.42
CA ALA A 40 -7.89 -11.43 2.50
C ALA A 40 -6.70 -11.53 1.54
N SER A 41 -5.51 -11.19 2.04
CA SER A 41 -4.31 -11.24 1.22
C SER A 41 -4.18 -12.59 0.52
N ASN A 42 -4.83 -13.61 1.08
CA ASN A 42 -4.83 -14.93 0.47
C ASN A 42 -5.23 -14.79 -1.00
N SER A 43 -6.00 -13.74 -1.27
CA SER A 43 -6.44 -13.42 -2.60
C SER A 43 -5.50 -12.38 -3.16
N GLU A 44 -4.30 -12.81 -3.54
CA GLU A 44 -3.28 -11.89 -4.06
C GLU A 44 -3.83 -11.13 -5.25
N ASN A 45 -4.81 -11.71 -5.90
CA ASN A 45 -5.43 -11.06 -7.05
C ASN A 45 -6.25 -9.88 -6.57
N SER A 46 -6.88 -10.09 -5.43
CA SER A 46 -7.69 -9.07 -4.80
C SER A 46 -6.79 -8.11 -4.03
N TYR A 47 -5.66 -8.64 -3.59
CA TYR A 47 -4.67 -7.88 -2.89
C TYR A 47 -3.83 -7.16 -3.92
N ILE A 48 -3.91 -7.65 -5.16
CA ILE A 48 -3.21 -7.08 -6.31
C ILE A 48 -3.83 -5.76 -6.68
N GLU A 49 -5.16 -5.76 -6.68
CA GLU A 49 -5.88 -4.55 -7.00
C GLU A 49 -5.68 -3.57 -5.87
N VAL A 50 -5.89 -4.04 -4.66
CA VAL A 50 -5.66 -3.21 -3.51
C VAL A 50 -4.16 -2.92 -3.42
N ILE A 51 -3.36 -3.80 -4.01
CA ILE A 51 -1.93 -3.63 -4.04
C ILE A 51 -1.59 -2.48 -4.98
N SER A 52 -2.42 -2.31 -6.00
CA SER A 52 -2.25 -1.23 -6.95
C SER A 52 -2.64 0.08 -6.29
N LEU A 53 -3.65 0.00 -5.44
CA LEU A 53 -4.16 1.16 -4.73
C LEU A 53 -3.37 1.42 -3.46
N LEU A 54 -2.77 0.37 -2.90
CA LEU A 54 -2.01 0.49 -1.71
C LEU A 54 -0.62 1.09 -1.99
N SER A 55 0.02 0.62 -3.06
CA SER A 55 1.34 1.14 -3.45
C SER A 55 1.28 2.67 -3.47
N ARG A 56 0.28 3.18 -4.15
CA ARG A 56 0.06 4.62 -4.24
C ARG A 56 -0.71 5.07 -3.00
N GLY A 57 -1.55 4.18 -2.51
CA GLY A 57 -2.36 4.46 -1.33
C GLY A 57 -1.56 5.10 -0.21
N ILE A 58 -0.54 4.37 0.24
CA ILE A 58 0.34 4.79 1.31
C ILE A 58 0.51 6.31 1.41
N SER A 59 1.58 6.87 0.84
CA SER A 59 1.81 8.31 0.92
C SER A 59 1.40 9.02 -0.36
N SER A 60 1.20 8.27 -1.43
CA SER A 60 0.82 8.86 -2.70
C SER A 60 -0.65 9.29 -2.70
N TYR A 61 -1.51 8.53 -2.03
CA TYR A 61 -2.92 8.87 -1.97
C TYR A 61 -3.15 10.13 -1.13
N TYR A 62 -3.73 11.16 -1.77
CA TYR A 62 -4.01 12.41 -1.08
C TYR A 62 -2.74 13.01 -0.47
N LEU A 63 -2.25 14.06 -1.09
CA LEU A 63 -1.04 14.73 -0.61
C LEU A 63 -0.76 16.00 -1.41
N SER A 64 -1.39 17.10 -1.00
CA SER A 64 -1.20 18.37 -1.69
C SER A 64 0.08 19.05 -1.20
N HIS A 65 0.45 18.81 0.05
CA HIS A 65 1.65 19.40 0.63
C HIS A 65 2.71 18.33 0.85
N LYS A 66 3.97 18.76 0.88
CA LYS A 66 5.08 17.84 1.09
C LYS A 66 5.48 17.79 2.56
N ARG A 67 6.44 16.94 2.88
CA ARG A 67 6.92 16.79 4.26
C ARG A 67 5.79 16.29 5.15
N ILE A 68 5.98 16.44 6.47
CA ILE A 68 4.98 16.01 7.46
C ILE A 68 4.45 14.60 7.14
N ILE A 69 5.37 13.68 6.83
CA ILE A 69 5.00 12.31 6.51
C ILE A 69 5.53 11.35 7.59
N PRO A 70 4.69 10.39 8.03
CA PRO A 70 5.09 9.42 9.04
C PRO A 70 5.84 8.24 8.45
N SER A 71 6.84 7.74 9.18
CA SER A 71 7.63 6.60 8.73
C SER A 71 6.73 5.49 8.21
N SER A 72 5.70 5.16 8.99
CA SER A 72 4.74 4.12 8.61
C SER A 72 3.95 4.50 7.36
N MET A 73 4.47 5.43 6.58
CA MET A 73 3.84 5.86 5.34
C MET A 73 4.89 5.84 4.24
N LEU A 74 5.72 4.80 4.29
CA LEU A 74 6.80 4.61 3.35
C LEU A 74 7.42 3.23 3.56
N THR A 75 7.43 2.78 4.81
CA THR A 75 7.97 1.47 5.14
C THR A 75 7.02 0.38 4.68
N ILE A 76 5.76 0.72 4.56
CA ILE A 76 4.76 -0.22 4.10
C ILE A 76 4.80 -0.29 2.58
N TYR A 77 4.91 0.88 1.98
CA TYR A 77 5.02 0.99 0.54
C TYR A 77 6.26 0.24 0.08
N THR A 78 7.37 0.60 0.71
CA THR A 78 8.65 -0.03 0.43
C THR A 78 8.54 -1.54 0.55
N GLN A 79 7.75 -1.95 1.53
CA GLN A 79 7.52 -3.37 1.81
C GLN A 79 6.67 -3.97 0.71
N ILE A 80 5.62 -3.23 0.37
CA ILE A 80 4.69 -3.62 -0.67
C ILE A 80 5.45 -3.98 -1.94
N GLN A 81 6.28 -3.06 -2.41
CA GLN A 81 7.08 -3.29 -3.60
C GLN A 81 8.03 -4.45 -3.37
N LYS A 82 8.42 -4.62 -2.11
CA LYS A 82 9.34 -5.68 -1.72
C LYS A 82 8.71 -7.04 -1.93
N ASP A 83 7.43 -7.15 -1.61
CA ASP A 83 6.72 -8.40 -1.79
C ASP A 83 6.71 -8.74 -3.26
N ILE A 84 6.59 -7.70 -4.06
CA ILE A 84 6.58 -7.81 -5.49
C ILE A 84 7.93 -8.37 -5.99
N LYS A 85 9.01 -7.61 -5.78
CA LYS A 85 10.34 -8.03 -6.20
C LYS A 85 10.77 -9.26 -5.44
N ASN A 86 10.29 -9.36 -4.22
CA ASN A 86 10.69 -10.46 -3.37
C ASN A 86 10.16 -11.80 -3.87
N GLY A 87 9.09 -11.74 -4.66
CA GLY A 87 8.50 -12.96 -5.15
C GLY A 87 7.39 -13.43 -4.23
N ASN A 88 6.69 -12.47 -3.63
CA ASN A 88 5.59 -12.77 -2.73
C ASN A 88 4.30 -12.50 -3.47
N ILE A 89 4.37 -11.50 -4.33
CA ILE A 89 3.28 -11.09 -5.15
C ILE A 89 3.54 -11.50 -6.57
N ASP A 90 2.51 -11.61 -7.37
CA ASP A 90 2.70 -11.96 -8.76
C ASP A 90 2.48 -10.72 -9.58
N THR A 91 3.51 -9.87 -9.56
CA THR A 91 3.46 -8.61 -10.28
C THR A 91 3.05 -8.82 -11.74
N GLU A 92 3.12 -10.07 -12.20
CA GLU A 92 2.70 -10.39 -13.54
C GLU A 92 1.20 -10.22 -13.64
N LYS A 93 0.53 -10.57 -12.54
CA LYS A 93 -0.91 -10.44 -12.45
C LYS A 93 -1.24 -8.97 -12.23
N LEU A 94 -0.44 -8.35 -11.38
CA LEU A 94 -0.57 -6.95 -11.09
C LEU A 94 -0.40 -6.14 -12.35
N ARG A 95 0.58 -6.53 -13.14
CA ARG A 95 0.86 -5.85 -14.38
C ARG A 95 -0.36 -5.82 -15.27
N LYS A 96 -1.01 -6.96 -15.41
CA LYS A 96 -2.21 -7.07 -16.24
C LYS A 96 -3.23 -6.05 -15.82
N TYR A 97 -3.62 -6.16 -14.56
CA TYR A 97 -4.59 -5.25 -13.99
C TYR A 97 -4.05 -3.82 -14.06
N GLU A 98 -2.77 -3.67 -13.75
CA GLU A 98 -2.10 -2.39 -13.80
C GLU A 98 -2.16 -1.83 -15.20
N ILE A 99 -2.19 -2.73 -16.19
CA ILE A 99 -2.27 -2.30 -17.58
C ILE A 99 -3.52 -1.46 -17.75
N ALA A 100 -4.61 -2.04 -17.28
CA ALA A 100 -5.91 -1.40 -17.34
C ALA A 100 -6.02 -0.22 -16.38
N LYS A 101 -4.96 0.02 -15.63
CA LYS A 101 -4.94 1.08 -14.67
C LYS A 101 -4.03 2.23 -15.12
N GLY A 102 -2.80 1.88 -15.44
CA GLY A 102 -1.83 2.87 -15.87
C GLY A 102 -1.22 3.62 -14.70
N LEU A 103 -0.86 2.88 -13.64
CA LEU A 103 -0.27 3.49 -12.46
C LEU A 103 1.22 3.19 -12.34
N MET A 104 1.80 2.80 -13.46
CA MET A 104 3.22 2.47 -13.51
C MET A 104 4.05 3.64 -14.04
N SER A 105 4.45 4.54 -13.15
CA SER A 105 5.25 5.70 -13.56
C SER A 105 5.80 6.47 -12.36
N VAL A 106 6.78 5.88 -11.67
CA VAL A 106 7.40 6.54 -10.52
C VAL A 106 8.44 5.65 -9.86
N PRO A 107 9.62 6.23 -9.53
CA PRO A 107 10.69 5.51 -8.84
C PRO A 107 10.31 5.27 -7.38
N TYR A 108 11.27 5.40 -6.49
CA TYR A 108 11.01 5.20 -5.06
C TYR A 108 10.24 6.41 -4.48
N ILE A 109 9.64 7.23 -5.35
CA ILE A 109 8.90 8.41 -4.91
C ILE A 109 9.79 9.39 -4.15
N TYR A 110 9.47 10.68 -4.32
CA TYR A 110 10.23 11.73 -3.64
C TYR A 110 9.48 12.19 -2.40
N PHE A 111 8.77 11.25 -1.78
CA PHE A 111 7.99 11.53 -0.57
C PHE A 111 7.08 12.73 -0.77
N MET A 1 -4.15 -13.12 6.66
CA MET A 1 -3.15 -12.62 5.68
C MET A 1 -1.84 -13.39 5.78
N ASP A 2 -1.25 -13.72 4.63
CA ASP A 2 0.01 -14.43 4.63
C ASP A 2 1.02 -13.56 5.38
N ILE A 3 2.18 -14.13 5.71
CA ILE A 3 3.19 -13.39 6.46
C ILE A 3 3.62 -12.13 5.75
N LYS A 4 4.08 -12.27 4.53
CA LYS A 4 4.53 -11.14 3.73
C LYS A 4 3.50 -10.01 3.81
N SER A 5 2.24 -10.39 3.75
CA SER A 5 1.14 -9.45 3.82
C SER A 5 0.76 -9.14 5.26
N GLN A 6 1.06 -10.08 6.16
CA GLN A 6 0.74 -9.93 7.56
C GLN A 6 1.44 -8.73 8.16
N THR A 7 2.69 -8.53 7.81
CA THR A 7 3.44 -7.42 8.33
C THR A 7 3.11 -6.17 7.56
N LEU A 8 2.85 -6.32 6.26
CA LEU A 8 2.46 -5.19 5.45
C LEU A 8 1.10 -4.74 5.93
N TYR A 9 0.26 -5.72 6.26
CA TYR A 9 -1.05 -5.45 6.78
C TYR A 9 -0.91 -4.92 8.19
N LEU A 10 -0.27 -5.71 9.05
CA LEU A 10 -0.04 -5.30 10.42
C LEU A 10 0.57 -3.92 10.41
N ASN A 11 1.36 -3.65 9.37
CA ASN A 11 1.97 -2.34 9.21
C ASN A 11 0.87 -1.29 9.10
N LEU A 12 -0.20 -1.68 8.42
CA LEU A 12 -1.35 -0.79 8.24
C LEU A 12 -1.90 -0.38 9.60
N SER A 13 -2.14 -1.37 10.45
CA SER A 13 -2.64 -1.10 11.79
C SER A 13 -1.60 -0.30 12.57
N GLU A 14 -0.35 -0.64 12.34
CA GLU A 14 0.76 0.03 13.00
C GLU A 14 0.73 1.51 12.70
N ALA A 15 0.23 1.87 11.52
CA ALA A 15 0.15 3.26 11.17
C ALA A 15 -1.05 3.86 11.85
N TYR A 16 -2.03 3.01 12.13
CA TYR A 16 -3.21 3.45 12.80
C TYR A 16 -2.86 3.98 14.17
N LYS A 17 -1.76 3.50 14.71
CA LYS A 17 -1.30 3.96 15.99
C LYS A 17 -0.28 5.09 15.78
N ASP A 18 -0.13 5.52 14.51
CA ASP A 18 0.78 6.61 14.16
C ASP A 18 0.12 7.96 14.45
N PRO A 19 0.56 8.69 15.48
CA PRO A 19 -0.02 9.98 15.86
C PRO A 19 -0.25 10.95 14.70
N GLU A 20 0.54 10.83 13.63
CA GLU A 20 0.37 11.71 12.50
C GLU A 20 -0.42 11.03 11.39
N VAL A 21 -1.07 9.97 11.80
CA VAL A 21 -1.97 9.20 10.96
C VAL A 21 -3.33 9.32 11.61
N LYS A 22 -3.31 9.29 12.95
CA LYS A 22 -4.50 9.46 13.75
C LYS A 22 -5.18 10.76 13.33
N ALA A 23 -4.34 11.77 13.13
CA ALA A 23 -4.81 13.09 12.73
C ALA A 23 -5.09 13.14 11.24
N ASN A 24 -4.40 12.29 10.49
CA ASN A 24 -4.57 12.24 9.04
C ASN A 24 -5.73 11.33 8.69
N GLU A 25 -6.79 11.93 8.16
CA GLU A 25 -7.99 11.18 7.77
C GLU A 25 -7.69 10.19 6.65
N PHE A 26 -7.37 10.73 5.49
CA PHE A 26 -7.09 9.92 4.30
C PHE A 26 -6.08 8.82 4.58
N LEU A 27 -4.95 9.20 5.19
CA LEU A 27 -3.90 8.24 5.49
C LEU A 27 -4.41 7.08 6.34
N SER A 28 -4.87 7.35 7.55
CA SER A 28 -5.38 6.30 8.41
C SER A 28 -6.61 5.65 7.79
N LYS A 29 -7.56 6.47 7.38
CA LYS A 29 -8.78 5.96 6.75
C LYS A 29 -8.43 5.01 5.60
N LEU A 30 -7.51 5.45 4.73
CA LEU A 30 -7.09 4.61 3.62
C LEU A 30 -6.46 3.34 4.16
N VAL A 31 -5.61 3.52 5.16
CA VAL A 31 -4.95 2.40 5.81
C VAL A 31 -6.02 1.46 6.37
N VAL A 32 -7.09 2.07 6.86
CA VAL A 32 -8.21 1.32 7.41
C VAL A 32 -8.91 0.53 6.32
N GLN A 33 -9.56 1.27 5.41
CA GLN A 33 -10.26 0.66 4.30
C GLN A 33 -9.35 -0.36 3.62
N CYS A 34 -8.13 0.08 3.37
CA CYS A 34 -7.12 -0.77 2.76
C CYS A 34 -6.86 -1.99 3.64
N ALA A 35 -6.74 -1.75 4.95
CA ALA A 35 -6.50 -2.82 5.90
C ALA A 35 -7.62 -3.85 5.86
N GLY A 36 -8.79 -3.40 5.45
CA GLY A 36 -9.94 -4.29 5.36
C GLY A 36 -9.92 -5.11 4.10
N LYS A 37 -9.35 -4.56 3.03
CA LYS A 37 -9.26 -5.27 1.77
C LYS A 37 -8.10 -6.24 1.79
N LEU A 38 -7.24 -6.13 2.80
CA LEU A 38 -6.08 -6.99 2.91
C LEU A 38 -6.38 -8.26 3.67
N THR A 39 -7.10 -8.17 4.79
CA THR A 39 -7.42 -9.36 5.57
C THR A 39 -7.93 -10.47 4.67
N ALA A 40 -8.48 -10.10 3.52
CA ALA A 40 -8.93 -11.07 2.56
C ALA A 40 -7.83 -11.34 1.54
N SER A 41 -6.58 -11.20 1.98
CA SER A 41 -5.44 -11.41 1.09
C SER A 41 -5.56 -12.74 0.37
N ASN A 42 -6.36 -13.65 0.92
CA ASN A 42 -6.60 -14.93 0.27
C ASN A 42 -6.97 -14.64 -1.18
N SER A 43 -7.58 -13.47 -1.38
CA SER A 43 -7.94 -12.97 -2.67
C SER A 43 -6.78 -12.14 -3.16
N GLU A 44 -5.71 -12.81 -3.58
CA GLU A 44 -4.50 -12.12 -4.03
C GLU A 44 -4.84 -11.17 -5.16
N ASN A 45 -5.92 -11.46 -5.84
CA ASN A 45 -6.37 -10.61 -6.93
C ASN A 45 -6.75 -9.25 -6.39
N SER A 46 -7.34 -9.27 -5.22
CA SER A 46 -7.77 -8.06 -4.53
C SER A 46 -6.61 -7.39 -3.79
N TYR A 47 -5.64 -8.20 -3.39
CA TYR A 47 -4.47 -7.73 -2.72
C TYR A 47 -3.50 -7.25 -3.77
N ILE A 48 -3.81 -7.63 -5.01
CA ILE A 48 -3.08 -7.23 -6.21
C ILE A 48 -3.60 -5.87 -6.63
N GLU A 49 -4.91 -5.74 -6.60
CA GLU A 49 -5.53 -4.48 -6.91
C GLU A 49 -5.26 -3.53 -5.78
N VAL A 50 -5.58 -3.99 -4.56
CA VAL A 50 -5.31 -3.21 -3.38
C VAL A 50 -3.80 -2.94 -3.31
N ILE A 51 -3.03 -3.85 -3.90
CA ILE A 51 -1.60 -3.70 -3.95
C ILE A 51 -1.27 -2.54 -4.88
N SER A 52 -2.10 -2.37 -5.91
CA SER A 52 -1.92 -1.29 -6.86
C SER A 52 -2.28 0.02 -6.17
N LEU A 53 -3.31 -0.05 -5.36
CA LEU A 53 -3.77 1.11 -4.61
C LEU A 53 -2.78 1.45 -3.52
N LEU A 54 -1.84 0.55 -3.26
CA LEU A 54 -0.84 0.81 -2.25
C LEU A 54 0.26 1.72 -2.79
N SER A 55 0.92 1.28 -3.85
CA SER A 55 1.99 2.07 -4.46
C SER A 55 1.42 3.25 -5.25
N ARG A 56 0.10 3.28 -5.44
CA ARG A 56 -0.55 4.36 -6.17
C ARG A 56 -1.78 4.89 -5.44
N GLY A 57 -2.20 4.17 -4.41
CA GLY A 57 -3.37 4.56 -3.64
C GLY A 57 -3.03 5.44 -2.46
N ILE A 58 -1.88 5.19 -1.84
CA ILE A 58 -1.48 5.95 -0.68
C ILE A 58 -1.12 7.40 -1.02
N SER A 59 -1.70 7.92 -2.10
CA SER A 59 -1.45 9.29 -2.52
C SER A 59 -2.37 9.69 -3.66
N SER A 60 -2.43 8.84 -4.67
CA SER A 60 -3.25 9.11 -5.85
C SER A 60 -4.73 8.87 -5.59
N TYR A 61 -5.05 7.98 -4.63
CA TYR A 61 -6.45 7.67 -4.33
C TYR A 61 -7.28 8.93 -4.09
N TYR A 62 -7.07 9.57 -2.94
CA TYR A 62 -7.82 10.78 -2.60
C TYR A 62 -6.90 11.93 -2.19
N LEU A 63 -5.73 12.00 -2.82
CA LEU A 63 -4.77 13.06 -2.51
C LEU A 63 -4.11 13.57 -3.79
N SER A 64 -3.83 14.87 -3.83
CA SER A 64 -3.19 15.47 -4.98
C SER A 64 -1.68 15.22 -4.98
N HIS A 65 -1.04 15.60 -3.89
CA HIS A 65 0.41 15.40 -3.76
C HIS A 65 0.88 15.76 -2.35
N LYS A 66 2.04 15.24 -1.97
CA LYS A 66 2.60 15.50 -0.65
C LYS A 66 4.00 14.91 -0.52
N ARG A 67 4.81 15.51 0.36
CA ARG A 67 6.17 15.04 0.57
C ARG A 67 6.50 14.99 2.06
N ILE A 68 5.55 14.54 2.86
CA ILE A 68 5.74 14.44 4.31
C ILE A 68 4.80 13.40 4.91
N ILE A 69 5.35 12.53 5.76
CA ILE A 69 4.55 11.49 6.40
C ILE A 69 5.22 10.97 7.66
N PRO A 70 4.47 10.22 8.49
CA PRO A 70 4.97 9.67 9.75
C PRO A 70 5.72 8.36 9.57
N SER A 71 6.56 8.30 8.54
CA SER A 71 7.36 7.10 8.26
C SER A 71 6.50 5.92 7.80
N SER A 72 5.41 5.65 8.52
CA SER A 72 4.51 4.54 8.18
C SER A 72 3.85 4.69 6.81
N MET A 73 4.41 5.53 5.95
CA MET A 73 3.88 5.73 4.61
C MET A 73 5.00 5.52 3.58
N LEU A 74 6.23 5.73 4.03
CA LEU A 74 7.42 5.57 3.21
C LEU A 74 7.84 4.10 3.18
N THR A 75 7.46 3.37 4.21
CA THR A 75 7.82 1.98 4.34
C THR A 75 6.86 1.11 3.52
N ILE A 76 5.57 1.35 3.69
CA ILE A 76 4.57 0.59 2.99
C ILE A 76 4.72 0.75 1.48
N TYR A 77 4.40 1.94 0.97
CA TYR A 77 4.55 2.23 -0.46
C TYR A 77 5.86 1.65 -1.00
N THR A 78 6.87 1.64 -0.14
CA THR A 78 8.19 1.14 -0.50
C THR A 78 8.25 -0.38 -0.42
N GLN A 79 7.49 -0.95 0.49
CA GLN A 79 7.42 -2.39 0.68
C GLN A 79 6.65 -2.99 -0.47
N ILE A 80 5.81 -2.14 -1.02
CA ILE A 80 4.97 -2.47 -2.14
C ILE A 80 5.79 -2.96 -3.32
N GLN A 81 6.93 -2.31 -3.55
CA GLN A 81 7.82 -2.69 -4.62
C GLN A 81 8.77 -3.79 -4.18
N LYS A 82 9.06 -3.81 -2.88
CA LYS A 82 9.94 -4.82 -2.32
C LYS A 82 9.23 -6.15 -2.28
N ASP A 83 7.94 -6.10 -2.01
CA ASP A 83 7.14 -7.29 -1.96
C ASP A 83 7.01 -7.81 -3.37
N ILE A 84 6.80 -6.85 -4.26
CA ILE A 84 6.70 -7.09 -5.66
C ILE A 84 7.92 -7.85 -6.16
N LYS A 85 9.07 -7.23 -5.98
CA LYS A 85 10.33 -7.78 -6.43
C LYS A 85 10.85 -8.92 -5.55
N ASN A 86 10.53 -8.87 -4.27
CA ASN A 86 11.04 -9.89 -3.35
C ASN A 86 10.33 -11.23 -3.54
N GLY A 87 9.22 -11.23 -4.26
CA GLY A 87 8.50 -12.47 -4.49
C GLY A 87 7.43 -12.71 -3.44
N ASN A 88 6.84 -11.61 -2.96
CA ASN A 88 5.77 -11.68 -1.98
C ASN A 88 4.46 -11.44 -2.69
N ILE A 89 4.56 -10.74 -3.81
CA ILE A 89 3.46 -10.39 -4.63
C ILE A 89 3.63 -11.06 -5.99
N ASP A 90 2.54 -11.30 -6.67
CA ASP A 90 2.61 -11.93 -7.96
C ASP A 90 2.52 -10.90 -9.05
N THR A 91 3.56 -10.08 -9.16
CA THR A 91 3.58 -9.03 -10.15
C THR A 91 3.25 -9.55 -11.54
N GLU A 92 3.16 -10.87 -11.68
CA GLU A 92 2.77 -11.46 -12.95
C GLU A 92 1.31 -11.12 -13.14
N LYS A 93 0.57 -11.32 -12.05
CA LYS A 93 -0.84 -10.99 -11.99
C LYS A 93 -0.98 -9.50 -12.13
N LEU A 94 -0.37 -8.81 -11.18
CA LEU A 94 -0.38 -7.37 -11.13
C LEU A 94 0.17 -6.79 -12.41
N ARG A 95 0.93 -7.57 -13.15
CA ARG A 95 1.48 -7.11 -14.40
C ARG A 95 0.36 -7.01 -15.41
N LYS A 96 -0.55 -7.97 -15.36
CA LYS A 96 -1.68 -7.98 -16.28
C LYS A 96 -2.70 -6.95 -15.84
N TYR A 97 -2.96 -6.94 -14.54
CA TYR A 97 -3.89 -5.99 -13.96
C TYR A 97 -3.35 -4.57 -14.06
N GLU A 98 -2.03 -4.43 -13.96
CA GLU A 98 -1.40 -3.12 -14.09
C GLU A 98 -1.61 -2.60 -15.50
N ILE A 99 -1.60 -3.51 -16.47
CA ILE A 99 -1.81 -3.13 -17.86
C ILE A 99 -3.13 -2.40 -18.01
N ALA A 100 -4.16 -3.05 -17.50
CA ALA A 100 -5.51 -2.52 -17.54
C ALA A 100 -5.68 -1.35 -16.57
N LYS A 101 -4.62 -1.01 -15.87
CA LYS A 101 -4.65 0.07 -14.90
C LYS A 101 -3.88 1.29 -15.37
N GLY A 102 -2.68 1.06 -15.87
CA GLY A 102 -1.84 2.16 -16.33
C GLY A 102 -1.29 2.96 -15.17
N LEU A 103 -0.78 2.25 -14.18
CA LEU A 103 -0.22 2.88 -12.98
C LEU A 103 1.23 3.32 -13.21
N MET A 104 1.96 3.50 -12.10
CA MET A 104 3.35 3.93 -12.16
C MET A 104 4.28 2.73 -12.28
N SER A 105 5.58 3.00 -12.19
CA SER A 105 6.58 1.96 -12.31
C SER A 105 7.96 2.50 -11.92
N VAL A 106 8.16 2.73 -10.63
CA VAL A 106 9.42 3.25 -10.13
C VAL A 106 9.88 2.47 -8.89
N PRO A 107 11.20 2.23 -8.77
CA PRO A 107 11.80 1.50 -7.65
C PRO A 107 11.23 1.90 -6.28
N TYR A 108 12.06 1.75 -5.24
CA TYR A 108 11.68 2.08 -3.87
C TYR A 108 11.64 3.60 -3.61
N ILE A 109 11.59 4.39 -4.69
CA ILE A 109 11.59 5.86 -4.57
C ILE A 109 11.05 6.34 -3.21
N TYR A 110 11.66 7.40 -2.69
CA TYR A 110 11.26 7.95 -1.41
C TYR A 110 10.18 9.02 -1.59
N PHE A 111 8.93 8.57 -1.69
CA PHE A 111 7.80 9.48 -1.88
C PHE A 111 7.11 9.76 -0.55
#